data_5ANH
#
_entry.id   5ANH
#
_cell.length_a   101.440
_cell.length_b   175.660
_cell.length_c   103.700
_cell.angle_alpha   90.00
_cell.angle_beta   104.16
_cell.angle_gamma   90.00
#
_symmetry.space_group_name_H-M   'C 1 2 1'
#
loop_
_entity.id
_entity.type
_entity.pdbx_description
1 polymer LACCASE
2 non-polymer 'COPPER (II) ION'
3 non-polymer 'SULFATE ION'
4 water water
#
_entity_poly.entity_id   1
_entity_poly.type   'polypeptide(L)'
_entity_poly.pdbx_seq_one_letter_code
;SIGPVADLTISNGAVSPDGFSRQAILVNDVFPSPLITGNKGDRFQLNVIDNMTNHTMLKSTSIHWHGFFQHGTNWADGPA
FVNQCPISTGHAFLYDFQVPDQAGTFWYHSHLSTQYCDGLRGPIVVYDPQDPHKSLYDVDDDSTVITLADWYHLAAKVGP
AVPTADATLINGLGRSIDTLNADLAVITVTKGKRYRFRLVSLSCDPNHTFSIDGHSLTVIEADSVNLKPQTVDSIQIFAA
QRYSFVLNADQDVDNYWIRALPNSGTRNFDGGVNSAILRYDGAAPVEPTTTQTPSTQPLVESALTTLEGTAAPGNPTPGG
VDLALNMAFGFAGGRFTINGASFTPPTVPVLLQILSGAQSAQDLLPSGSVYSLPANADIEISLPATSAAPGFPHPFHLHG
HTFAVVRSAGSSTYNYANPVYRDVVSTGSPGDNVTIRFRTDNPGPWFLHCHIDFHLEAGFAVVMAEDIPEVAATNPVPQA
WSDLCPTYDALSPDDQ
;
_entity_poly.pdbx_strand_id   A,B,C
#
# COMPACT_ATOMS: atom_id res chain seq x y z
N SER A 1 2.19 -30.48 -39.91
CA SER A 1 2.54 -29.15 -39.39
C SER A 1 4.04 -28.88 -39.59
N ILE A 2 4.62 -28.04 -38.73
CA ILE A 2 6.03 -27.68 -38.87
C ILE A 2 6.85 -27.80 -37.58
N GLY A 3 8.17 -27.87 -37.74
CA GLY A 3 9.10 -28.06 -36.64
C GLY A 3 9.69 -29.45 -36.63
N PRO A 4 10.85 -29.63 -35.97
CA PRO A 4 11.56 -28.65 -35.14
C PRO A 4 12.56 -27.77 -35.88
N VAL A 5 12.83 -28.08 -37.14
CA VAL A 5 13.61 -27.16 -37.97
C VAL A 5 12.67 -26.56 -38.99
N ALA A 6 12.57 -25.25 -38.99
CA ALA A 6 11.62 -24.55 -39.84
C ALA A 6 11.89 -23.07 -39.90
N ASP A 7 11.72 -22.46 -41.07
CA ASP A 7 11.70 -21.01 -41.19
C ASP A 7 10.31 -20.51 -40.80
N LEU A 8 10.25 -19.36 -40.15
CA LEU A 8 8.98 -18.74 -39.78
C LEU A 8 8.91 -17.32 -40.33
N THR A 9 8.39 -17.19 -41.55
CA THR A 9 8.30 -15.90 -42.22
C THR A 9 7.21 -15.00 -41.67
N ILE A 10 7.59 -13.94 -40.98
CA ILE A 10 6.64 -13.02 -40.40
C ILE A 10 6.26 -11.88 -41.34
N SER A 11 4.98 -11.62 -41.47
CA SER A 11 4.52 -10.58 -42.36
C SER A 11 3.14 -10.11 -41.96
N ASN A 12 2.62 -9.16 -42.72
CA ASN A 12 1.32 -8.58 -42.45
C ASN A 12 0.34 -8.89 -43.57
N GLY A 13 -0.93 -9.00 -43.21
CA GLY A 13 -1.99 -9.16 -44.18
C GLY A 13 -3.31 -8.95 -43.47
N ALA A 14 -4.39 -9.10 -44.21
CA ALA A 14 -5.72 -8.97 -43.63
C ALA A 14 -6.24 -10.35 -43.16
N VAL A 15 -7.05 -10.30 -42.10
CA VAL A 15 -7.65 -11.50 -41.52
C VAL A 15 -9.04 -11.14 -41.04
N SER A 16 -9.88 -12.13 -40.76
CA SER A 16 -11.16 -11.85 -40.13
C SER A 16 -11.72 -13.03 -39.34
N PRO A 17 -11.06 -13.37 -38.23
CA PRO A 17 -11.39 -14.52 -37.39
C PRO A 17 -12.80 -14.41 -36.84
N ASP A 18 -13.38 -13.22 -36.92
CA ASP A 18 -14.74 -13.02 -36.43
C ASP A 18 -15.68 -12.29 -37.40
N GLY A 19 -15.42 -12.44 -38.70
CA GLY A 19 -16.23 -11.78 -39.71
C GLY A 19 -15.96 -10.30 -39.88
N PHE A 20 -14.94 -9.78 -39.18
CA PHE A 20 -14.55 -8.37 -39.28
C PHE A 20 -13.13 -8.32 -39.83
N SER A 21 -12.93 -7.65 -40.96
CA SER A 21 -11.60 -7.65 -41.57
C SER A 21 -10.70 -6.58 -40.96
N ARG A 22 -9.42 -6.90 -40.81
CA ARG A 22 -8.41 -5.97 -40.29
C ARG A 22 -7.02 -6.50 -40.59
N GLN A 23 -6.05 -5.61 -40.67
CA GLN A 23 -4.66 -6.00 -40.88
C GLN A 23 -4.06 -6.62 -39.61
N ALA A 24 -3.35 -7.72 -39.76
CA ALA A 24 -2.77 -8.38 -38.60
C ALA A 24 -1.38 -8.88 -38.93
N ILE A 25 -0.84 -9.70 -38.03
CA ILE A 25 0.45 -10.31 -38.24
C ILE A 25 0.26 -11.77 -38.66
N LEU A 26 0.94 -12.14 -39.74
CA LEU A 26 0.86 -13.48 -40.28
C LEU A 26 2.16 -14.19 -40.10
N VAL A 27 2.09 -15.46 -39.76
CA VAL A 27 3.25 -16.31 -39.67
C VAL A 27 3.14 -17.37 -40.75
N ASN A 28 4.19 -17.52 -41.56
CA ASN A 28 4.13 -18.37 -42.76
C ASN A 28 2.83 -18.19 -43.53
N ASP A 29 2.43 -16.93 -43.72
CA ASP A 29 1.29 -16.59 -44.57
C ASP A 29 -0.05 -17.03 -44.05
N VAL A 30 -0.14 -17.24 -42.74
CA VAL A 30 -1.36 -17.74 -42.14
C VAL A 30 -1.74 -17.04 -40.83
N PHE A 31 -3.04 -16.81 -40.64
CA PHE A 31 -3.60 -16.50 -39.33
C PHE A 31 -4.66 -17.56 -39.01
N PRO A 32 -4.69 -18.06 -37.76
CA PRO A 32 -3.77 -17.86 -36.66
C PRO A 32 -2.41 -18.48 -36.93
N SER A 33 -1.48 -18.26 -36.02
CA SER A 33 -0.12 -18.76 -36.19
C SER A 33 -0.05 -20.29 -36.10
N PRO A 34 0.74 -20.89 -37.00
CA PRO A 34 0.80 -22.33 -37.24
C PRO A 34 1.39 -23.07 -36.05
N LEU A 35 1.10 -24.37 -35.97
CA LEU A 35 1.55 -25.20 -34.85
C LEU A 35 2.96 -25.73 -35.12
N ILE A 36 3.84 -25.54 -34.15
CA ILE A 36 5.16 -26.15 -34.19
C ILE A 36 5.19 -27.36 -33.25
N THR A 37 5.84 -28.43 -33.69
CA THR A 37 5.97 -29.66 -32.90
C THR A 37 7.37 -30.24 -33.03
N GLY A 38 7.61 -31.29 -32.25
CA GLY A 38 8.87 -32.01 -32.22
C GLY A 38 8.81 -33.06 -31.12
N ASN A 39 9.91 -33.76 -30.87
CA ASN A 39 9.98 -34.71 -29.78
C ASN A 39 10.97 -34.28 -28.70
N LYS A 40 10.73 -34.72 -27.46
CA LYS A 40 11.65 -34.49 -26.35
C LYS A 40 13.11 -34.76 -26.76
N GLY A 41 13.99 -33.82 -26.45
CA GLY A 41 15.38 -33.93 -26.85
C GLY A 41 15.75 -33.31 -28.19
N ASP A 42 14.75 -32.91 -28.97
CA ASP A 42 15.02 -32.37 -30.31
C ASP A 42 15.69 -31.00 -30.29
N ARG A 43 16.60 -30.81 -31.22
CA ARG A 43 17.16 -29.49 -31.41
C ARG A 43 16.15 -28.61 -32.14
N PHE A 44 15.80 -27.49 -31.55
CA PHE A 44 14.87 -26.59 -32.18
C PHE A 44 15.63 -25.50 -32.90
N GLN A 45 15.53 -25.49 -34.23
CA GLN A 45 16.09 -24.44 -35.04
C GLN A 45 14.99 -23.70 -35.74
N LEU A 46 14.59 -22.55 -35.18
CA LEU A 46 13.51 -21.76 -35.74
C LEU A 46 14.06 -20.43 -36.28
N ASN A 47 14.10 -20.34 -37.60
CA ASN A 47 14.68 -19.22 -38.29
C ASN A 47 13.57 -18.19 -38.60
N VAL A 48 13.53 -17.13 -37.82
CA VAL A 48 12.48 -16.14 -37.94
C VAL A 48 12.87 -15.06 -38.95
N ILE A 49 12.18 -15.06 -40.08
CA ILE A 49 12.49 -14.10 -41.14
C ILE A 49 11.44 -13.01 -41.08
N ASP A 50 11.90 -11.77 -40.86
CA ASP A 50 11.00 -10.68 -40.54
C ASP A 50 10.70 -9.85 -41.79
N ASN A 51 9.49 -10.00 -42.33
CA ASN A 51 9.08 -9.22 -43.52
C ASN A 51 7.96 -8.22 -43.27
N MET A 52 7.74 -7.87 -42.01
CA MET A 52 6.66 -6.94 -41.69
C MET A 52 6.97 -5.54 -42.16
N THR A 53 5.93 -4.85 -42.61
CA THR A 53 6.11 -3.52 -43.19
C THR A 53 5.22 -2.51 -42.50
N ASN A 54 4.24 -3.01 -41.74
CA ASN A 54 3.30 -2.14 -41.05
C ASN A 54 3.85 -1.51 -39.78
N HIS A 55 3.70 -0.19 -39.65
CA HIS A 55 4.33 0.53 -38.54
C HIS A 55 3.52 0.60 -37.23
N THR A 56 2.20 0.73 -37.34
CA THR A 56 1.35 0.73 -36.16
C THR A 56 1.58 -0.53 -35.33
N MET A 57 1.70 -1.68 -36.00
CA MET A 57 1.90 -2.95 -35.32
C MET A 57 3.36 -3.34 -35.18
N LEU A 58 4.26 -2.43 -35.56
CA LEU A 58 5.74 -2.55 -35.43
C LEU A 58 6.46 -3.46 -36.44
N LYS A 59 7.42 -2.89 -37.17
CA LYS A 59 8.14 -3.60 -38.22
C LYS A 59 9.14 -4.61 -37.65
N SER A 60 9.64 -4.29 -36.46
CA SER A 60 10.57 -5.12 -35.74
C SER A 60 9.83 -6.25 -35.05
N THR A 61 10.56 -7.27 -34.65
CA THR A 61 9.96 -8.34 -33.86
C THR A 61 11.00 -9.03 -33.00
N SER A 62 10.53 -9.83 -32.06
CA SER A 62 11.30 -10.90 -31.47
C SER A 62 10.31 -11.92 -30.89
N ILE A 63 10.75 -13.16 -30.73
CA ILE A 63 9.81 -14.21 -30.40
C ILE A 63 10.25 -15.00 -29.18
N HIS A 64 9.34 -15.14 -28.24
CA HIS A 64 9.66 -15.93 -27.07
C HIS A 64 8.99 -17.32 -27.05
N TRP A 65 9.81 -18.38 -26.96
CA TRP A 65 9.38 -19.78 -26.84
C TRP A 65 8.95 -20.08 -25.41
N HIS A 66 7.67 -19.81 -25.16
CA HIS A 66 7.15 -19.72 -23.81
C HIS A 66 7.20 -21.03 -23.02
N GLY A 67 8.02 -21.07 -21.98
CA GLY A 67 8.04 -22.18 -21.05
C GLY A 67 9.19 -23.13 -21.29
N PHE A 68 10.12 -22.71 -22.14
CA PHE A 68 11.33 -23.48 -22.46
C PHE A 68 12.52 -22.99 -21.63
N PHE A 69 13.26 -23.92 -21.01
CA PHE A 69 14.28 -23.57 -20.02
C PHE A 69 15.46 -22.80 -20.61
N GLN A 70 15.81 -23.15 -21.84
CA GLN A 70 16.89 -22.49 -22.58
C GLN A 70 18.18 -22.36 -21.76
N HIS A 71 18.53 -23.42 -21.02
CA HIS A 71 19.84 -23.50 -20.36
C HIS A 71 20.90 -23.41 -21.45
N GLY A 72 21.77 -22.41 -21.35
CA GLY A 72 22.85 -22.24 -22.30
C GLY A 72 22.46 -21.32 -23.43
N THR A 73 21.17 -21.15 -23.62
CA THR A 73 20.67 -20.41 -24.77
C THR A 73 19.77 -19.23 -24.35
N ASN A 74 20.19 -18.56 -23.28
CA ASN A 74 19.53 -17.34 -22.81
C ASN A 74 19.37 -16.30 -23.93
N TRP A 75 20.36 -16.20 -24.81
CA TRP A 75 20.29 -15.25 -25.91
C TRP A 75 19.09 -15.53 -26.83
N ALA A 76 18.43 -16.66 -26.62
CA ALA A 76 17.37 -17.13 -27.50
C ALA A 76 15.98 -17.07 -26.88
N ASP A 77 15.90 -16.47 -25.70
CA ASP A 77 14.68 -16.46 -24.91
C ASP A 77 13.53 -15.66 -25.51
N GLY A 78 13.83 -14.51 -26.11
CA GLY A 78 12.81 -13.75 -26.81
C GLY A 78 12.51 -12.31 -26.39
N PRO A 79 12.35 -12.07 -25.08
CA PRO A 79 12.02 -10.73 -24.55
C PRO A 79 12.96 -9.67 -25.09
N ALA A 80 12.41 -8.67 -25.78
CA ALA A 80 13.23 -7.58 -26.32
C ALA A 80 13.79 -6.70 -25.22
N PHE A 81 15.09 -6.38 -25.34
CA PHE A 81 15.78 -5.51 -24.39
C PHE A 81 16.07 -6.16 -23.04
N VAL A 82 15.72 -7.43 -22.91
CA VAL A 82 16.17 -8.23 -21.76
C VAL A 82 17.19 -9.28 -22.24
N ASN A 83 16.81 -10.02 -23.29
CA ASN A 83 17.65 -11.12 -23.77
C ASN A 83 18.25 -10.87 -25.13
N GLN A 84 17.68 -9.94 -25.88
CA GLN A 84 18.16 -9.57 -27.21
C GLN A 84 17.61 -8.21 -27.62
N CYS A 85 18.18 -7.62 -28.68
CA CYS A 85 17.51 -6.53 -29.37
C CYS A 85 16.55 -7.11 -30.40
N PRO A 86 15.49 -6.36 -30.76
CA PRO A 86 14.52 -6.89 -31.71
C PRO A 86 15.16 -7.17 -33.08
N ILE A 87 14.65 -8.19 -33.77
CA ILE A 87 14.98 -8.45 -35.17
C ILE A 87 14.38 -7.36 -36.03
N SER A 88 15.20 -6.73 -36.86
CA SER A 88 14.77 -5.62 -37.68
C SER A 88 14.19 -6.16 -38.97
N THR A 89 13.21 -5.45 -39.53
CA THR A 89 12.57 -5.85 -40.78
C THR A 89 13.58 -6.04 -41.91
N GLY A 90 13.29 -6.97 -42.81
CA GLY A 90 14.20 -7.30 -43.89
C GLY A 90 15.42 -8.09 -43.44
N HIS A 91 15.43 -8.52 -42.18
CA HIS A 91 16.48 -9.44 -41.71
C HIS A 91 15.93 -10.78 -41.27
N ALA A 92 16.83 -11.68 -40.86
CA ALA A 92 16.48 -12.99 -40.32
C ALA A 92 17.22 -13.27 -39.01
N PHE A 93 16.66 -14.13 -38.17
CA PHE A 93 17.37 -14.51 -36.96
C PHE A 93 17.12 -15.95 -36.52
N LEU A 94 18.20 -16.67 -36.26
CA LEU A 94 18.07 -18.09 -35.95
C LEU A 94 18.04 -18.40 -34.46
N TYR A 95 16.93 -18.98 -34.04
CA TYR A 95 16.77 -19.43 -32.67
C TYR A 95 17.20 -20.90 -32.58
N ASP A 96 18.41 -21.14 -32.10
CA ASP A 96 18.92 -22.50 -32.03
C ASP A 96 19.03 -23.02 -30.60
N PHE A 97 18.10 -23.89 -30.22
CA PHE A 97 18.11 -24.48 -28.88
C PHE A 97 17.63 -25.94 -28.82
N GLN A 98 17.96 -26.61 -27.72
CA GLN A 98 17.52 -28.00 -27.47
C GLN A 98 16.54 -28.08 -26.33
N VAL A 99 15.67 -29.08 -26.38
CA VAL A 99 14.67 -29.30 -25.36
C VAL A 99 15.01 -30.61 -24.67
N PRO A 100 16.23 -30.68 -24.10
CA PRO A 100 16.81 -31.93 -23.62
C PRO A 100 15.93 -32.64 -22.60
N ASP A 101 15.24 -31.86 -21.77
CA ASP A 101 14.72 -32.34 -20.49
C ASP A 101 13.25 -31.98 -20.31
N GLN A 102 12.60 -31.59 -21.39
CA GLN A 102 11.24 -31.07 -21.29
C GLN A 102 10.29 -31.68 -22.31
N ALA A 103 9.03 -31.77 -21.90
CA ALA A 103 7.98 -32.32 -22.75
C ALA A 103 6.63 -31.79 -22.27
N GLY A 104 5.80 -31.34 -23.21
CA GLY A 104 4.47 -30.92 -22.85
C GLY A 104 3.93 -29.87 -23.79
N THR A 105 2.98 -29.07 -23.30
CA THR A 105 2.32 -28.08 -24.14
C THR A 105 2.95 -26.70 -23.93
N PHE A 106 3.44 -26.11 -25.02
CA PHE A 106 4.13 -24.83 -24.99
C PHE A 106 3.49 -23.83 -25.99
N TRP A 107 4.09 -22.65 -26.17
CA TRP A 107 3.61 -21.73 -27.20
C TRP A 107 4.60 -20.63 -27.47
N TYR A 108 4.51 -20.02 -28.64
CA TYR A 108 5.44 -18.98 -29.01
C TYR A 108 4.70 -17.70 -29.24
N HIS A 109 5.40 -16.59 -29.05
CA HIS A 109 4.81 -15.28 -29.28
C HIS A 109 5.82 -14.14 -29.25
N SER A 110 5.46 -13.06 -29.92
CA SER A 110 6.25 -11.85 -29.93
C SER A 110 6.40 -11.39 -28.50
N HIS A 111 7.62 -10.96 -28.15
CA HIS A 111 7.88 -10.37 -26.85
C HIS A 111 8.43 -8.97 -27.09
N LEU A 112 7.91 -8.34 -28.14
CA LEU A 112 8.18 -6.94 -28.42
C LEU A 112 6.91 -6.14 -28.16
N SER A 113 6.94 -5.27 -27.16
CA SER A 113 5.81 -4.39 -26.84
C SER A 113 4.51 -5.19 -26.75
N THR A 114 3.39 -4.64 -27.20
CA THR A 114 2.14 -5.39 -27.19
C THR A 114 1.86 -6.12 -28.50
N GLN A 115 2.93 -6.51 -29.19
CA GLN A 115 2.84 -7.08 -30.53
C GLN A 115 2.14 -8.44 -30.64
N TYR A 116 2.16 -9.26 -29.59
CA TYR A 116 1.48 -10.55 -29.76
C TYR A 116 -0.05 -10.48 -29.80
N CYS A 117 -0.62 -9.35 -29.39
CA CYS A 117 -2.08 -9.19 -29.47
C CYS A 117 -2.52 -9.03 -30.91
N ASP A 118 -1.60 -8.58 -31.77
CA ASP A 118 -1.89 -8.34 -33.17
C ASP A 118 -1.71 -9.57 -34.07
N GLY A 119 -1.37 -10.71 -33.47
CA GLY A 119 -1.38 -11.96 -34.21
C GLY A 119 -0.20 -12.90 -34.16
N LEU A 120 0.97 -12.42 -33.72
CA LEU A 120 2.14 -13.31 -33.68
C LEU A 120 2.13 -14.14 -32.41
N ARG A 121 1.35 -15.21 -32.44
CA ARG A 121 1.21 -16.12 -31.30
C ARG A 121 0.66 -17.45 -31.79
N GLY A 122 1.37 -18.55 -31.51
CA GLY A 122 0.91 -19.89 -31.88
C GLY A 122 1.31 -20.93 -30.84
N PRO A 123 0.77 -22.16 -30.95
CA PRO A 123 1.13 -23.27 -30.02
C PRO A 123 2.38 -24.08 -30.42
N ILE A 124 3.01 -24.72 -29.44
CA ILE A 124 4.13 -25.63 -29.66
C ILE A 124 3.87 -26.92 -28.89
N VAL A 125 3.81 -28.06 -29.54
CA VAL A 125 3.78 -29.28 -28.75
C VAL A 125 5.05 -30.11 -28.85
N VAL A 126 5.56 -30.48 -27.70
CA VAL A 126 6.73 -31.32 -27.59
C VAL A 126 6.24 -32.66 -27.06
N TYR A 127 5.98 -33.57 -27.98
CA TYR A 127 5.49 -34.88 -27.66
C TYR A 127 6.59 -35.71 -26.95
N ASP A 128 6.18 -36.62 -26.07
CA ASP A 128 7.10 -37.46 -25.31
C ASP A 128 6.86 -38.93 -25.65
N PRO A 129 7.84 -39.55 -26.32
CA PRO A 129 7.78 -40.95 -26.76
C PRO A 129 7.40 -41.91 -25.63
N GLN A 130 7.64 -41.50 -24.37
CA GLN A 130 7.35 -42.32 -23.21
C GLN A 130 6.58 -41.50 -22.20
N ASP A 131 5.41 -41.06 -22.63
CA ASP A 131 4.53 -40.20 -21.85
C ASP A 131 3.81 -41.07 -20.82
N PRO A 132 3.77 -40.63 -19.56
CA PRO A 132 3.18 -41.43 -18.48
C PRO A 132 1.66 -41.58 -18.63
N HIS A 133 1.02 -40.57 -19.21
CA HIS A 133 -0.43 -40.63 -19.39
C HIS A 133 -0.81 -41.20 -20.75
N LYS A 134 0.18 -41.77 -21.43
CA LYS A 134 0.02 -42.26 -22.80
C LYS A 134 -1.21 -43.15 -23.00
N SER A 135 -1.61 -43.85 -21.95
CA SER A 135 -2.67 -44.86 -22.04
C SER A 135 -4.04 -44.35 -21.58
N LEU A 136 -4.19 -43.03 -21.45
CA LEU A 136 -5.48 -42.48 -21.04
C LEU A 136 -6.28 -41.97 -22.23
N TYR A 137 -5.76 -42.20 -23.45
CA TYR A 137 -6.38 -41.63 -24.65
C TYR A 137 -5.95 -42.30 -25.96
N ASP A 138 -6.78 -42.19 -26.98
CA ASP A 138 -6.44 -42.79 -28.25
C ASP A 138 -5.89 -41.79 -29.25
N VAL A 139 -5.94 -40.50 -28.90
CA VAL A 139 -5.70 -39.47 -29.91
C VAL A 139 -5.02 -38.22 -29.36
N ASP A 140 -3.91 -37.86 -29.98
CA ASP A 140 -3.13 -36.73 -29.53
C ASP A 140 -2.35 -36.20 -30.72
N ASP A 141 -2.87 -35.14 -31.36
CA ASP A 141 -2.33 -34.65 -32.63
C ASP A 141 -2.82 -33.24 -32.95
N ASP A 142 -2.70 -32.86 -34.23
CA ASP A 142 -3.02 -31.50 -34.72
C ASP A 142 -4.42 -31.05 -34.34
N SER A 143 -5.32 -32.01 -34.37
CA SER A 143 -6.73 -31.74 -34.20
C SER A 143 -7.16 -31.73 -32.73
N THR A 144 -6.21 -31.94 -31.80
CA THR A 144 -6.56 -31.89 -30.38
C THR A 144 -6.01 -30.67 -29.67
N VAL A 145 -5.34 -29.80 -30.42
CA VAL A 145 -4.88 -28.55 -29.89
C VAL A 145 -6.00 -27.55 -29.99
N ILE A 146 -6.30 -26.88 -28.89
CA ILE A 146 -7.35 -25.85 -28.85
C ILE A 146 -6.82 -24.57 -28.21
N THR A 147 -6.80 -23.51 -29.00
CA THR A 147 -6.31 -22.24 -28.51
C THR A 147 -7.48 -21.35 -28.15
N LEU A 148 -7.35 -20.60 -27.06
CA LEU A 148 -8.27 -19.53 -26.74
C LEU A 148 -7.55 -18.22 -27.01
N ALA A 149 -8.27 -17.22 -27.51
CA ALA A 149 -7.67 -15.91 -27.73
C ALA A 149 -8.68 -14.76 -27.86
N ASP A 150 -8.31 -13.63 -27.30
CA ASP A 150 -9.07 -12.40 -27.38
C ASP A 150 -8.73 -11.74 -28.69
N TRP A 151 -9.75 -11.28 -29.40
CA TRP A 151 -9.53 -10.60 -30.66
C TRP A 151 -10.08 -9.19 -30.59
N TYR A 152 -9.27 -8.23 -31.02
CA TYR A 152 -9.62 -6.82 -30.95
C TYR A 152 -9.81 -6.24 -32.35
N HIS A 153 -10.96 -5.61 -32.60
CA HIS A 153 -11.20 -5.00 -33.91
C HIS A 153 -10.26 -3.83 -34.14
N LEU A 154 -9.92 -3.13 -33.04
CA LEU A 154 -8.91 -2.08 -33.03
C LEU A 154 -7.52 -2.60 -32.63
N ALA A 155 -6.52 -2.33 -33.46
CA ALA A 155 -5.15 -2.81 -33.22
C ALA A 155 -4.57 -2.39 -31.87
N ALA A 156 -3.48 -3.04 -31.47
CA ALA A 156 -2.95 -2.92 -30.12
C ALA A 156 -2.68 -1.48 -29.69
N LYS A 157 -2.03 -0.73 -30.56
CA LYS A 157 -1.66 0.66 -30.24
C LYS A 157 -2.66 1.69 -30.78
N VAL A 158 -3.75 1.20 -31.37
CA VAL A 158 -4.79 2.09 -31.91
C VAL A 158 -5.89 2.38 -30.88
N GLY A 159 -6.42 1.31 -30.31
CA GLY A 159 -7.47 1.41 -29.31
C GLY A 159 -6.87 1.82 -27.97
N PRO A 160 -7.68 1.71 -26.91
CA PRO A 160 -7.27 2.15 -25.58
C PRO A 160 -6.02 1.41 -25.09
N ALA A 161 -5.36 1.93 -24.07
CA ALA A 161 -4.17 1.30 -23.50
C ALA A 161 -4.48 -0.08 -22.89
N VAL A 162 -5.60 -0.19 -22.18
CA VAL A 162 -6.11 -1.48 -21.72
C VAL A 162 -7.53 -1.65 -22.25
N PRO A 163 -7.66 -2.15 -23.50
CA PRO A 163 -8.92 -2.24 -24.24
C PRO A 163 -9.67 -3.50 -23.89
N THR A 164 -10.92 -3.63 -24.34
CA THR A 164 -11.70 -4.84 -24.12
C THR A 164 -11.97 -5.60 -25.42
N ALA A 165 -12.02 -6.92 -25.34
CA ALA A 165 -12.16 -7.76 -26.52
C ALA A 165 -13.51 -7.60 -27.23
N ASP A 166 -13.48 -7.78 -28.54
CA ASP A 166 -14.68 -7.79 -29.33
C ASP A 166 -15.12 -9.25 -29.35
N ALA A 167 -14.13 -10.15 -29.42
CA ALA A 167 -14.43 -11.57 -29.45
C ALA A 167 -13.41 -12.51 -28.83
N THR A 168 -13.89 -13.68 -28.45
CA THR A 168 -13.05 -14.78 -28.10
C THR A 168 -12.88 -15.64 -29.36
N LEU A 169 -11.63 -15.92 -29.71
CA LEU A 169 -11.37 -16.86 -30.77
C LEU A 169 -11.07 -18.24 -30.18
N ILE A 170 -11.74 -19.26 -30.67
CA ILE A 170 -11.32 -20.60 -30.37
C ILE A 170 -10.77 -21.10 -31.69
N ASN A 171 -9.59 -21.70 -31.63
CA ASN A 171 -8.91 -22.14 -32.83
C ASN A 171 -9.05 -21.17 -33.99
N GLY A 172 -8.78 -19.90 -33.74
CA GLY A 172 -8.80 -18.88 -34.78
C GLY A 172 -10.14 -18.29 -35.14
N LEU A 173 -11.22 -18.89 -34.67
CA LEU A 173 -12.58 -18.51 -35.07
C LEU A 173 -13.48 -18.14 -33.90
N GLY A 174 -14.60 -17.52 -34.21
CA GLY A 174 -15.49 -17.03 -33.18
C GLY A 174 -16.24 -15.78 -33.59
N ARG A 175 -17.17 -15.36 -32.74
CA ARG A 175 -18.14 -14.33 -33.10
C ARG A 175 -18.07 -13.10 -32.20
N SER A 176 -18.35 -11.95 -32.77
CA SER A 176 -18.59 -10.75 -31.99
C SER A 176 -20.11 -10.46 -32.01
N ILE A 177 -20.53 -9.32 -31.47
CA ILE A 177 -21.96 -8.99 -31.37
C ILE A 177 -22.51 -8.30 -32.61
N ASP A 178 -21.64 -8.07 -33.57
CA ASP A 178 -22.02 -7.50 -34.86
C ASP A 178 -21.80 -8.50 -35.98
N THR A 179 -21.30 -9.67 -35.61
CA THR A 179 -20.97 -10.68 -36.58
C THR A 179 -21.40 -12.01 -35.99
N LEU A 180 -22.71 -12.14 -35.72
CA LEU A 180 -23.27 -13.34 -35.12
C LEU A 180 -23.42 -14.47 -36.11
N ASN A 181 -22.89 -14.27 -37.31
CA ASN A 181 -22.98 -15.27 -38.36
C ASN A 181 -21.63 -15.71 -38.91
N ALA A 182 -20.58 -15.28 -38.22
CA ALA A 182 -19.25 -15.71 -38.59
C ALA A 182 -19.15 -17.21 -38.29
N ASP A 183 -18.11 -17.82 -38.81
CA ASP A 183 -17.95 -19.25 -38.66
C ASP A 183 -17.49 -19.59 -37.25
N LEU A 184 -17.90 -20.76 -36.77
CA LEU A 184 -17.45 -21.21 -35.46
C LEU A 184 -16.44 -22.28 -35.68
N ALA A 185 -15.40 -22.28 -34.86
CA ALA A 185 -14.48 -23.40 -34.84
C ALA A 185 -15.26 -24.71 -34.65
N VAL A 186 -14.82 -25.76 -35.33
CA VAL A 186 -15.41 -27.07 -35.18
C VAL A 186 -14.31 -28.05 -34.78
N ILE A 187 -14.49 -28.75 -33.66
CA ILE A 187 -13.56 -29.79 -33.25
C ILE A 187 -14.29 -31.11 -33.32
N THR A 188 -13.78 -32.00 -34.16
CA THR A 188 -14.42 -33.28 -34.38
C THR A 188 -13.82 -34.40 -33.53
N VAL A 189 -14.68 -35.25 -33.02
CA VAL A 189 -14.25 -36.47 -32.37
C VAL A 189 -15.07 -37.63 -32.89
N THR A 190 -14.54 -38.83 -32.69
CA THR A 190 -15.23 -40.04 -33.03
C THR A 190 -15.83 -40.67 -31.77
N LYS A 191 -17.11 -41.02 -31.84
CA LYS A 191 -17.76 -41.71 -30.72
C LYS A 191 -16.99 -42.96 -30.34
N GLY A 192 -16.72 -43.11 -29.05
CA GLY A 192 -15.97 -44.23 -28.55
C GLY A 192 -14.52 -43.93 -28.24
N LYS A 193 -13.96 -42.89 -28.86
CA LYS A 193 -12.56 -42.61 -28.73
C LYS A 193 -12.27 -41.55 -27.65
N ARG A 194 -11.05 -41.56 -27.12
CA ARG A 194 -10.64 -40.63 -26.08
C ARG A 194 -9.59 -39.65 -26.57
N TYR A 195 -9.73 -38.39 -26.20
CA TYR A 195 -8.85 -37.34 -26.74
C TYR A 195 -8.01 -36.63 -25.68
N ARG A 196 -6.71 -36.60 -25.89
CA ARG A 196 -5.88 -35.70 -25.12
C ARG A 196 -5.99 -34.32 -25.74
N PHE A 197 -6.95 -33.52 -25.29
CA PHE A 197 -7.05 -32.14 -25.73
C PHE A 197 -6.05 -31.25 -25.02
N ARG A 198 -5.35 -30.45 -25.81
CA ARG A 198 -4.37 -29.51 -25.27
C ARG A 198 -4.85 -28.06 -25.38
N LEU A 199 -5.08 -27.46 -24.22
CA LEU A 199 -5.65 -26.15 -24.10
C LEU A 199 -4.55 -25.13 -23.89
N VAL A 200 -4.60 -24.07 -24.68
CA VAL A 200 -3.57 -23.07 -24.70
C VAL A 200 -4.25 -21.70 -24.73
N SER A 201 -4.14 -20.95 -23.64
CA SER A 201 -4.56 -19.56 -23.70
C SER A 201 -3.55 -18.79 -24.54
N LEU A 202 -4.02 -18.13 -25.58
CA LEU A 202 -3.16 -17.24 -26.36
C LEU A 202 -3.57 -15.82 -26.06
N SER A 203 -4.31 -15.66 -24.98
CA SER A 203 -4.88 -14.39 -24.57
C SER A 203 -3.87 -13.30 -24.20
N CYS A 204 -4.26 -12.04 -24.40
CA CYS A 204 -3.43 -10.90 -24.04
C CYS A 204 -3.87 -10.33 -22.69
N ASP A 205 -5.11 -10.59 -22.34
CA ASP A 205 -5.68 -9.97 -21.15
C ASP A 205 -6.71 -10.87 -20.44
N PRO A 206 -7.84 -11.18 -21.10
CA PRO A 206 -8.95 -11.89 -20.46
C PRO A 206 -8.54 -13.28 -20.01
N ASN A 207 -9.09 -13.75 -18.90
CA ASN A 207 -9.04 -15.16 -18.57
C ASN A 207 -10.34 -15.78 -19.00
N HIS A 208 -10.32 -17.08 -19.22
CA HIS A 208 -11.48 -17.79 -19.73
C HIS A 208 -11.88 -19.00 -18.87
N THR A 209 -13.18 -19.21 -18.74
CA THR A 209 -13.69 -20.36 -18.02
C THR A 209 -14.20 -21.33 -19.04
N PHE A 210 -13.43 -22.38 -19.25
CA PHE A 210 -13.63 -23.29 -20.37
C PHE A 210 -14.43 -24.51 -19.97
N SER A 211 -15.47 -24.82 -20.75
CA SER A 211 -16.22 -26.06 -20.53
C SER A 211 -16.86 -26.59 -21.80
N ILE A 212 -17.37 -27.81 -21.71
CA ILE A 212 -18.03 -28.47 -22.83
C ILE A 212 -19.35 -29.08 -22.37
N ASP A 213 -20.43 -28.80 -23.07
CA ASP A 213 -21.71 -29.39 -22.73
C ASP A 213 -21.66 -30.91 -22.75
N GLY A 214 -22.10 -31.50 -21.64
CA GLY A 214 -22.30 -32.93 -21.53
C GLY A 214 -21.03 -33.75 -21.44
N HIS A 215 -19.94 -33.12 -21.00
CA HIS A 215 -18.64 -33.75 -21.01
C HIS A 215 -17.88 -33.32 -19.80
N SER A 216 -17.28 -34.29 -19.11
CA SER A 216 -16.34 -34.00 -18.03
C SER A 216 -14.93 -34.11 -18.61
N LEU A 217 -13.97 -33.50 -17.95
CA LEU A 217 -12.60 -33.50 -18.44
C LEU A 217 -11.66 -34.11 -17.39
N THR A 218 -10.68 -34.88 -17.85
CA THR A 218 -9.61 -35.30 -16.95
C THR A 218 -8.31 -34.54 -17.28
N VAL A 219 -7.99 -33.56 -16.42
CA VAL A 219 -6.78 -32.77 -16.52
C VAL A 219 -5.59 -33.63 -16.14
N ILE A 220 -4.56 -33.64 -16.97
CA ILE A 220 -3.40 -34.49 -16.72
C ILE A 220 -2.11 -33.68 -16.86
N GLU A 221 -2.24 -32.42 -17.24
CA GLU A 221 -1.08 -31.58 -17.46
C GLU A 221 -1.44 -30.11 -17.30
N ALA A 222 -0.63 -29.43 -16.52
CA ALA A 222 -0.75 -28.00 -16.31
C ALA A 222 0.54 -27.42 -16.81
N ASP A 223 0.40 -26.29 -17.50
CA ASP A 223 1.45 -25.72 -18.33
C ASP A 223 2.20 -26.88 -19.00
N SER A 224 3.47 -27.09 -18.66
CA SER A 224 4.17 -28.24 -19.21
C SER A 224 4.46 -29.34 -18.18
N VAL A 225 3.66 -29.44 -17.12
CA VAL A 225 4.00 -30.36 -16.04
C VAL A 225 3.00 -31.49 -15.96
N ASN A 226 3.50 -32.71 -16.00
CA ASN A 226 2.64 -33.87 -15.78
C ASN A 226 1.93 -33.87 -14.41
N LEU A 227 0.62 -34.06 -14.42
CA LEU A 227 -0.17 -34.03 -13.20
C LEU A 227 -0.77 -35.39 -12.91
N LYS A 228 -1.22 -35.56 -11.66
CA LYS A 228 -2.10 -36.65 -11.29
C LYS A 228 -3.45 -36.36 -11.90
N PRO A 229 -4.08 -37.36 -12.51
CA PRO A 229 -5.35 -37.09 -13.19
C PRO A 229 -6.43 -36.56 -12.26
N GLN A 230 -7.06 -35.48 -12.68
CA GLN A 230 -8.06 -34.80 -11.89
C GLN A 230 -9.28 -34.50 -12.76
N THR A 231 -10.41 -35.12 -12.45
CA THR A 231 -11.61 -34.83 -13.23
C THR A 231 -12.36 -33.59 -12.74
N VAL A 232 -12.49 -32.63 -13.65
CA VAL A 232 -13.20 -31.40 -13.42
C VAL A 232 -14.28 -31.28 -14.48
N ASP A 233 -15.25 -30.39 -14.29
CA ASP A 233 -16.21 -30.13 -15.37
C ASP A 233 -16.17 -28.68 -15.91
N SER A 234 -15.09 -27.98 -15.55
CA SER A 234 -14.81 -26.67 -16.10
C SER A 234 -13.43 -26.21 -15.63
N ILE A 235 -12.78 -25.42 -16.46
CA ILE A 235 -11.38 -25.05 -16.22
C ILE A 235 -11.21 -23.55 -16.46
N GLN A 236 -10.93 -22.78 -15.40
CA GLN A 236 -10.54 -21.40 -15.58
C GLN A 236 -9.06 -21.30 -15.93
N ILE A 237 -8.77 -20.92 -17.17
CA ILE A 237 -7.41 -20.78 -17.70
C ILE A 237 -7.02 -19.31 -17.89
N PHE A 238 -5.92 -18.88 -17.26
CA PHE A 238 -5.52 -17.48 -17.35
C PHE A 238 -4.60 -17.24 -18.52
N ALA A 239 -4.30 -15.98 -18.83
CA ALA A 239 -3.50 -15.70 -20.02
C ALA A 239 -2.18 -16.48 -20.00
N ALA A 240 -1.89 -17.17 -21.11
CA ALA A 240 -0.62 -17.86 -21.30
C ALA A 240 -0.51 -19.21 -20.56
N GLN A 241 -1.56 -19.62 -19.86
CA GLN A 241 -1.55 -20.95 -19.26
C GLN A 241 -1.84 -22.05 -20.28
N ARG A 242 -1.41 -23.26 -19.96
CA ARG A 242 -1.90 -24.43 -20.67
C ARG A 242 -2.57 -25.41 -19.72
N TYR A 243 -3.54 -26.13 -20.22
CA TYR A 243 -4.05 -27.28 -19.53
C TYR A 243 -4.23 -28.44 -20.54
N SER A 244 -3.78 -29.62 -20.18
CA SER A 244 -4.02 -30.77 -21.03
C SER A 244 -5.12 -31.58 -20.35
N PHE A 245 -6.19 -31.87 -21.08
CA PHE A 245 -7.25 -32.70 -20.52
C PHE A 245 -7.64 -33.78 -21.50
N VAL A 246 -7.97 -34.95 -20.97
CA VAL A 246 -8.54 -36.04 -21.75
C VAL A 246 -10.06 -35.93 -21.76
N LEU A 247 -10.63 -36.08 -22.95
CA LEU A 247 -12.07 -36.13 -23.10
C LEU A 247 -12.49 -37.46 -23.71
N ASN A 248 -13.57 -38.00 -23.16
CA ASN A 248 -14.05 -39.30 -23.57
C ASN A 248 -15.32 -39.19 -24.44
N ALA A 249 -15.17 -39.39 -25.74
CA ALA A 249 -16.31 -39.23 -26.66
C ALA A 249 -17.34 -40.36 -26.53
N ASP A 250 -18.01 -40.42 -25.38
CA ASP A 250 -18.89 -41.55 -25.07
C ASP A 250 -20.37 -41.18 -25.11
N GLN A 251 -20.64 -39.90 -25.30
CA GLN A 251 -22.01 -39.41 -25.37
C GLN A 251 -22.68 -39.77 -26.71
N ASP A 252 -23.89 -39.24 -26.88
CA ASP A 252 -24.60 -39.39 -28.15
C ASP A 252 -23.93 -38.61 -29.26
N VAL A 253 -23.81 -39.23 -30.43
CA VAL A 253 -23.48 -38.48 -31.63
C VAL A 253 -24.38 -37.26 -31.73
N ASP A 254 -23.78 -36.08 -31.64
CA ASP A 254 -24.53 -34.84 -31.67
C ASP A 254 -23.56 -33.66 -31.83
N ASN A 255 -24.04 -32.48 -31.48
CA ASN A 255 -23.21 -31.30 -31.40
C ASN A 255 -23.26 -30.76 -29.99
N TYR A 256 -22.11 -30.41 -29.43
CA TYR A 256 -22.11 -29.82 -28.09
C TYR A 256 -21.42 -28.46 -28.09
N TRP A 257 -21.93 -27.50 -27.35
CA TRP A 257 -21.23 -26.22 -27.26
C TRP A 257 -19.93 -26.39 -26.55
N ILE A 258 -18.85 -25.81 -27.13
CA ILE A 258 -17.64 -25.57 -26.35
C ILE A 258 -17.67 -24.14 -25.87
N ARG A 259 -17.67 -23.96 -24.56
CA ARG A 259 -17.82 -22.64 -23.97
C ARG A 259 -16.53 -22.09 -23.42
N ALA A 260 -16.28 -20.81 -23.68
CA ALA A 260 -15.12 -20.12 -23.15
C ALA A 260 -15.55 -18.74 -22.69
N LEU A 261 -15.93 -18.64 -21.42
CA LEU A 261 -16.39 -17.37 -20.86
C LEU A 261 -15.23 -16.52 -20.34
N PRO A 262 -15.11 -15.29 -20.84
CA PRO A 262 -14.11 -14.33 -20.36
C PRO A 262 -14.58 -13.53 -19.13
N ASN A 263 -13.64 -13.06 -18.32
CA ASN A 263 -13.95 -12.24 -17.14
C ASN A 263 -14.20 -10.78 -17.47
N SER A 264 -13.80 -10.34 -18.66
CA SER A 264 -14.16 -9.02 -19.16
C SER A 264 -14.80 -9.14 -20.55
N GLY A 265 -15.48 -8.07 -20.97
CA GLY A 265 -16.02 -7.99 -22.32
C GLY A 265 -17.44 -8.51 -22.45
N THR A 266 -17.71 -9.16 -23.56
CA THR A 266 -19.01 -9.76 -23.74
C THR A 266 -19.03 -11.00 -22.87
N ARG A 267 -19.77 -10.94 -21.77
CA ARG A 267 -19.72 -12.01 -20.79
C ARG A 267 -20.96 -12.88 -20.84
N ASN A 268 -21.27 -13.36 -22.04
CA ASN A 268 -22.32 -14.36 -22.20
C ASN A 268 -22.14 -15.13 -23.49
N PHE A 269 -23.10 -16.01 -23.77
CA PHE A 269 -23.03 -16.90 -24.92
C PHE A 269 -24.12 -16.59 -25.96
N ASP A 270 -24.78 -15.44 -25.85
CA ASP A 270 -25.80 -15.05 -26.83
C ASP A 270 -25.28 -15.00 -28.26
N GLY A 271 -25.98 -15.69 -29.16
CA GLY A 271 -25.58 -15.77 -30.56
C GLY A 271 -24.41 -16.72 -30.81
N GLY A 272 -23.92 -17.35 -29.74
CA GLY A 272 -22.79 -18.26 -29.83
C GLY A 272 -21.45 -17.57 -29.83
N VAL A 273 -21.37 -16.42 -29.17
CA VAL A 273 -20.09 -15.78 -28.89
C VAL A 273 -19.42 -16.62 -27.81
N ASN A 274 -18.09 -16.54 -27.70
CA ASN A 274 -17.38 -17.28 -26.68
C ASN A 274 -17.66 -18.77 -26.78
N SER A 275 -18.09 -19.20 -27.98
CA SER A 275 -18.55 -20.56 -28.19
C SER A 275 -17.78 -21.28 -29.29
N ALA A 276 -17.88 -22.60 -29.31
CA ALA A 276 -17.46 -23.42 -30.45
C ALA A 276 -18.30 -24.67 -30.53
N ILE A 277 -18.05 -25.48 -31.55
CA ILE A 277 -18.78 -26.72 -31.71
C ILE A 277 -17.89 -27.93 -31.49
N LEU A 278 -18.36 -28.82 -30.64
CA LEU A 278 -17.79 -30.14 -30.54
C LEU A 278 -18.68 -31.02 -31.36
N ARG A 279 -18.17 -31.45 -32.49
CA ARG A 279 -19.00 -32.21 -33.40
C ARG A 279 -18.57 -33.63 -33.43
N TYR A 280 -19.46 -34.52 -32.97
CA TYR A 280 -19.28 -35.95 -33.18
C TYR A 280 -19.36 -36.30 -34.66
N ASP A 281 -18.42 -37.09 -35.14
CA ASP A 281 -18.48 -37.59 -36.49
C ASP A 281 -19.83 -38.22 -36.81
N GLY A 282 -20.63 -37.55 -37.63
CA GLY A 282 -21.91 -38.08 -38.07
C GLY A 282 -23.11 -37.20 -37.72
N ALA A 283 -22.86 -36.14 -36.96
CA ALA A 283 -23.91 -35.21 -36.57
C ALA A 283 -24.04 -34.07 -37.56
N ALA A 284 -25.21 -33.43 -37.56
CA ALA A 284 -25.58 -32.46 -38.58
C ALA A 284 -24.66 -31.24 -38.61
N PRO A 285 -24.39 -30.71 -39.82
CA PRO A 285 -23.62 -29.47 -39.95
C PRO A 285 -24.42 -28.24 -39.50
N VAL A 286 -24.64 -28.13 -38.20
CA VAL A 286 -25.44 -27.05 -37.66
C VAL A 286 -24.98 -26.72 -36.25
N GLU A 287 -25.35 -25.53 -35.79
CA GLU A 287 -25.21 -25.12 -34.40
C GLU A 287 -25.78 -26.15 -33.41
N PRO A 288 -25.02 -26.40 -32.32
CA PRO A 288 -25.55 -27.26 -31.26
C PRO A 288 -26.82 -26.67 -30.68
N THR A 289 -27.59 -27.47 -29.96
CA THR A 289 -28.76 -26.94 -29.27
C THR A 289 -28.69 -27.33 -27.80
N THR A 290 -27.48 -27.57 -27.32
CA THR A 290 -27.29 -28.03 -25.96
C THR A 290 -27.33 -26.90 -24.95
N THR A 291 -27.86 -27.20 -23.78
CA THR A 291 -27.89 -26.21 -22.72
C THR A 291 -26.77 -26.45 -21.72
N GLN A 292 -26.27 -25.36 -21.16
CA GLN A 292 -25.18 -25.46 -20.21
C GLN A 292 -25.74 -25.85 -18.86
N THR A 293 -24.86 -26.33 -18.00
CA THR A 293 -25.23 -26.65 -16.64
C THR A 293 -24.10 -26.16 -15.74
N PRO A 294 -24.47 -25.70 -14.54
CA PRO A 294 -23.49 -25.22 -13.55
C PRO A 294 -22.35 -26.20 -13.32
N SER A 295 -21.15 -25.67 -13.11
CA SER A 295 -19.98 -26.52 -12.84
C SER A 295 -19.87 -26.86 -11.35
N THR A 296 -20.13 -28.12 -11.01
CA THR A 296 -20.02 -28.55 -9.63
C THR A 296 -18.60 -28.99 -9.31
N GLN A 297 -17.88 -29.42 -10.33
CA GLN A 297 -16.51 -29.86 -10.14
C GLN A 297 -15.48 -28.95 -10.87
N PRO A 298 -15.44 -27.65 -10.49
CA PRO A 298 -14.49 -26.70 -11.12
C PRO A 298 -13.05 -27.05 -10.83
N LEU A 299 -12.16 -26.74 -11.76
CA LEU A 299 -10.74 -26.94 -11.50
C LEU A 299 -10.28 -25.98 -10.41
N VAL A 300 -9.63 -26.54 -9.38
CA VAL A 300 -9.09 -25.78 -8.24
C VAL A 300 -7.58 -26.02 -8.14
N GLU A 301 -6.78 -24.99 -8.36
CA GLU A 301 -5.35 -25.19 -8.54
C GLU A 301 -4.67 -25.79 -7.34
N SER A 302 -5.02 -25.33 -6.14
CA SER A 302 -4.44 -25.84 -4.91
C SER A 302 -4.58 -27.37 -4.78
N ALA A 303 -5.59 -27.92 -5.43
CA ALA A 303 -5.90 -29.35 -5.38
C ALA A 303 -5.13 -30.21 -6.41
N LEU A 304 -4.45 -29.56 -7.36
CA LEU A 304 -3.65 -30.30 -8.33
C LEU A 304 -2.36 -30.73 -7.68
N THR A 305 -1.74 -31.76 -8.23
CA THR A 305 -0.47 -32.22 -7.73
C THR A 305 0.29 -32.86 -8.89
N THR A 306 1.62 -32.78 -8.84
CA THR A 306 2.45 -33.33 -9.91
C THR A 306 2.36 -34.83 -9.84
N LEU A 307 2.61 -35.50 -10.98
CA LEU A 307 2.49 -36.95 -11.10
C LEU A 307 3.50 -37.64 -10.18
N GLU A 308 4.74 -37.15 -10.22
CA GLU A 308 5.84 -37.66 -9.40
C GLU A 308 5.69 -37.23 -7.95
N GLY A 309 4.64 -36.47 -7.64
CA GLY A 309 4.35 -36.00 -6.30
C GLY A 309 5.44 -35.16 -5.65
N THR A 310 6.42 -34.73 -6.44
CA THR A 310 7.61 -34.05 -5.93
C THR A 310 7.37 -32.85 -5.00
N ALA A 311 8.23 -32.71 -3.98
CA ALA A 311 8.14 -31.61 -3.02
C ALA A 311 8.70 -30.32 -3.58
N ALA A 312 8.40 -29.19 -2.93
CA ALA A 312 8.98 -27.92 -3.33
C ALA A 312 10.47 -27.87 -2.99
N PRO A 313 11.22 -27.01 -3.67
CA PRO A 313 12.60 -26.74 -3.22
C PRO A 313 12.50 -26.05 -1.89
N GLY A 314 13.46 -26.27 -0.99
CA GLY A 314 13.44 -25.61 0.31
C GLY A 314 12.90 -26.41 1.49
N ASN A 315 12.79 -25.75 2.63
CA ASN A 315 12.26 -26.33 3.86
C ASN A 315 10.80 -25.96 4.09
N PRO A 316 9.99 -26.96 4.41
CA PRO A 316 8.54 -26.87 4.63
C PRO A 316 8.14 -25.86 5.68
N THR A 317 8.46 -24.59 5.47
CA THR A 317 8.11 -23.54 6.42
C THR A 317 8.60 -22.21 5.86
N PRO A 318 7.90 -21.10 6.16
CA PRO A 318 8.15 -19.82 5.47
C PRO A 318 9.58 -19.33 5.66
N GLY A 319 10.13 -18.67 4.65
CA GLY A 319 11.53 -18.25 4.67
C GLY A 319 12.47 -19.43 4.82
N GLY A 320 11.95 -20.63 4.58
CA GLY A 320 12.77 -21.83 4.54
C GLY A 320 13.44 -21.90 3.19
N VAL A 321 14.13 -20.80 2.86
CA VAL A 321 14.82 -20.64 1.59
C VAL A 321 16.05 -19.77 1.81
N ASP A 322 16.91 -19.67 0.81
CA ASP A 322 18.16 -18.94 0.94
C ASP A 322 17.94 -17.46 0.70
N LEU A 323 16.83 -17.14 0.04
CA LEU A 323 16.50 -15.75 -0.26
C LEU A 323 15.03 -15.76 -0.55
N ALA A 324 14.31 -14.84 0.07
CA ALA A 324 12.89 -14.70 -0.19
C ALA A 324 12.68 -13.30 -0.70
N LEU A 325 11.77 -13.17 -1.66
CA LEU A 325 11.51 -11.89 -2.26
C LEU A 325 10.02 -11.68 -2.22
N ASN A 326 9.60 -10.59 -1.58
CA ASN A 326 8.26 -10.13 -1.74
C ASN A 326 8.16 -9.18 -2.93
N MET A 327 7.14 -9.33 -3.76
CA MET A 327 6.84 -8.35 -4.81
C MET A 327 5.57 -7.55 -4.47
N ALA A 328 5.75 -6.28 -4.12
CA ALA A 328 4.64 -5.42 -3.72
C ALA A 328 4.06 -4.64 -4.91
N PHE A 329 2.91 -5.09 -5.41
CA PHE A 329 2.28 -4.49 -6.59
C PHE A 329 1.79 -3.06 -6.32
N GLY A 330 1.75 -2.24 -7.36
CA GLY A 330 1.33 -0.86 -7.19
C GLY A 330 0.89 -0.33 -8.53
N PHE A 331 0.54 0.95 -8.58
CA PHE A 331 0.09 1.55 -9.83
C PHE A 331 -0.22 3.04 -9.70
N ALA A 332 0.71 3.88 -10.13
CA ALA A 332 0.44 5.32 -10.25
C ALA A 332 1.11 5.94 -11.49
N GLY A 333 0.41 6.91 -12.10
CA GLY A 333 0.90 7.57 -13.30
C GLY A 333 0.65 6.74 -14.56
N GLY A 334 -0.36 5.89 -14.49
CA GLY A 334 -0.66 4.96 -15.58
C GLY A 334 0.30 3.78 -15.60
N ARG A 335 1.33 3.85 -14.76
CA ARG A 335 2.36 2.82 -14.72
C ARG A 335 2.21 1.90 -13.53
N PHE A 336 2.35 0.60 -13.75
CA PHE A 336 2.44 -0.38 -12.67
C PHE A 336 3.84 -0.32 -12.07
N THR A 337 3.92 -0.66 -10.78
CA THR A 337 5.21 -0.66 -10.10
C THR A 337 5.30 -1.88 -9.21
N ILE A 338 6.41 -2.61 -9.30
CA ILE A 338 6.72 -3.65 -8.33
C ILE A 338 7.81 -3.15 -7.41
N ASN A 339 7.49 -3.10 -6.12
CA ASN A 339 8.37 -2.52 -5.10
C ASN A 339 8.85 -1.10 -5.46
N GLY A 340 7.92 -0.26 -5.92
CA GLY A 340 8.20 1.14 -6.18
C GLY A 340 8.84 1.46 -7.52
N ALA A 341 9.31 0.44 -8.23
CA ALA A 341 9.92 0.63 -9.53
C ALA A 341 8.94 0.26 -10.65
N SER A 342 9.12 0.86 -11.82
CA SER A 342 8.24 0.58 -12.96
C SER A 342 9.06 0.31 -14.22
N PHE A 343 9.25 -0.98 -14.52
CA PHE A 343 10.08 -1.44 -15.63
C PHE A 343 9.82 -0.79 -17.00
N THR A 344 10.87 -0.18 -17.53
CA THR A 344 10.87 0.35 -18.89
C THR A 344 12.08 -0.25 -19.58
N PRO A 345 11.90 -0.71 -20.82
CA PRO A 345 12.98 -1.34 -21.60
C PRO A 345 14.23 -0.51 -21.61
N PRO A 346 15.35 -1.09 -21.17
CA PRO A 346 16.70 -0.52 -21.28
C PRO A 346 17.27 -0.52 -22.71
N THR A 347 18.02 0.53 -23.04
CA THR A 347 18.55 0.66 -24.39
C THR A 347 19.58 -0.44 -24.73
N VAL A 348 20.41 -0.78 -23.75
CA VAL A 348 21.20 -2.01 -23.88
C VAL A 348 20.41 -3.14 -23.21
N PRO A 349 20.27 -4.27 -23.92
CA PRO A 349 19.51 -5.36 -23.34
C PRO A 349 20.19 -5.86 -22.09
N VAL A 350 19.39 -6.35 -21.14
CA VAL A 350 19.88 -6.89 -19.89
C VAL A 350 20.98 -7.93 -20.11
N LEU A 351 20.91 -8.69 -21.20
CA LEU A 351 21.89 -9.75 -21.43
C LEU A 351 23.23 -9.20 -21.91
N LEU A 352 23.19 -8.15 -22.74
CA LEU A 352 24.43 -7.56 -23.22
C LEU A 352 25.18 -6.85 -22.09
N GLN A 353 24.45 -6.35 -21.10
CA GLN A 353 25.08 -5.63 -20.01
C GLN A 353 25.95 -6.58 -19.18
N ILE A 354 25.47 -7.80 -18.97
CA ILE A 354 26.21 -8.82 -18.23
C ILE A 354 27.42 -9.32 -19.01
N LEU A 355 27.27 -9.43 -20.32
CA LEU A 355 28.32 -9.96 -21.19
C LEU A 355 29.40 -8.91 -21.46
N SER A 356 29.02 -7.64 -21.29
CA SER A 356 29.95 -6.52 -21.49
C SER A 356 30.74 -6.17 -20.23
N GLY A 357 30.13 -6.37 -19.07
CA GLY A 357 30.79 -6.02 -17.83
C GLY A 357 29.99 -6.17 -16.55
N ALA A 358 28.85 -5.49 -16.47
CA ALA A 358 28.02 -5.40 -15.26
C ALA A 358 28.08 -6.66 -14.40
N GLN A 359 28.43 -6.49 -13.12
CA GLN A 359 28.66 -7.60 -12.20
C GLN A 359 27.56 -7.78 -11.15
N SER A 360 26.87 -6.70 -10.83
CA SER A 360 25.80 -6.78 -9.84
C SER A 360 24.55 -6.05 -10.30
N ALA A 361 23.44 -6.31 -9.60
CA ALA A 361 22.14 -5.73 -9.92
C ALA A 361 22.14 -4.22 -9.88
N GLN A 362 23.06 -3.65 -9.11
CA GLN A 362 23.18 -2.21 -8.98
C GLN A 362 23.91 -1.66 -10.20
N ASP A 363 24.57 -2.56 -10.92
CA ASP A 363 25.33 -2.21 -12.11
C ASP A 363 24.48 -2.46 -13.34
N LEU A 364 23.18 -2.63 -13.15
CA LEU A 364 22.29 -3.08 -14.22
C LEU A 364 21.02 -2.23 -14.39
N LEU A 365 20.66 -1.96 -15.64
CA LEU A 365 19.45 -1.20 -15.95
C LEU A 365 18.33 -2.11 -16.41
N PRO A 366 17.09 -1.67 -16.21
CA PRO A 366 16.85 -0.43 -15.48
C PRO A 366 16.95 -0.66 -13.98
N SER A 367 17.47 0.34 -13.27
CA SER A 367 17.67 0.24 -11.84
C SER A 367 16.35 0.10 -11.10
N GLY A 368 16.36 -0.68 -10.03
CA GLY A 368 15.18 -0.88 -9.23
C GLY A 368 14.31 -2.00 -9.76
N SER A 369 14.72 -2.58 -10.88
CA SER A 369 13.93 -3.63 -11.50
C SER A 369 14.65 -4.97 -11.49
N VAL A 370 15.93 -4.96 -11.18
CA VAL A 370 16.75 -6.17 -11.30
C VAL A 370 17.22 -6.76 -9.97
N TYR A 371 16.70 -7.93 -9.65
CA TYR A 371 17.06 -8.63 -8.45
C TYR A 371 18.11 -9.67 -8.79
N SER A 372 19.23 -9.62 -8.09
CA SER A 372 20.29 -10.61 -8.28
C SER A 372 19.95 -11.86 -7.49
N LEU A 373 20.14 -13.02 -8.12
CA LEU A 373 20.02 -14.30 -7.44
C LEU A 373 21.41 -14.97 -7.30
N PRO A 374 21.58 -15.77 -6.24
CA PRO A 374 22.76 -16.61 -6.00
C PRO A 374 22.56 -17.99 -6.64
N ALA A 375 23.61 -18.80 -6.73
CA ALA A 375 23.48 -20.06 -7.48
C ALA A 375 23.18 -21.25 -6.61
N ASN A 376 22.41 -22.18 -7.16
CA ASN A 376 22.04 -23.42 -6.47
C ASN A 376 21.43 -23.14 -5.11
N ALA A 377 20.55 -22.15 -5.08
CA ALA A 377 19.82 -21.79 -3.87
C ALA A 377 18.32 -21.96 -4.04
N ASP A 378 17.63 -22.02 -2.92
CA ASP A 378 16.21 -22.16 -3.01
C ASP A 378 15.65 -20.77 -2.93
N ILE A 379 14.99 -20.33 -4.01
CA ILE A 379 14.30 -19.06 -4.01
C ILE A 379 12.84 -19.24 -3.63
N GLU A 380 12.28 -18.26 -2.96
CA GLU A 380 10.85 -18.20 -2.76
C GLU A 380 10.37 -16.78 -3.11
N ILE A 381 9.34 -16.69 -3.95
CA ILE A 381 8.75 -15.41 -4.31
C ILE A 381 7.34 -15.32 -3.72
N SER A 382 6.91 -14.14 -3.31
CA SER A 382 5.54 -13.98 -2.89
C SER A 382 4.92 -12.80 -3.63
N LEU A 383 3.65 -12.94 -3.99
CA LEU A 383 2.99 -12.03 -4.90
C LEU A 383 1.59 -11.57 -4.42
N PRO A 384 1.53 -10.93 -3.26
CA PRO A 384 0.25 -10.63 -2.63
C PRO A 384 -0.66 -9.76 -3.48
N ALA A 385 -1.84 -10.30 -3.75
CA ALA A 385 -2.83 -9.62 -4.57
C ALA A 385 -3.22 -8.30 -3.93
N THR A 386 -3.43 -7.28 -4.78
CA THR A 386 -3.84 -5.99 -4.27
C THR A 386 -4.75 -5.21 -5.23
N SER A 387 -5.69 -4.47 -4.64
CA SER A 387 -6.55 -3.58 -5.40
C SER A 387 -5.73 -2.41 -5.91
N ALA A 388 -4.71 -2.07 -5.13
CA ALA A 388 -3.68 -1.08 -5.49
C ALA A 388 -3.30 -1.10 -6.96
N ALA A 389 -3.38 -2.29 -7.56
CA ALA A 389 -3.02 -2.51 -8.94
C ALA A 389 -4.20 -3.14 -9.68
N PRO A 390 -4.90 -2.34 -10.49
CA PRO A 390 -6.15 -2.69 -11.19
C PRO A 390 -5.97 -3.72 -12.30
N GLY A 391 -7.05 -4.45 -12.61
CA GLY A 391 -7.03 -5.42 -13.68
C GLY A 391 -6.78 -6.86 -13.26
N PHE A 392 -6.75 -7.09 -11.95
CA PHE A 392 -6.53 -8.43 -11.43
C PHE A 392 -7.64 -9.39 -11.87
N PRO A 393 -7.38 -10.70 -11.78
CA PRO A 393 -6.16 -11.31 -11.26
C PRO A 393 -5.01 -11.22 -12.24
N HIS A 394 -3.85 -10.80 -11.80
CA HIS A 394 -2.71 -10.75 -12.70
C HIS A 394 -2.02 -12.11 -12.77
N PRO A 395 -2.06 -12.75 -13.96
CA PRO A 395 -1.38 -14.04 -14.12
C PRO A 395 0.11 -13.78 -14.30
N PHE A 396 0.88 -14.00 -13.25
CA PHE A 396 2.30 -13.74 -13.27
C PHE A 396 3.07 -14.92 -13.84
N HIS A 397 4.21 -14.61 -14.45
CA HIS A 397 4.93 -15.62 -15.18
C HIS A 397 6.44 -15.38 -15.08
N LEU A 398 7.21 -16.47 -15.03
CA LEU A 398 8.66 -16.42 -14.88
C LEU A 398 9.40 -17.28 -15.93
N HIS A 399 10.25 -16.64 -16.74
CA HIS A 399 11.04 -17.31 -17.78
C HIS A 399 12.13 -18.23 -17.21
N GLY A 400 12.59 -19.17 -18.03
CA GLY A 400 13.71 -20.00 -17.68
C GLY A 400 13.45 -21.05 -16.62
N HIS A 401 12.21 -21.14 -16.15
CA HIS A 401 11.92 -21.97 -15.00
C HIS A 401 10.53 -22.56 -15.02
N THR A 402 10.39 -23.56 -14.17
CA THR A 402 9.11 -24.06 -13.72
C THR A 402 9.18 -23.83 -12.22
N PHE A 403 8.04 -23.62 -11.59
CA PHE A 403 8.05 -23.33 -10.16
C PHE A 403 6.91 -24.05 -9.45
N ALA A 404 7.06 -24.21 -8.13
CA ALA A 404 6.03 -24.87 -7.34
C ALA A 404 5.13 -23.83 -6.75
N VAL A 405 3.83 -23.90 -7.07
CA VAL A 405 2.86 -23.04 -6.43
C VAL A 405 2.57 -23.58 -5.03
N VAL A 406 3.30 -23.06 -4.04
CA VAL A 406 3.14 -23.49 -2.65
C VAL A 406 1.79 -23.03 -2.13
N ARG A 407 1.38 -21.85 -2.56
CA ARG A 407 0.08 -21.32 -2.19
C ARG A 407 -0.63 -20.72 -3.40
N SER A 408 -1.77 -21.30 -3.77
CA SER A 408 -2.53 -20.77 -4.90
C SER A 408 -3.50 -19.71 -4.41
N ALA A 409 -4.08 -18.98 -5.36
CA ALA A 409 -5.11 -18.00 -5.05
C ALA A 409 -6.35 -18.68 -4.52
N GLY A 410 -7.06 -17.97 -3.65
CA GLY A 410 -8.32 -18.45 -3.15
C GLY A 410 -8.13 -19.46 -2.05
N SER A 411 -6.88 -19.64 -1.64
CA SER A 411 -6.56 -20.58 -0.57
C SER A 411 -5.63 -19.94 0.45
N SER A 412 -5.55 -20.55 1.62
CA SER A 412 -4.66 -20.05 2.66
C SER A 412 -3.63 -21.10 3.04
N THR A 413 -3.83 -22.32 2.57
CA THR A 413 -2.91 -23.39 2.94
C THR A 413 -1.55 -23.23 2.26
N TYR A 414 -0.52 -23.81 2.89
CA TYR A 414 0.80 -23.85 2.30
C TYR A 414 1.17 -25.30 2.03
N ASN A 415 1.32 -25.62 0.76
CA ASN A 415 1.67 -26.96 0.33
C ASN A 415 3.17 -27.10 0.02
N TYR A 416 3.94 -27.55 1.01
CA TYR A 416 5.36 -27.76 0.80
C TYR A 416 5.67 -29.18 0.36
N ALA A 417 4.68 -30.06 0.45
CA ALA A 417 4.90 -31.49 0.28
C ALA A 417 4.75 -32.04 -1.15
N ASN A 418 3.64 -31.70 -1.81
CA ASN A 418 3.38 -32.17 -3.15
C ASN A 418 2.67 -31.10 -4.00
N PRO A 419 3.17 -29.86 -3.93
CA PRO A 419 2.55 -28.75 -4.66
C PRO A 419 2.51 -28.95 -6.18
N VAL A 420 1.52 -28.38 -6.84
CA VAL A 420 1.50 -28.38 -8.30
C VAL A 420 2.67 -27.52 -8.79
N TYR A 421 3.36 -27.99 -9.84
CA TYR A 421 4.34 -27.16 -10.53
C TYR A 421 3.74 -26.57 -11.82
N ARG A 422 4.22 -25.39 -12.21
CA ARG A 422 3.84 -24.79 -13.50
C ARG A 422 4.74 -23.60 -13.86
N ASP A 423 4.38 -22.83 -14.88
CA ASP A 423 5.16 -21.64 -15.23
C ASP A 423 4.35 -20.33 -15.27
N VAL A 424 3.04 -20.44 -15.10
CA VAL A 424 2.15 -19.27 -15.07
C VAL A 424 1.10 -19.48 -13.99
N VAL A 425 0.98 -18.52 -13.08
CA VAL A 425 0.09 -18.65 -11.95
C VAL A 425 -0.74 -17.38 -11.78
N SER A 426 -2.00 -17.52 -11.38
CA SER A 426 -2.78 -16.35 -11.02
C SER A 426 -2.43 -15.90 -9.62
N THR A 427 -2.29 -14.58 -9.45
CA THR A 427 -1.95 -13.98 -8.17
C THR A 427 -3.22 -13.66 -7.43
N GLY A 428 -4.34 -13.69 -8.15
CA GLY A 428 -5.65 -13.71 -7.52
C GLY A 428 -6.33 -12.38 -7.29
N SER A 429 -7.23 -12.40 -6.33
CA SER A 429 -8.00 -11.22 -5.98
C SER A 429 -7.49 -10.73 -4.62
N PRO A 430 -7.71 -9.44 -4.31
CA PRO A 430 -7.15 -8.84 -3.09
C PRO A 430 -7.44 -9.68 -1.86
N GLY A 431 -6.37 -10.08 -1.16
CA GLY A 431 -6.49 -10.96 -0.02
C GLY A 431 -5.65 -12.21 -0.17
N ASP A 432 -5.51 -12.70 -1.40
CA ASP A 432 -4.68 -13.86 -1.65
C ASP A 432 -3.21 -13.54 -1.45
N ASN A 433 -2.39 -14.53 -1.14
CA ASN A 433 -0.95 -14.35 -1.28
C ASN A 433 -0.23 -15.53 -1.95
N VAL A 434 -0.49 -15.70 -3.24
CA VAL A 434 0.18 -16.70 -4.04
C VAL A 434 1.69 -16.62 -3.82
N THR A 435 2.31 -17.76 -3.62
CA THR A 435 3.73 -17.85 -3.32
C THR A 435 4.33 -18.98 -4.16
N ILE A 436 5.48 -18.71 -4.76
CA ILE A 436 6.18 -19.71 -5.59
C ILE A 436 7.64 -19.90 -5.16
N ARG A 437 8.10 -21.15 -5.22
CA ARG A 437 9.49 -21.50 -4.94
C ARG A 437 10.09 -22.13 -6.15
N PHE A 438 11.41 -21.99 -6.30
CA PHE A 438 12.14 -22.78 -7.28
C PHE A 438 13.60 -22.83 -6.90
N ARG A 439 14.38 -23.59 -7.63
CA ARG A 439 15.82 -23.59 -7.40
C ARG A 439 16.53 -22.85 -8.53
N THR A 440 17.62 -22.18 -8.24
CA THR A 440 18.40 -21.60 -9.33
C THR A 440 19.25 -22.72 -9.92
N ASP A 441 19.17 -22.83 -11.25
CA ASP A 441 19.80 -23.90 -12.01
C ASP A 441 20.13 -23.45 -13.44
N ASN A 442 20.15 -22.13 -13.65
CA ASN A 442 20.09 -21.54 -14.99
C ASN A 442 20.70 -20.13 -15.04
N PRO A 443 22.03 -20.04 -15.25
CA PRO A 443 22.69 -18.72 -15.24
C PRO A 443 22.26 -17.82 -16.41
N GLY A 444 21.69 -16.66 -16.09
CA GLY A 444 21.20 -15.74 -17.11
C GLY A 444 20.16 -14.78 -16.57
N PRO A 445 19.75 -13.79 -17.39
CA PRO A 445 18.64 -12.86 -17.07
C PRO A 445 17.27 -13.43 -17.47
N TRP A 446 16.35 -13.50 -16.51
CA TRP A 446 15.04 -14.06 -16.77
C TRP A 446 13.96 -13.05 -16.43
N PHE A 447 12.96 -12.94 -17.30
CA PHE A 447 11.84 -12.03 -17.08
C PHE A 447 10.85 -12.59 -16.06
N LEU A 448 10.30 -11.72 -15.21
CA LEU A 448 9.18 -12.08 -14.34
C LEU A 448 8.17 -10.93 -14.32
N HIS A 449 6.98 -11.18 -14.85
CA HIS A 449 6.00 -10.14 -15.13
C HIS A 449 4.58 -10.66 -15.28
N CYS A 450 3.61 -9.73 -15.22
CA CYS A 450 2.22 -10.04 -15.52
C CYS A 450 2.15 -10.39 -17.00
N HIS A 451 1.39 -11.42 -17.34
CA HIS A 451 1.34 -11.83 -18.73
C HIS A 451 0.19 -11.17 -19.46
N ILE A 452 -0.59 -10.37 -18.74
CA ILE A 452 -1.53 -9.49 -19.40
C ILE A 452 -0.67 -8.46 -20.14
N ASP A 453 -0.53 -8.60 -21.45
CA ASP A 453 0.49 -7.90 -22.20
C ASP A 453 0.37 -6.38 -22.04
N PHE A 454 -0.85 -5.88 -21.93
CA PHE A 454 -1.06 -4.44 -21.75
C PHE A 454 -0.59 -3.93 -20.40
N HIS A 455 -0.32 -4.85 -19.47
CA HIS A 455 0.19 -4.49 -18.14
C HIS A 455 1.71 -4.51 -18.11
N LEU A 456 2.31 -5.45 -18.83
CA LEU A 456 3.76 -5.50 -18.98
C LEU A 456 4.23 -4.29 -19.76
N GLU A 457 3.36 -3.78 -20.65
CA GLU A 457 3.70 -2.61 -21.44
C GLU A 457 3.77 -1.40 -20.52
N ALA A 458 2.91 -1.37 -19.52
CA ALA A 458 2.89 -0.29 -18.55
C ALA A 458 3.74 -0.65 -17.32
N GLY A 459 4.72 -1.51 -17.52
CA GLY A 459 5.78 -1.66 -16.54
C GLY A 459 5.71 -2.78 -15.50
N PHE A 460 4.62 -3.54 -15.45
CA PHE A 460 4.45 -4.61 -14.47
C PHE A 460 5.47 -5.74 -14.60
N ALA A 461 6.76 -5.42 -14.47
CA ALA A 461 7.81 -6.40 -14.70
C ALA A 461 9.06 -6.17 -13.87
N VAL A 462 9.75 -7.26 -13.56
CA VAL A 462 11.08 -7.19 -12.99
C VAL A 462 11.93 -8.22 -13.69
N VAL A 463 13.23 -8.07 -13.55
CA VAL A 463 14.19 -9.02 -14.09
C VAL A 463 14.83 -9.81 -12.94
N MET A 464 14.99 -11.11 -13.11
CA MET A 464 15.87 -11.91 -12.26
C MET A 464 17.19 -12.05 -13.01
N ALA A 465 18.29 -11.62 -12.40
CA ALA A 465 19.58 -11.90 -13.01
C ALA A 465 20.20 -12.99 -12.17
N GLU A 466 20.01 -14.22 -12.64
CA GLU A 466 20.30 -15.38 -11.83
C GLU A 466 21.73 -15.87 -12.05
N ASP A 467 22.54 -15.80 -11.00
CA ASP A 467 23.88 -16.38 -11.02
C ASP A 467 24.79 -15.61 -11.98
N ILE A 468 24.82 -14.28 -11.83
CA ILE A 468 25.48 -13.43 -12.82
C ILE A 468 26.91 -13.85 -13.20
N PRO A 469 27.77 -14.15 -12.19
CA PRO A 469 29.17 -14.48 -12.44
C PRO A 469 29.37 -15.62 -13.42
N GLU A 470 28.32 -16.41 -13.66
CA GLU A 470 28.43 -17.52 -14.60
C GLU A 470 27.57 -17.34 -15.85
N VAL A 471 26.92 -16.18 -15.96
CA VAL A 471 26.08 -15.88 -17.12
C VAL A 471 26.89 -15.92 -18.41
N ALA A 472 28.01 -15.23 -18.41
CA ALA A 472 28.87 -15.17 -19.59
C ALA A 472 29.38 -16.56 -19.99
N ALA A 473 29.66 -17.39 -19.00
CA ALA A 473 30.24 -18.71 -19.21
C ALA A 473 29.31 -19.72 -19.88
N THR A 474 28.06 -19.79 -19.43
CA THR A 474 27.13 -20.79 -19.96
C THR A 474 26.25 -20.34 -21.14
N ASN A 475 26.32 -19.06 -21.49
CA ASN A 475 25.55 -18.52 -22.61
C ASN A 475 26.44 -17.93 -23.71
N PRO A 476 27.19 -18.77 -24.42
CA PRO A 476 27.88 -18.26 -25.61
C PRO A 476 26.86 -17.72 -26.61
N VAL A 477 27.18 -16.59 -27.25
CA VAL A 477 26.24 -15.94 -28.16
C VAL A 477 26.69 -16.00 -29.63
N PRO A 478 25.73 -16.27 -30.55
CA PRO A 478 26.04 -16.34 -31.99
C PRO A 478 26.32 -14.97 -32.58
N GLN A 479 27.16 -14.93 -33.62
CA GLN A 479 27.48 -13.67 -34.28
C GLN A 479 26.22 -12.86 -34.58
N ALA A 480 25.22 -13.56 -35.12
CA ALA A 480 23.93 -12.98 -35.52
C ALA A 480 23.24 -12.24 -34.38
N TRP A 481 23.33 -12.79 -33.18
CA TRP A 481 22.79 -12.15 -32.00
C TRP A 481 23.56 -10.87 -31.63
N SER A 482 24.89 -10.92 -31.74
CA SER A 482 25.73 -9.75 -31.51
C SER A 482 25.45 -8.65 -32.54
N ASP A 483 25.00 -9.05 -33.73
CA ASP A 483 24.69 -8.10 -34.81
C ASP A 483 23.29 -7.52 -34.71
N LEU A 484 22.42 -8.14 -33.92
CA LEU A 484 21.08 -7.61 -33.71
C LEU A 484 21.10 -6.16 -33.26
N CYS A 485 21.87 -5.85 -32.23
CA CYS A 485 21.87 -4.50 -31.64
C CYS A 485 22.40 -3.40 -32.56
N PRO A 486 23.59 -3.59 -33.14
CA PRO A 486 24.12 -2.68 -34.16
C PRO A 486 23.12 -2.41 -35.29
N THR A 487 22.33 -3.41 -35.66
CA THR A 487 21.36 -3.26 -36.75
C THR A 487 20.14 -2.44 -36.32
N TYR A 488 19.54 -2.82 -35.21
CA TYR A 488 18.34 -2.16 -34.70
C TYR A 488 18.62 -0.73 -34.26
N ASP A 489 19.87 -0.47 -33.91
CA ASP A 489 20.28 0.90 -33.57
C ASP A 489 20.31 1.81 -34.81
N ALA A 490 20.83 1.31 -35.92
CA ALA A 490 20.82 2.06 -37.16
C ALA A 490 19.44 2.05 -37.81
N LEU A 491 18.40 2.24 -37.00
CA LEU A 491 17.04 2.26 -37.53
C LEU A 491 16.25 3.49 -37.09
N SER A 492 15.62 4.14 -38.06
CA SER A 492 14.75 5.29 -37.80
C SER A 492 13.46 4.85 -37.10
N PRO A 493 12.76 5.81 -36.46
CA PRO A 493 11.49 5.64 -35.75
C PRO A 493 10.41 4.76 -36.42
N ASP A 494 10.08 4.99 -37.70
CA ASP A 494 9.00 4.24 -38.37
C ASP A 494 9.44 2.90 -38.95
N ASP A 495 10.72 2.76 -39.26
CA ASP A 495 11.24 1.49 -39.76
C ASP A 495 11.40 0.49 -38.61
N GLN A 496 10.77 0.78 -37.47
CA GLN A 496 10.85 -0.01 -36.26
C GLN A 496 9.51 -0.65 -35.88
N SER B 1 -42.44 24.41 10.82
CA SER B 1 -41.73 23.46 9.96
C SER B 1 -42.14 23.65 8.48
N ILE B 2 -41.29 23.21 7.57
CA ILE B 2 -41.62 23.25 6.15
C ILE B 2 -41.46 21.92 5.41
N GLY B 3 -42.17 21.80 4.30
CA GLY B 3 -42.16 20.60 3.48
C GLY B 3 -43.41 19.82 3.80
N PRO B 4 -43.66 18.71 3.08
CA PRO B 4 -42.94 18.13 1.94
C PRO B 4 -42.91 18.98 0.66
N VAL B 5 -43.86 19.90 0.52
CA VAL B 5 -43.87 20.83 -0.61
C VAL B 5 -43.43 22.21 -0.13
N ALA B 6 -42.37 22.75 -0.73
CA ALA B 6 -41.82 24.01 -0.22
C ALA B 6 -40.82 24.63 -1.17
N ASP B 7 -40.69 25.96 -1.08
CA ASP B 7 -39.59 26.70 -1.72
C ASP B 7 -38.39 26.68 -0.79
N LEU B 8 -37.22 26.43 -1.35
CA LEU B 8 -35.98 26.63 -0.62
C LEU B 8 -35.15 27.68 -1.33
N THR B 9 -35.08 28.87 -0.75
CA THR B 9 -34.38 30.00 -1.34
C THR B 9 -32.96 30.16 -0.81
N ILE B 10 -31.96 29.88 -1.66
CA ILE B 10 -30.56 29.93 -1.26
C ILE B 10 -29.97 31.32 -1.49
N SER B 11 -29.46 31.94 -0.43
CA SER B 11 -28.90 33.28 -0.53
C SER B 11 -27.68 33.44 0.35
N ASN B 12 -27.06 34.61 0.34
CA ASN B 12 -25.89 34.81 1.17
C ASN B 12 -26.15 35.86 2.23
N GLY B 13 -25.57 35.65 3.41
CA GLY B 13 -25.74 36.59 4.50
C GLY B 13 -24.73 36.44 5.60
N ALA B 14 -24.71 37.43 6.49
CA ALA B 14 -23.87 37.36 7.67
C ALA B 14 -24.51 36.44 8.72
N VAL B 15 -23.69 35.63 9.37
CA VAL B 15 -24.17 34.76 10.44
C VAL B 15 -23.17 34.82 11.58
N SER B 16 -23.62 34.56 12.80
CA SER B 16 -22.74 34.71 13.97
C SER B 16 -22.98 33.61 14.98
N PRO B 17 -22.94 32.36 14.54
CA PRO B 17 -23.42 31.24 15.38
C PRO B 17 -22.57 30.99 16.63
N ASP B 18 -21.36 31.55 16.67
CA ASP B 18 -20.43 31.32 17.77
C ASP B 18 -19.85 32.63 18.32
N GLY B 19 -20.48 33.75 17.98
CA GLY B 19 -20.01 35.08 18.37
C GLY B 19 -19.21 35.78 17.28
N PHE B 20 -18.78 35.04 16.28
CA PHE B 20 -17.91 35.59 15.25
C PHE B 20 -18.70 35.77 13.96
N SER B 21 -18.79 37.01 13.51
CA SER B 21 -19.56 37.30 12.31
C SER B 21 -18.80 36.98 11.04
N ARG B 22 -19.44 36.23 10.15
CA ARG B 22 -18.88 35.93 8.84
C ARG B 22 -20.00 35.70 7.83
N GLN B 23 -19.69 35.84 6.55
CA GLN B 23 -20.68 35.62 5.50
C GLN B 23 -20.83 34.14 5.22
N ALA B 24 -22.07 33.68 5.09
CA ALA B 24 -22.32 32.27 4.83
C ALA B 24 -23.53 32.10 3.91
N ILE B 25 -24.00 30.86 3.77
CA ILE B 25 -25.18 30.57 2.99
C ILE B 25 -26.40 30.31 3.86
N LEU B 26 -27.51 30.95 3.50
CA LEU B 26 -28.75 30.81 4.24
C LEU B 26 -29.82 30.12 3.38
N VAL B 27 -30.64 29.31 4.03
CA VAL B 27 -31.80 28.74 3.39
C VAL B 27 -33.05 29.39 3.95
N ASN B 28 -33.83 29.97 3.06
CA ASN B 28 -34.99 30.77 3.46
C ASN B 28 -34.63 31.84 4.44
N ASP B 29 -33.63 32.65 4.10
CA ASP B 29 -33.21 33.74 4.96
C ASP B 29 -32.75 33.32 6.35
N VAL B 30 -32.40 32.04 6.51
CA VAL B 30 -32.06 31.56 7.85
C VAL B 30 -30.77 30.73 7.92
N PHE B 31 -30.02 30.91 9.00
CA PHE B 31 -28.94 30.01 9.39
C PHE B 31 -29.14 29.56 10.84
N PRO B 32 -29.05 28.24 11.09
CA PRO B 32 -28.75 27.20 10.11
C PRO B 32 -29.95 26.88 9.26
N SER B 33 -29.77 26.00 8.27
CA SER B 33 -30.83 25.64 7.36
C SER B 33 -32.02 25.04 8.09
N PRO B 34 -33.24 25.33 7.59
CA PRO B 34 -34.53 24.94 8.19
C PRO B 34 -34.80 23.43 8.09
N LEU B 35 -35.53 22.90 9.05
CA LEU B 35 -35.84 21.47 9.09
C LEU B 35 -36.97 21.22 8.12
N ILE B 36 -36.81 20.17 7.31
CA ILE B 36 -37.87 19.73 6.41
C ILE B 36 -38.47 18.44 6.98
N THR B 37 -39.79 18.33 6.92
CA THR B 37 -40.48 17.14 7.40
C THR B 37 -41.47 16.60 6.39
N GLY B 38 -41.81 15.33 6.57
CA GLY B 38 -42.94 14.73 5.88
C GLY B 38 -43.39 13.48 6.62
N ASN B 39 -44.37 12.80 6.04
CA ASN B 39 -44.81 11.50 6.51
C ASN B 39 -44.41 10.47 5.46
N LYS B 40 -44.19 9.23 5.90
CA LYS B 40 -43.94 8.11 4.99
C LYS B 40 -44.96 8.08 3.85
N GLY B 41 -44.47 8.08 2.61
CA GLY B 41 -45.35 8.03 1.45
C GLY B 41 -45.49 9.36 0.72
N ASP B 42 -45.06 10.44 1.36
CA ASP B 42 -45.23 11.80 0.83
C ASP B 42 -44.41 12.08 -0.43
N ARG B 43 -45.02 12.82 -1.34
CA ARG B 43 -44.31 13.37 -2.46
C ARG B 43 -43.50 14.54 -1.94
N PHE B 44 -42.22 14.58 -2.28
CA PHE B 44 -41.41 15.74 -1.95
C PHE B 44 -41.22 16.62 -3.18
N GLN B 45 -41.86 17.78 -3.17
CA GLN B 45 -41.64 18.77 -4.21
C GLN B 45 -40.85 19.91 -3.62
N LEU B 46 -39.53 19.80 -3.73
CA LEU B 46 -38.66 20.82 -3.17
C LEU B 46 -38.12 21.73 -4.27
N ASN B 47 -38.62 22.96 -4.31
CA ASN B 47 -38.20 23.93 -5.30
C ASN B 47 -37.01 24.76 -4.81
N VAL B 48 -35.82 24.42 -5.30
CA VAL B 48 -34.61 25.11 -4.91
C VAL B 48 -34.37 26.36 -5.79
N ILE B 49 -34.79 27.51 -5.28
CA ILE B 49 -34.52 28.78 -5.94
C ILE B 49 -33.15 29.22 -5.46
N ASP B 50 -32.24 29.44 -6.40
CA ASP B 50 -30.86 29.80 -6.03
C ASP B 50 -30.54 31.27 -6.31
N ASN B 51 -30.43 32.07 -5.24
CA ASN B 51 -30.18 33.51 -5.37
C ASN B 51 -28.82 33.94 -4.86
N MET B 52 -27.83 33.05 -4.89
CA MET B 52 -26.52 33.39 -4.35
C MET B 52 -25.70 34.27 -5.28
N THR B 53 -24.98 35.21 -4.69
CA THR B 53 -24.18 36.15 -5.46
C THR B 53 -22.72 36.13 -5.01
N ASN B 54 -22.42 35.26 -4.03
CA ASN B 54 -21.09 35.14 -3.45
C ASN B 54 -20.19 34.15 -4.17
N HIS B 55 -19.05 34.59 -4.69
CA HIS B 55 -18.25 33.69 -5.49
C HIS B 55 -17.28 32.80 -4.71
N THR B 56 -16.63 33.35 -3.69
CA THR B 56 -15.76 32.57 -2.84
C THR B 56 -16.46 31.27 -2.38
N MET B 57 -17.77 31.36 -2.15
CA MET B 57 -18.53 30.21 -1.69
C MET B 57 -19.37 29.57 -2.79
N LEU B 58 -19.10 29.99 -4.04
CA LEU B 58 -19.74 29.44 -5.24
C LEU B 58 -21.21 29.80 -5.44
N LYS B 59 -21.52 30.60 -6.46
CA LYS B 59 -22.92 30.98 -6.74
C LYS B 59 -23.77 29.81 -7.26
N SER B 60 -23.14 28.80 -7.82
CA SER B 60 -23.89 27.64 -8.28
C SER B 60 -24.20 26.77 -7.08
N THR B 61 -25.29 26.02 -7.17
CA THR B 61 -25.58 25.08 -6.12
C THR B 61 -26.20 23.81 -6.66
N SER B 62 -26.26 22.81 -5.80
CA SER B 62 -26.93 21.55 -6.07
C SER B 62 -27.20 20.89 -4.72
N ILE B 63 -28.42 20.41 -4.52
CA ILE B 63 -28.78 19.88 -3.20
C ILE B 63 -28.91 18.37 -3.18
N HIS B 64 -28.50 17.74 -2.08
CA HIS B 64 -28.66 16.30 -1.91
C HIS B 64 -29.53 15.91 -0.71
N TRP B 65 -30.37 14.90 -0.91
CA TRP B 65 -31.30 14.45 0.12
C TRP B 65 -30.76 13.15 0.70
N HIS B 66 -29.81 13.31 1.63
CA HIS B 66 -29.01 12.21 2.17
C HIS B 66 -29.83 11.09 2.82
N GLY B 67 -29.81 9.91 2.18
CA GLY B 67 -30.41 8.72 2.76
C GLY B 67 -31.60 8.26 1.95
N PHE B 68 -32.10 9.13 1.07
CA PHE B 68 -33.22 8.78 0.21
C PHE B 68 -32.83 7.93 -0.99
N PHE B 69 -33.62 6.87 -1.20
CA PHE B 69 -33.39 5.88 -2.25
C PHE B 69 -33.48 6.45 -3.65
N GLN B 70 -34.53 7.24 -3.89
CA GLN B 70 -34.73 7.92 -5.16
C GLN B 70 -34.87 6.97 -6.36
N HIS B 71 -35.48 5.81 -6.14
CA HIS B 71 -35.79 4.91 -7.25
C HIS B 71 -36.63 5.58 -8.37
N GLY B 72 -36.07 5.62 -9.59
CA GLY B 72 -36.75 6.23 -10.72
C GLY B 72 -36.53 7.74 -10.81
N THR B 73 -35.80 8.27 -9.83
CA THR B 73 -35.53 9.70 -9.73
C THR B 73 -34.07 9.97 -9.35
N ASN B 74 -33.19 9.17 -9.93
CA ASN B 74 -31.75 9.39 -9.85
C ASN B 74 -31.33 10.81 -10.25
N TRP B 75 -32.11 11.44 -11.12
CA TRP B 75 -31.79 12.81 -11.54
C TRP B 75 -31.93 13.77 -10.38
N ALA B 76 -32.74 13.39 -9.39
CA ALA B 76 -32.98 14.25 -8.23
C ALA B 76 -31.98 14.06 -7.07
N ASP B 77 -31.03 13.15 -7.22
CA ASP B 77 -30.17 12.82 -6.10
C ASP B 77 -29.27 13.97 -5.63
N GLY B 78 -28.71 14.75 -6.56
CA GLY B 78 -28.01 15.97 -6.19
C GLY B 78 -26.50 16.10 -6.37
N PRO B 79 -25.75 14.96 -6.28
CA PRO B 79 -24.31 15.00 -6.54
C PRO B 79 -23.94 15.71 -7.82
N ALA B 80 -23.29 16.87 -7.68
CA ALA B 80 -22.76 17.65 -8.79
C ALA B 80 -21.87 16.84 -9.73
N PHE B 81 -22.31 16.74 -10.99
CA PHE B 81 -21.56 16.10 -12.06
C PHE B 81 -21.54 14.58 -11.98
N VAL B 82 -22.46 14.02 -11.18
CA VAL B 82 -22.79 12.61 -11.27
C VAL B 82 -24.26 12.39 -11.69
N ASN B 83 -25.17 13.23 -11.18
CA ASN B 83 -26.61 13.06 -11.42
C ASN B 83 -27.25 14.29 -12.07
N GLN B 84 -26.52 15.41 -12.06
CA GLN B 84 -27.04 16.66 -12.62
C GLN B 84 -25.90 17.64 -12.74
N CYS B 85 -26.09 18.67 -13.58
CA CYS B 85 -25.20 19.81 -13.55
C CYS B 85 -25.71 20.69 -12.44
N PRO B 86 -24.86 21.59 -11.94
CA PRO B 86 -25.32 22.44 -10.84
C PRO B 86 -26.40 23.44 -11.28
N ILE B 87 -27.36 23.71 -10.39
CA ILE B 87 -28.28 24.82 -10.53
C ILE B 87 -27.49 26.12 -10.60
N SER B 88 -27.78 26.92 -11.62
CA SER B 88 -27.05 28.16 -11.89
C SER B 88 -27.72 29.27 -11.10
N THR B 89 -27.00 30.32 -10.76
CA THR B 89 -27.62 31.40 -9.98
C THR B 89 -28.59 32.22 -10.83
N GLY B 90 -29.58 32.81 -10.18
CA GLY B 90 -30.67 33.44 -10.87
C GLY B 90 -31.68 32.43 -11.36
N HIS B 91 -31.44 31.16 -11.09
CA HIS B 91 -32.33 30.10 -11.59
C HIS B 91 -32.96 29.28 -10.46
N ALA B 92 -33.92 28.43 -10.83
CA ALA B 92 -34.56 27.51 -9.88
C ALA B 92 -34.67 26.08 -10.42
N PHE B 93 -34.72 25.11 -9.51
CA PHE B 93 -34.86 23.71 -9.90
C PHE B 93 -35.76 22.90 -8.95
N LEU B 94 -36.74 22.20 -9.51
CA LEU B 94 -37.70 21.45 -8.71
C LEU B 94 -37.29 19.99 -8.51
N TYR B 95 -36.82 19.67 -7.31
CA TYR B 95 -36.63 18.29 -6.93
C TYR B 95 -37.98 17.67 -6.60
N ASP B 96 -38.37 16.67 -7.36
CA ASP B 96 -39.70 16.09 -7.25
C ASP B 96 -39.49 14.59 -7.15
N PHE B 97 -39.71 14.05 -5.96
CA PHE B 97 -39.53 12.63 -5.72
C PHE B 97 -40.52 12.11 -4.68
N GLN B 98 -40.54 10.79 -4.50
CA GLN B 98 -41.46 10.20 -3.55
C GLN B 98 -40.71 9.30 -2.59
N VAL B 99 -41.11 9.33 -1.32
CA VAL B 99 -40.51 8.47 -0.32
C VAL B 99 -41.57 7.51 0.24
N PRO B 100 -41.91 6.49 -0.56
CA PRO B 100 -43.02 5.57 -0.34
C PRO B 100 -42.78 4.56 0.78
N ASP B 101 -41.52 4.18 0.97
CA ASP B 101 -41.18 3.02 1.80
C ASP B 101 -40.06 3.31 2.79
N GLN B 102 -39.88 4.58 3.14
CA GLN B 102 -38.80 4.95 4.02
C GLN B 102 -39.31 5.88 5.09
N ALA B 103 -38.59 5.91 6.20
CA ALA B 103 -39.00 6.66 7.37
C ALA B 103 -37.79 6.79 8.28
N GLY B 104 -37.74 7.85 9.07
CA GLY B 104 -36.64 8.07 9.98
C GLY B 104 -35.94 9.41 9.77
N THR B 105 -34.69 9.47 10.18
CA THR B 105 -33.96 10.73 10.23
C THR B 105 -32.95 10.87 9.11
N PHE B 106 -33.00 12.03 8.45
CA PHE B 106 -32.17 12.26 7.29
C PHE B 106 -31.67 13.69 7.34
N TRP B 107 -31.08 14.12 6.24
CA TRP B 107 -30.70 15.52 6.10
C TRP B 107 -30.48 15.88 4.65
N TYR B 108 -30.35 17.18 4.41
CA TYR B 108 -30.05 17.68 3.10
C TYR B 108 -28.89 18.62 3.20
N HIS B 109 -28.15 18.73 2.11
CA HIS B 109 -26.97 19.57 2.09
C HIS B 109 -26.48 19.71 0.66
N SER B 110 -25.85 20.83 0.37
CA SER B 110 -25.21 21.00 -0.90
C SER B 110 -24.26 19.84 -1.17
N HIS B 111 -24.25 19.36 -2.40
CA HIS B 111 -23.30 18.33 -2.83
C HIS B 111 -22.51 18.88 -4.01
N LEU B 112 -22.22 20.18 -3.96
CA LEU B 112 -21.34 20.84 -4.92
C LEU B 112 -20.09 21.29 -4.17
N SER B 113 -18.94 20.70 -4.52
CA SER B 113 -17.66 21.02 -3.90
C SER B 113 -17.74 20.97 -2.37
N THR B 114 -17.22 21.98 -1.69
CA THR B 114 -17.27 22.02 -0.23
C THR B 114 -18.23 23.10 0.26
N GLN B 115 -19.24 23.37 -0.56
CA GLN B 115 -20.26 24.37 -0.27
C GLN B 115 -21.01 24.09 1.03
N TYR B 116 -21.28 22.83 1.35
CA TYR B 116 -22.10 22.56 2.54
C TYR B 116 -21.46 22.95 3.88
N CYS B 117 -20.16 23.17 3.89
CA CYS B 117 -19.46 23.68 5.06
C CYS B 117 -19.75 25.17 5.30
N ASP B 118 -20.15 25.86 4.25
CA ASP B 118 -20.46 27.30 4.31
C ASP B 118 -21.91 27.62 4.71
N GLY B 119 -22.69 26.58 4.98
CA GLY B 119 -23.97 26.78 5.66
C GLY B 119 -25.16 26.05 5.08
N LEU B 120 -25.04 25.59 3.84
CA LEU B 120 -26.15 24.91 3.16
C LEU B 120 -26.31 23.47 3.62
N ARG B 121 -26.89 23.29 4.80
CA ARG B 121 -27.08 21.95 5.37
C ARG B 121 -28.15 21.96 6.45
N GLY B 122 -29.04 20.98 6.42
CA GLY B 122 -30.18 20.93 7.31
C GLY B 122 -30.76 19.53 7.53
N PRO B 123 -31.54 19.36 8.60
CA PRO B 123 -32.11 18.04 8.93
C PRO B 123 -33.43 17.79 8.24
N ILE B 124 -33.71 16.54 7.89
CA ILE B 124 -35.02 16.15 7.40
C ILE B 124 -35.53 15.02 8.28
N VAL B 125 -36.84 14.95 8.47
CA VAL B 125 -37.43 13.86 9.23
C VAL B 125 -38.69 13.40 8.53
N VAL B 126 -38.77 12.10 8.30
CA VAL B 126 -39.97 11.50 7.74
C VAL B 126 -40.64 10.63 8.80
N TYR B 127 -41.74 11.12 9.35
CA TYR B 127 -42.42 10.44 10.46
C TYR B 127 -43.20 9.21 10.02
N ASP B 128 -43.17 8.19 10.85
CA ASP B 128 -43.87 6.96 10.56
C ASP B 128 -45.11 6.87 11.44
N PRO B 129 -46.29 7.10 10.82
CA PRO B 129 -47.63 7.02 11.42
C PRO B 129 -47.80 5.77 12.24
N GLN B 130 -47.08 4.71 11.85
CA GLN B 130 -47.09 3.45 12.56
C GLN B 130 -45.69 3.11 13.03
N ASP B 131 -44.96 4.10 13.53
CA ASP B 131 -43.58 3.88 13.96
C ASP B 131 -43.53 2.84 15.09
N PRO B 132 -42.76 1.75 14.88
CA PRO B 132 -42.73 0.67 15.87
C PRO B 132 -42.24 1.08 17.25
N HIS B 133 -41.46 2.15 17.35
CA HIS B 133 -40.95 2.58 18.66
C HIS B 133 -41.80 3.66 19.35
N LYS B 134 -42.96 3.95 18.76
CA LYS B 134 -43.86 5.00 19.19
C LYS B 134 -44.10 5.02 20.69
N SER B 135 -44.21 3.84 21.30
CA SER B 135 -44.56 3.74 22.72
C SER B 135 -43.38 3.88 23.70
N LEU B 136 -42.20 4.22 23.21
CA LEU B 136 -41.07 4.44 24.10
C LEU B 136 -40.89 5.93 24.44
N TYR B 137 -41.73 6.78 23.87
CA TYR B 137 -41.58 8.21 24.06
C TYR B 137 -42.89 9.00 23.92
N ASP B 138 -42.90 10.22 24.44
CA ASP B 138 -44.06 11.10 24.32
C ASP B 138 -43.76 12.28 23.39
N VAL B 139 -42.53 12.77 23.43
CA VAL B 139 -42.16 13.90 22.58
C VAL B 139 -41.27 13.52 21.40
N ASP B 140 -41.78 13.76 20.20
CA ASP B 140 -41.05 13.55 18.99
C ASP B 140 -41.47 14.64 17.99
N ASP B 141 -40.79 15.78 18.02
CA ASP B 141 -41.11 16.88 17.11
C ASP B 141 -39.90 17.71 16.77
N ASP B 142 -40.12 18.89 16.23
CA ASP B 142 -39.05 19.78 15.79
C ASP B 142 -38.11 20.20 16.92
N SER B 143 -38.60 20.13 18.16
CA SER B 143 -37.79 20.51 19.32
C SER B 143 -36.92 19.36 19.85
N THR B 144 -36.93 18.21 19.19
CA THR B 144 -36.16 17.07 19.67
C THR B 144 -35.14 16.69 18.62
N VAL B 145 -35.08 17.47 17.55
CA VAL B 145 -34.01 17.36 16.58
C VAL B 145 -32.75 18.10 17.04
N ILE B 146 -31.64 17.39 17.06
CA ILE B 146 -30.38 17.98 17.46
C ILE B 146 -29.39 17.79 16.35
N THR B 147 -28.76 18.89 15.95
CA THR B 147 -27.77 18.85 14.90
C THR B 147 -26.38 19.05 15.54
N LEU B 148 -25.38 18.37 15.02
CA LEU B 148 -23.99 18.73 15.29
C LEU B 148 -23.38 19.19 13.98
N ALA B 149 -22.87 20.40 13.97
CA ALA B 149 -22.14 20.90 12.82
C ALA B 149 -20.76 21.32 13.30
N ASP B 150 -19.88 21.60 12.36
CA ASP B 150 -18.57 22.13 12.65
C ASP B 150 -18.51 23.48 11.97
N TRP B 151 -17.82 24.42 12.58
CA TRP B 151 -17.84 25.80 12.12
C TRP B 151 -16.45 26.37 11.94
N TYR B 152 -16.28 27.16 10.90
CA TYR B 152 -14.98 27.73 10.54
C TYR B 152 -15.08 29.24 10.35
N HIS B 153 -14.12 29.96 10.92
CA HIS B 153 -14.09 31.41 10.73
C HIS B 153 -13.75 31.75 9.29
N LEU B 154 -12.87 30.95 8.69
CA LEU B 154 -12.56 31.10 7.27
C LEU B 154 -13.43 30.15 6.46
N ALA B 155 -14.00 30.65 5.37
CA ALA B 155 -14.84 29.82 4.50
C ALA B 155 -14.10 28.61 3.96
N ALA B 156 -14.81 27.74 3.24
CA ALA B 156 -14.23 26.51 2.72
C ALA B 156 -12.99 26.72 1.82
N LYS B 157 -13.06 27.72 0.92
CA LYS B 157 -11.96 27.98 -0.01
C LYS B 157 -11.05 29.11 0.44
N VAL B 158 -11.26 29.61 1.65
CA VAL B 158 -10.40 30.62 2.22
C VAL B 158 -9.28 30.02 3.07
N GLY B 159 -9.66 29.12 3.97
CA GLY B 159 -8.70 28.47 4.85
C GLY B 159 -7.93 27.39 4.14
N PRO B 160 -7.19 26.58 4.90
CA PRO B 160 -6.47 25.44 4.33
C PRO B 160 -7.43 24.41 3.71
N ALA B 161 -6.92 23.57 2.81
CA ALA B 161 -7.74 22.56 2.11
C ALA B 161 -8.44 21.62 3.08
N VAL B 162 -7.70 21.16 4.09
CA VAL B 162 -8.32 20.40 5.16
C VAL B 162 -8.06 21.14 6.47
N PRO B 163 -9.03 21.99 6.86
CA PRO B 163 -8.96 22.91 8.01
C PRO B 163 -9.54 22.32 9.29
N THR B 164 -9.19 22.90 10.42
CA THR B 164 -9.77 22.45 11.68
C THR B 164 -10.79 23.43 12.25
N ALA B 165 -11.73 22.91 13.03
CA ALA B 165 -12.89 23.66 13.48
C ALA B 165 -12.55 24.75 14.49
N ASP B 166 -13.33 25.83 14.44
CA ASP B 166 -13.26 26.87 15.45
C ASP B 166 -14.24 26.58 16.59
N ALA B 167 -15.42 26.10 16.20
CA ALA B 167 -16.45 25.71 17.15
C ALA B 167 -17.15 24.47 16.67
N THR B 168 -17.62 23.67 17.63
CA THR B 168 -18.67 22.73 17.36
C THR B 168 -19.94 23.51 17.55
N LEU B 169 -20.85 23.41 16.58
CA LEU B 169 -22.19 23.98 16.74
C LEU B 169 -23.18 22.88 17.08
N ILE B 170 -23.99 23.10 18.11
CA ILE B 170 -25.14 22.24 18.41
C ILE B 170 -26.40 23.04 18.14
N ASN B 171 -27.30 22.50 17.33
CA ASN B 171 -28.51 23.23 16.95
C ASN B 171 -28.17 24.66 16.56
N GLY B 172 -26.99 24.82 15.96
CA GLY B 172 -26.59 26.07 15.35
C GLY B 172 -25.84 27.07 16.23
N LEU B 173 -25.61 26.71 17.49
CA LEU B 173 -24.98 27.61 18.45
C LEU B 173 -23.84 26.93 19.21
N GLY B 174 -22.87 27.70 19.68
CA GLY B 174 -21.74 27.15 20.39
C GLY B 174 -20.62 28.16 20.50
N ARG B 175 -19.50 27.76 21.08
CA ARG B 175 -18.43 28.70 21.41
C ARG B 175 -17.06 28.31 20.83
N SER B 176 -16.24 29.32 20.54
CA SER B 176 -14.84 29.12 20.16
C SER B 176 -13.96 29.74 21.23
N ILE B 177 -12.67 29.39 21.24
CA ILE B 177 -11.80 29.87 22.31
C ILE B 177 -11.63 31.38 22.36
N ASP B 178 -12.18 32.09 21.37
CA ASP B 178 -12.20 33.54 21.37
C ASP B 178 -13.53 34.11 21.80
N THR B 179 -14.52 33.24 21.93
CA THR B 179 -15.88 33.71 22.14
C THR B 179 -16.55 32.96 23.28
N LEU B 180 -15.83 32.85 24.40
CA LEU B 180 -16.27 32.03 25.52
C LEU B 180 -17.65 32.42 26.05
N ASN B 181 -18.16 33.58 25.63
CA ASN B 181 -19.43 34.09 26.14
C ASN B 181 -20.56 34.14 25.13
N ALA B 182 -20.45 33.37 24.07
CA ALA B 182 -21.53 33.32 23.13
C ALA B 182 -22.70 32.56 23.74
N ASP B 183 -23.90 32.75 23.21
CA ASP B 183 -25.05 31.99 23.63
C ASP B 183 -24.91 30.52 23.26
N LEU B 184 -25.42 29.64 24.12
CA LEU B 184 -25.44 28.21 23.82
C LEU B 184 -26.84 27.72 23.54
N ALA B 185 -26.95 26.70 22.69
CA ALA B 185 -28.23 26.05 22.41
C ALA B 185 -28.87 25.56 23.71
N VAL B 186 -30.18 25.76 23.84
CA VAL B 186 -30.87 25.24 24.97
C VAL B 186 -31.95 24.30 24.51
N ILE B 187 -31.81 23.04 24.90
CA ILE B 187 -32.76 21.99 24.59
C ILE B 187 -33.56 21.74 25.86
N THR B 188 -34.85 22.11 25.83
CA THR B 188 -35.74 22.05 26.99
C THR B 188 -36.56 20.74 27.07
N VAL B 189 -36.54 20.07 28.21
CA VAL B 189 -37.46 18.96 28.46
C VAL B 189 -38.33 19.17 29.71
N THR B 190 -39.41 18.43 29.76
CA THR B 190 -40.30 18.50 30.91
C THR B 190 -40.08 17.26 31.76
N LYS B 191 -39.81 17.45 33.05
CA LYS B 191 -39.55 16.33 33.94
C LYS B 191 -40.71 15.37 33.87
N GLY B 192 -40.37 14.08 33.76
CA GLY B 192 -41.36 13.01 33.76
C GLY B 192 -41.70 12.50 32.36
N LYS B 193 -41.29 13.22 31.33
CA LYS B 193 -41.62 12.81 29.96
C LYS B 193 -40.47 12.18 29.19
N ARG B 194 -40.83 11.42 28.17
CA ARG B 194 -39.85 10.65 27.41
C ARG B 194 -39.70 11.30 26.04
N TYR B 195 -38.45 11.58 25.69
CA TYR B 195 -38.18 12.36 24.48
C TYR B 195 -37.46 11.55 23.45
N ARG B 196 -37.99 11.52 22.22
CA ARG B 196 -37.26 10.93 21.10
C ARG B 196 -36.40 12.00 20.45
N PHE B 197 -35.11 11.95 20.73
CA PHE B 197 -34.16 12.88 20.16
C PHE B 197 -33.61 12.27 18.89
N ARG B 198 -33.70 13.04 17.81
CA ARG B 198 -33.08 12.66 16.55
C ARG B 198 -31.79 13.48 16.35
N LEU B 199 -30.66 12.78 16.36
CA LEU B 199 -29.33 13.36 16.33
C LEU B 199 -28.68 13.31 14.94
N VAL B 200 -28.30 14.48 14.46
CA VAL B 200 -27.86 14.60 13.07
C VAL B 200 -26.52 15.27 12.99
N SER B 201 -25.57 14.59 12.38
CA SER B 201 -24.28 15.19 12.08
C SER B 201 -24.32 15.91 10.74
N LEU B 202 -24.32 17.23 10.77
CA LEU B 202 -24.21 18.02 9.54
C LEU B 202 -22.76 18.37 9.37
N SER B 203 -21.91 17.61 10.06
CA SER B 203 -20.47 17.83 10.11
C SER B 203 -19.81 17.72 8.74
N CYS B 204 -18.62 18.32 8.61
CA CYS B 204 -17.86 18.26 7.36
C CYS B 204 -16.61 17.41 7.49
N ASP B 205 -16.33 16.97 8.71
CA ASP B 205 -15.04 16.35 8.94
C ASP B 205 -15.02 15.68 10.32
N PRO B 206 -14.94 16.47 11.39
CA PRO B 206 -14.76 15.86 12.71
C PRO B 206 -15.95 15.04 13.15
N ASN B 207 -15.70 13.91 13.79
CA ASN B 207 -16.75 13.13 14.43
C ASN B 207 -16.92 13.64 15.87
N HIS B 208 -18.05 13.32 16.50
CA HIS B 208 -18.29 13.81 17.84
C HIS B 208 -18.70 12.70 18.82
N THR B 209 -18.04 12.65 19.96
CA THR B 209 -18.49 11.82 21.06
C THR B 209 -19.49 12.63 21.85
N PHE B 210 -20.70 12.09 21.93
CA PHE B 210 -21.85 12.84 22.43
C PHE B 210 -22.36 12.15 23.65
N SER B 211 -22.69 12.96 24.66
CA SER B 211 -23.20 12.51 25.94
C SER B 211 -23.98 13.63 26.64
N ILE B 212 -24.90 13.22 27.49
CA ILE B 212 -25.63 14.15 28.32
C ILE B 212 -25.31 13.79 29.76
N ASP B 213 -24.82 14.76 30.52
CA ASP B 213 -24.47 14.49 31.92
C ASP B 213 -25.66 13.91 32.68
N GLY B 214 -25.42 12.81 33.39
CA GLY B 214 -26.41 12.28 34.30
C GLY B 214 -27.64 11.70 33.64
N HIS B 215 -27.51 11.27 32.38
CA HIS B 215 -28.63 10.74 31.61
C HIS B 215 -28.14 9.66 30.70
N SER B 216 -28.85 8.53 30.73
CA SER B 216 -28.60 7.44 29.79
C SER B 216 -29.36 7.73 28.52
N LEU B 217 -28.98 7.04 27.45
CA LEU B 217 -29.62 7.17 26.15
C LEU B 217 -30.02 5.80 25.61
N THR B 218 -31.26 5.68 25.14
CA THR B 218 -31.69 4.44 24.50
C THR B 218 -31.83 4.62 23.00
N VAL B 219 -30.94 3.98 22.26
CA VAL B 219 -30.82 4.17 20.84
C VAL B 219 -31.75 3.23 20.09
N ILE B 220 -32.58 3.78 19.21
CA ILE B 220 -33.61 3.00 18.52
C ILE B 220 -33.54 3.11 17.00
N GLU B 221 -32.58 3.90 16.51
CA GLU B 221 -32.45 4.11 15.08
C GLU B 221 -31.02 4.50 14.72
N ALA B 222 -30.55 3.96 13.60
CA ALA B 222 -29.27 4.34 13.01
C ALA B 222 -29.55 4.71 11.56
N ASP B 223 -29.03 5.85 11.15
CA ASP B 223 -29.40 6.49 9.88
C ASP B 223 -30.92 6.46 9.66
N SER B 224 -31.40 5.70 8.69
CA SER B 224 -32.85 5.58 8.55
C SER B 224 -33.41 4.21 8.99
N VAL B 225 -32.60 3.44 9.72
CA VAL B 225 -32.92 2.04 10.02
C VAL B 225 -33.31 1.77 11.47
N ASN B 226 -34.53 1.28 11.68
CA ASN B 226 -35.00 0.95 13.02
C ASN B 226 -34.19 -0.16 13.67
N LEU B 227 -33.81 0.04 14.94
CA LEU B 227 -32.98 -0.90 15.70
C LEU B 227 -33.73 -1.51 16.89
N LYS B 228 -33.21 -2.62 17.42
CA LYS B 228 -33.60 -3.03 18.78
C LYS B 228 -33.02 -2.01 19.74
N PRO B 229 -33.82 -1.59 20.73
CA PRO B 229 -33.33 -0.55 21.64
C PRO B 229 -32.05 -0.99 22.32
N GLN B 230 -31.18 -0.03 22.56
CA GLN B 230 -29.85 -0.30 23.07
C GLN B 230 -29.51 0.82 24.02
N THR B 231 -29.29 0.49 25.28
CA THR B 231 -28.91 1.51 26.25
C THR B 231 -27.41 1.82 26.15
N VAL B 232 -27.09 3.11 26.00
CA VAL B 232 -25.71 3.58 25.97
C VAL B 232 -25.59 4.81 26.87
N ASP B 233 -24.38 5.20 27.25
CA ASP B 233 -24.20 6.46 27.98
C ASP B 233 -23.33 7.47 27.22
N SER B 234 -22.86 7.08 26.05
CA SER B 234 -22.29 8.03 25.08
C SER B 234 -22.39 7.48 23.65
N ILE B 235 -22.29 8.38 22.67
CA ILE B 235 -22.39 7.99 21.27
C ILE B 235 -21.34 8.74 20.43
N GLN B 236 -20.41 8.00 19.85
CA GLN B 236 -19.55 8.57 18.85
C GLN B 236 -20.28 8.59 17.51
N ILE B 237 -20.60 9.80 17.02
CA ILE B 237 -21.26 9.92 15.73
C ILE B 237 -20.33 10.51 14.68
N PHE B 238 -20.28 9.86 13.52
CA PHE B 238 -19.41 10.29 12.44
C PHE B 238 -20.15 11.15 11.46
N ALA B 239 -19.42 11.98 10.73
CA ALA B 239 -20.03 12.91 9.79
C ALA B 239 -21.08 12.21 8.91
N ALA B 240 -22.25 12.84 8.81
CA ALA B 240 -23.32 12.34 7.94
C ALA B 240 -24.23 11.25 8.56
N GLN B 241 -23.76 10.57 9.60
CA GLN B 241 -24.60 9.60 10.33
C GLN B 241 -25.69 10.29 11.14
N ARG B 242 -26.71 9.51 11.51
CA ARG B 242 -27.75 9.95 12.45
C ARG B 242 -28.09 8.85 13.47
N TYR B 243 -28.55 9.24 14.63
CA TYR B 243 -29.02 8.26 15.59
C TYR B 243 -30.30 8.80 16.23
N SER B 244 -31.26 7.93 16.49
CA SER B 244 -32.40 8.33 17.31
C SER B 244 -32.17 7.76 18.69
N PHE B 245 -32.37 8.57 19.71
CA PHE B 245 -32.37 8.04 21.07
C PHE B 245 -33.52 8.58 21.90
N VAL B 246 -34.10 7.71 22.71
CA VAL B 246 -35.06 8.13 23.70
C VAL B 246 -34.28 8.54 24.95
N LEU B 247 -34.67 9.69 25.50
CA LEU B 247 -34.14 10.16 26.76
C LEU B 247 -35.26 10.29 27.79
N ASN B 248 -34.93 10.06 29.06
CA ASN B 248 -35.91 10.16 30.15
C ASN B 248 -35.69 11.34 31.07
N ALA B 249 -36.54 12.36 30.98
CA ALA B 249 -36.46 13.49 31.90
C ALA B 249 -36.94 13.03 33.26
N ASP B 250 -36.04 12.38 34.02
CA ASP B 250 -36.41 11.75 35.26
C ASP B 250 -35.40 12.01 36.37
N GLN B 251 -34.35 12.74 36.01
CA GLN B 251 -33.44 13.28 36.99
C GLN B 251 -34.08 14.51 37.61
N ASP B 252 -33.40 15.11 38.59
CA ASP B 252 -33.89 16.34 39.22
C ASP B 252 -33.86 17.52 38.24
N VAL B 253 -34.86 18.38 38.35
CA VAL B 253 -34.91 19.64 37.60
C VAL B 253 -33.64 20.46 37.76
N ASP B 254 -32.82 20.46 36.71
CA ASP B 254 -31.56 21.19 36.76
C ASP B 254 -31.17 21.61 35.36
N ASN B 255 -29.91 21.99 35.19
CA ASN B 255 -29.31 22.13 33.87
C ASN B 255 -28.20 21.10 33.80
N TYR B 256 -28.17 20.34 32.71
CA TYR B 256 -27.16 19.29 32.53
C TYR B 256 -26.42 19.59 31.24
N TRP B 257 -25.08 19.51 31.23
CA TRP B 257 -24.30 19.75 30.01
C TRP B 257 -24.66 18.79 28.89
N ILE B 258 -24.65 19.29 27.67
CA ILE B 258 -24.70 18.41 26.52
C ILE B 258 -23.33 18.46 25.94
N ARG B 259 -22.63 17.35 25.95
CA ARG B 259 -21.30 17.33 25.41
C ARG B 259 -21.22 16.75 23.99
N ALA B 260 -20.43 17.37 23.15
CA ALA B 260 -20.21 16.91 21.78
C ALA B 260 -18.71 17.05 21.47
N LEU B 261 -17.90 16.04 21.81
CA LEU B 261 -16.43 16.14 21.67
C LEU B 261 -15.86 15.75 20.31
N PRO B 262 -15.19 16.69 19.63
CA PRO B 262 -14.71 16.40 18.28
C PRO B 262 -13.39 15.66 18.38
N ASN B 263 -13.05 14.89 17.35
CA ASN B 263 -11.79 14.14 17.36
C ASN B 263 -10.60 15.00 16.94
N SER B 264 -10.88 16.17 16.41
CA SER B 264 -9.83 17.13 16.08
C SER B 264 -10.25 18.50 16.58
N GLY B 265 -9.29 19.42 16.65
CA GLY B 265 -9.59 20.80 17.00
C GLY B 265 -9.49 21.11 18.48
N THR B 266 -10.41 21.90 19.00
CA THR B 266 -10.50 22.05 20.44
C THR B 266 -11.08 20.77 21.02
N ARG B 267 -10.32 20.09 21.87
CA ARG B 267 -10.74 18.78 22.35
C ARG B 267 -10.95 18.75 23.85
N ASN B 268 -11.61 19.80 24.34
CA ASN B 268 -12.01 19.88 25.73
C ASN B 268 -13.33 20.62 25.82
N PHE B 269 -13.70 21.01 27.04
CA PHE B 269 -14.92 21.75 27.26
C PHE B 269 -14.63 23.05 28.04
N ASP B 270 -13.38 23.51 28.05
CA ASP B 270 -13.03 24.76 28.71
C ASP B 270 -13.79 25.97 28.15
N GLY B 271 -14.49 26.69 29.03
CA GLY B 271 -15.24 27.87 28.63
C GLY B 271 -16.64 27.54 28.15
N GLY B 272 -16.93 26.24 28.03
CA GLY B 272 -18.21 25.78 27.52
C GLY B 272 -18.23 25.63 26.00
N VAL B 273 -17.06 25.56 25.37
CA VAL B 273 -16.99 25.11 23.99
C VAL B 273 -17.42 23.65 23.90
N ASN B 274 -17.83 23.24 22.70
CA ASN B 274 -18.24 21.88 22.39
C ASN B 274 -19.44 21.44 23.21
N SER B 275 -20.21 22.42 23.65
CA SER B 275 -21.23 22.14 24.65
C SER B 275 -22.54 22.79 24.27
N ALA B 276 -23.63 22.19 24.73
CA ALA B 276 -24.91 22.90 24.84
C ALA B 276 -25.55 22.66 26.22
N ILE B 277 -26.75 23.16 26.44
CA ILE B 277 -27.43 22.94 27.71
C ILE B 277 -28.69 22.12 27.55
N LEU B 278 -28.90 21.16 28.45
CA LEU B 278 -30.21 20.54 28.61
C LEU B 278 -30.83 21.13 29.85
N ARG B 279 -32.04 21.66 29.70
CA ARG B 279 -32.67 22.36 30.79
C ARG B 279 -34.02 21.78 31.08
N TYR B 280 -34.25 21.42 32.34
CA TYR B 280 -35.58 20.96 32.73
C TYR B 280 -36.47 22.19 32.85
N ASP B 281 -37.68 22.10 32.33
CA ASP B 281 -38.64 23.18 32.44
C ASP B 281 -38.74 23.61 33.92
N GLY B 282 -38.43 24.88 34.18
CA GLY B 282 -38.48 25.42 35.53
C GLY B 282 -37.15 25.64 36.20
N ALA B 283 -36.07 25.20 35.59
CA ALA B 283 -34.75 25.43 36.16
C ALA B 283 -34.23 26.79 35.73
N ALA B 284 -33.19 27.23 36.44
CA ALA B 284 -32.67 28.59 36.33
C ALA B 284 -32.00 28.89 34.98
N PRO B 285 -32.06 30.16 34.57
CA PRO B 285 -31.55 30.68 33.29
C PRO B 285 -30.04 30.81 33.27
N VAL B 286 -29.32 29.77 33.70
CA VAL B 286 -27.86 29.82 33.80
C VAL B 286 -27.17 28.55 33.29
N GLU B 287 -25.84 28.60 33.18
CA GLU B 287 -25.09 27.44 32.72
C GLU B 287 -25.26 26.29 33.69
N PRO B 288 -25.02 25.06 33.23
CA PRO B 288 -25.05 23.88 34.10
C PRO B 288 -23.81 23.83 34.96
N THR B 289 -23.85 23.00 35.99
CA THR B 289 -22.70 22.83 36.88
C THR B 289 -22.29 21.37 36.98
N THR B 290 -22.97 20.52 36.21
CA THR B 290 -22.70 19.09 36.20
C THR B 290 -21.27 18.77 35.77
N THR B 291 -20.77 17.63 36.25
CA THR B 291 -19.47 17.13 35.82
C THR B 291 -19.67 15.83 35.09
N GLN B 292 -18.87 15.63 34.06
CA GLN B 292 -18.98 14.44 33.26
C GLN B 292 -18.35 13.28 34.04
N THR B 293 -18.87 12.08 33.84
CA THR B 293 -18.19 10.90 34.35
C THR B 293 -17.87 10.00 33.18
N PRO B 294 -16.79 9.21 33.31
CA PRO B 294 -16.37 8.35 32.19
C PRO B 294 -17.50 7.43 31.71
N SER B 295 -17.65 7.35 30.39
CA SER B 295 -18.72 6.58 29.78
C SER B 295 -18.43 5.07 29.72
N THR B 296 -19.24 4.28 30.41
CA THR B 296 -19.00 2.84 30.55
C THR B 296 -19.81 1.97 29.59
N GLN B 297 -20.85 2.56 29.00
CA GLN B 297 -21.63 1.87 28.00
C GLN B 297 -21.65 2.69 26.71
N PRO B 298 -20.46 2.87 26.09
CA PRO B 298 -20.41 3.57 24.82
C PRO B 298 -21.06 2.73 23.74
N LEU B 299 -21.68 3.39 22.79
CA LEU B 299 -22.25 2.68 21.67
C LEU B 299 -21.12 1.93 20.95
N VAL B 300 -21.36 0.64 20.71
CA VAL B 300 -20.52 -0.17 19.85
C VAL B 300 -21.36 -0.60 18.64
N GLU B 301 -20.90 -0.28 17.44
CA GLU B 301 -21.74 -0.49 16.27
C GLU B 301 -22.05 -1.96 16.00
N SER B 302 -21.05 -2.81 16.19
CA SER B 302 -21.16 -4.23 15.92
C SER B 302 -22.18 -4.89 16.84
N ALA B 303 -22.59 -4.16 17.88
CA ALA B 303 -23.55 -4.64 18.87
C ALA B 303 -24.98 -4.17 18.60
N LEU B 304 -25.17 -3.31 17.60
CA LEU B 304 -26.50 -2.88 17.16
C LEU B 304 -27.11 -3.91 16.23
N THR B 305 -28.44 -4.01 16.22
CA THR B 305 -29.14 -4.85 15.24
C THR B 305 -30.43 -4.18 14.77
N THR B 306 -30.85 -4.48 13.55
CA THR B 306 -32.09 -3.92 13.04
C THR B 306 -33.25 -4.51 13.82
N LEU B 307 -34.36 -3.78 13.86
CA LEU B 307 -35.54 -4.23 14.61
C LEU B 307 -36.08 -5.54 14.05
N GLU B 308 -36.14 -5.63 12.72
CA GLU B 308 -36.61 -6.82 11.99
C GLU B 308 -35.78 -8.08 12.31
N GLY B 309 -34.51 -7.89 12.63
CA GLY B 309 -33.57 -9.00 12.81
C GLY B 309 -33.01 -9.42 11.47
N THR B 310 -33.57 -8.84 10.42
CA THR B 310 -33.19 -9.09 9.04
C THR B 310 -31.69 -9.35 8.81
N ALA B 311 -31.40 -10.34 7.96
CA ALA B 311 -30.04 -10.76 7.65
C ALA B 311 -29.44 -10.02 6.44
N ALA B 312 -28.14 -10.19 6.23
CA ALA B 312 -27.44 -9.52 5.13
C ALA B 312 -27.80 -10.10 3.75
N PRO B 313 -27.67 -9.30 2.69
CA PRO B 313 -27.87 -9.81 1.33
C PRO B 313 -26.84 -10.86 1.01
N GLY B 314 -27.26 -12.03 0.54
CA GLY B 314 -26.30 -13.03 0.10
C GLY B 314 -26.18 -14.28 0.96
N ASN B 315 -24.95 -14.78 1.08
CA ASN B 315 -24.71 -16.01 1.83
C ASN B 315 -23.72 -15.83 2.97
N PRO B 316 -23.97 -16.53 4.08
CA PRO B 316 -23.19 -16.54 5.31
C PRO B 316 -21.74 -16.99 5.12
N THR B 317 -21.01 -16.36 4.21
CA THR B 317 -19.61 -16.72 3.94
C THR B 317 -18.93 -15.62 3.14
N PRO B 318 -17.61 -15.43 3.36
CA PRO B 318 -16.86 -14.32 2.74
C PRO B 318 -16.78 -14.36 1.21
N GLY B 319 -17.55 -15.23 0.57
CA GLY B 319 -17.62 -15.28 -0.88
C GLY B 319 -19.05 -15.26 -1.39
N GLY B 320 -20.01 -15.24 -0.46
CA GLY B 320 -21.41 -15.50 -0.76
C GLY B 320 -22.18 -14.40 -1.45
N VAL B 321 -21.49 -13.62 -2.29
CA VAL B 321 -22.16 -12.59 -3.08
C VAL B 321 -21.85 -12.76 -4.56
N ASP B 322 -22.65 -12.10 -5.40
CA ASP B 322 -22.50 -12.20 -6.84
C ASP B 322 -21.30 -11.41 -7.32
N LEU B 323 -20.76 -10.57 -6.44
CA LEU B 323 -19.63 -9.74 -6.80
C LEU B 323 -19.08 -9.03 -5.57
N ALA B 324 -17.80 -9.25 -5.31
CA ALA B 324 -17.13 -8.55 -4.23
C ALA B 324 -16.23 -7.48 -4.82
N LEU B 325 -16.38 -6.24 -4.35
CA LEU B 325 -15.41 -5.21 -4.72
C LEU B 325 -14.56 -4.84 -3.50
N ASN B 326 -13.28 -4.59 -3.73
CA ASN B 326 -12.44 -4.06 -2.67
C ASN B 326 -11.96 -2.65 -3.00
N MET B 327 -12.02 -1.74 -2.03
CA MET B 327 -11.50 -0.39 -2.24
C MET B 327 -10.20 -0.15 -1.46
N ALA B 328 -9.08 -0.12 -2.17
CA ALA B 328 -7.82 0.17 -1.52
C ALA B 328 -7.55 1.67 -1.45
N PHE B 329 -7.46 2.21 -0.24
CA PHE B 329 -7.20 3.63 -0.04
C PHE B 329 -5.73 4.01 -0.32
N GLY B 330 -5.53 5.25 -0.76
CA GLY B 330 -4.21 5.82 -0.99
C GLY B 330 -4.28 7.34 -0.95
N PHE B 331 -3.14 7.99 -1.14
CA PHE B 331 -3.10 9.45 -1.13
C PHE B 331 -1.78 9.92 -1.71
N ALA B 332 -1.87 10.69 -2.80
CA ALA B 332 -0.69 11.12 -3.53
C ALA B 332 -1.04 12.25 -4.51
N GLY B 333 -0.26 13.32 -4.44
CA GLY B 333 -0.51 14.51 -5.23
C GLY B 333 -1.32 15.50 -4.40
N GLY B 334 -1.50 15.15 -3.13
CA GLY B 334 -2.44 15.89 -2.29
C GLY B 334 -3.85 15.50 -2.68
N ARG B 335 -3.96 14.35 -3.34
CA ARG B 335 -5.25 13.79 -3.75
C ARG B 335 -5.44 12.44 -3.08
N PHE B 336 -6.68 12.12 -2.73
CA PHE B 336 -7.03 10.77 -2.30
C PHE B 336 -7.18 9.84 -3.51
N THR B 337 -7.05 8.54 -3.29
CA THR B 337 -7.15 7.58 -4.37
C THR B 337 -7.91 6.35 -3.92
N ILE B 338 -8.71 5.78 -4.81
CA ILE B 338 -9.31 4.47 -4.55
C ILE B 338 -9.00 3.48 -5.67
N ASN B 339 -8.10 2.54 -5.37
CA ASN B 339 -7.67 1.52 -6.34
C ASN B 339 -6.86 2.11 -7.47
N GLY B 340 -6.15 3.21 -7.19
CA GLY B 340 -5.32 3.83 -8.19
C GLY B 340 -5.92 5.06 -8.82
N ALA B 341 -7.25 5.22 -8.67
CA ALA B 341 -7.93 6.37 -9.26
C ALA B 341 -8.29 7.43 -8.24
N SER B 342 -8.10 8.68 -8.63
CA SER B 342 -8.62 9.81 -7.87
C SER B 342 -9.83 10.32 -8.64
N PHE B 343 -10.92 10.58 -7.94
CA PHE B 343 -12.11 11.05 -8.64
C PHE B 343 -12.00 12.53 -8.94
N THR B 344 -12.19 12.88 -10.22
CA THR B 344 -12.29 14.27 -10.63
C THR B 344 -13.63 14.45 -11.34
N PRO B 345 -14.40 15.46 -10.94
CA PRO B 345 -15.73 15.71 -11.54
C PRO B 345 -15.62 15.90 -13.05
N PRO B 346 -16.42 15.14 -13.81
CA PRO B 346 -16.52 15.11 -15.28
C PRO B 346 -17.34 16.27 -15.84
N THR B 347 -17.01 16.75 -17.04
CA THR B 347 -17.77 17.87 -17.62
C THR B 347 -19.20 17.44 -17.94
N VAL B 348 -19.37 16.15 -18.21
CA VAL B 348 -20.70 15.60 -18.44
C VAL B 348 -21.08 14.75 -17.25
N PRO B 349 -22.26 15.02 -16.67
CA PRO B 349 -22.65 14.24 -15.49
C PRO B 349 -22.79 12.78 -15.88
N VAL B 350 -22.34 11.88 -15.02
CA VAL B 350 -22.41 10.44 -15.27
C VAL B 350 -23.78 10.02 -15.81
N LEU B 351 -24.85 10.50 -15.19
CA LEU B 351 -26.20 10.12 -15.60
C LEU B 351 -26.46 10.44 -17.06
N LEU B 352 -26.06 11.63 -17.50
CA LEU B 352 -26.31 12.07 -18.86
C LEU B 352 -25.38 11.35 -19.84
N GLN B 353 -24.25 10.87 -19.35
CA GLN B 353 -23.39 10.04 -20.18
C GLN B 353 -24.16 8.77 -20.51
N ILE B 354 -24.94 8.31 -19.55
CA ILE B 354 -25.65 7.04 -19.67
C ILE B 354 -26.93 7.13 -20.51
N LEU B 355 -27.71 8.19 -20.30
CA LEU B 355 -28.92 8.40 -21.09
C LEU B 355 -28.58 8.76 -22.52
N SER B 356 -27.30 9.04 -22.77
CA SER B 356 -26.81 9.21 -24.12
C SER B 356 -26.65 7.85 -24.82
N GLY B 357 -25.74 7.02 -24.33
CA GLY B 357 -25.58 5.68 -24.89
C GLY B 357 -24.48 4.81 -24.33
N ALA B 358 -23.76 5.28 -23.33
CA ALA B 358 -22.71 4.49 -22.69
C ALA B 358 -23.25 3.16 -22.18
N GLN B 359 -22.49 2.07 -22.37
CA GLN B 359 -22.94 0.74 -21.97
C GLN B 359 -22.11 0.12 -20.84
N SER B 360 -20.85 0.54 -20.73
CA SER B 360 -19.91 -0.05 -19.77
C SER B 360 -19.24 1.00 -18.90
N ALA B 361 -18.48 0.54 -17.91
CA ALA B 361 -17.74 1.44 -17.04
C ALA B 361 -16.68 2.19 -17.83
N GLN B 362 -16.03 1.48 -18.75
CA GLN B 362 -14.94 2.03 -19.56
C GLN B 362 -15.39 3.17 -20.48
N ASP B 363 -16.67 3.18 -20.82
CA ASP B 363 -17.23 4.23 -21.68
C ASP B 363 -17.57 5.46 -20.85
N LEU B 364 -17.23 5.42 -19.56
CA LEU B 364 -17.66 6.46 -18.60
C LEU B 364 -16.52 7.26 -17.97
N LEU B 365 -16.73 8.58 -17.84
CA LEU B 365 -15.77 9.47 -17.19
C LEU B 365 -16.20 9.82 -15.76
N PRO B 366 -15.22 10.03 -14.86
CA PRO B 366 -13.78 9.85 -15.11
C PRO B 366 -13.39 8.37 -15.13
N SER B 367 -12.54 8.00 -16.08
CA SER B 367 -12.09 6.62 -16.23
C SER B 367 -11.39 6.17 -14.96
N GLY B 368 -11.59 4.92 -14.59
CA GLY B 368 -10.90 4.36 -13.45
C GLY B 368 -11.65 4.54 -12.14
N SER B 369 -12.70 5.35 -12.15
CA SER B 369 -13.42 5.69 -10.93
C SER B 369 -14.83 5.11 -10.90
N VAL B 370 -15.22 4.42 -11.97
CA VAL B 370 -16.59 3.93 -12.12
C VAL B 370 -16.66 2.41 -12.13
N TYR B 371 -17.67 1.87 -11.46
CA TYR B 371 -17.79 0.44 -11.31
C TYR B 371 -19.18 0.00 -11.73
N SER B 372 -19.26 -0.86 -12.74
CA SER B 372 -20.54 -1.33 -13.22
C SER B 372 -21.04 -2.55 -12.46
N LEU B 373 -22.08 -2.34 -11.64
CA LEU B 373 -22.72 -3.44 -10.91
C LEU B 373 -23.88 -3.98 -11.73
N PRO B 374 -24.02 -5.31 -11.80
CA PRO B 374 -25.17 -5.92 -12.49
C PRO B 374 -26.46 -5.69 -11.72
N ALA B 375 -27.56 -6.27 -12.20
CA ALA B 375 -28.85 -6.05 -11.56
C ALA B 375 -29.28 -7.29 -10.76
N ASN B 376 -30.10 -7.08 -9.75
CA ASN B 376 -30.62 -8.19 -8.95
C ASN B 376 -29.52 -9.07 -8.35
N ALA B 377 -28.41 -8.45 -7.98
CA ALA B 377 -27.29 -9.21 -7.43
C ALA B 377 -26.96 -8.76 -6.03
N ASP B 378 -26.24 -9.61 -5.32
CA ASP B 378 -25.77 -9.27 -4.01
C ASP B 378 -24.33 -8.81 -4.14
N ILE B 379 -24.09 -7.57 -3.72
CA ILE B 379 -22.81 -6.93 -3.86
C ILE B 379 -22.14 -6.89 -2.50
N GLU B 380 -20.81 -7.01 -2.47
CA GLU B 380 -20.06 -6.85 -1.24
C GLU B 380 -18.86 -5.96 -1.45
N ILE B 381 -18.79 -4.89 -0.64
CA ILE B 381 -17.64 -4.01 -0.68
C ILE B 381 -16.86 -4.10 0.62
N SER B 382 -15.53 -4.09 0.51
CA SER B 382 -14.71 -3.97 1.70
C SER B 382 -13.83 -2.74 1.54
N LEU B 383 -13.68 -1.97 2.62
CA LEU B 383 -12.96 -0.71 2.59
C LEU B 383 -11.88 -0.66 3.65
N PRO B 384 -10.85 -1.50 3.52
CA PRO B 384 -9.77 -1.59 4.50
C PRO B 384 -9.11 -0.25 4.84
N ALA B 385 -9.23 0.10 6.12
CA ALA B 385 -8.58 1.25 6.73
C ALA B 385 -7.05 1.17 6.58
N THR B 386 -6.43 2.33 6.40
CA THR B 386 -4.99 2.41 6.23
C THR B 386 -4.47 3.80 6.59
N SER B 387 -3.24 3.83 7.10
CA SER B 387 -2.56 5.07 7.41
C SER B 387 -2.19 5.81 6.14
N ALA B 388 -2.27 5.10 5.02
CA ALA B 388 -1.92 5.67 3.73
C ALA B 388 -2.96 6.70 3.30
N ALA B 389 -4.11 6.67 3.97
CA ALA B 389 -5.18 7.63 3.76
C ALA B 389 -5.36 8.46 5.02
N PRO B 390 -4.61 9.57 5.12
CA PRO B 390 -4.63 10.47 6.29
C PRO B 390 -6.01 11.01 6.62
N GLY B 391 -6.22 11.25 7.91
CA GLY B 391 -7.48 11.79 8.38
C GLY B 391 -8.54 10.73 8.63
N PHE B 392 -8.12 9.50 8.85
CA PHE B 392 -9.07 8.48 9.28
C PHE B 392 -9.61 8.78 10.70
N PRO B 393 -10.77 8.19 11.06
CA PRO B 393 -11.49 7.21 10.23
C PRO B 393 -12.36 7.91 9.20
N HIS B 394 -12.32 7.45 7.96
CA HIS B 394 -13.13 8.07 6.92
C HIS B 394 -14.51 7.46 6.92
N PRO B 395 -15.55 8.29 7.12
CA PRO B 395 -16.93 7.81 7.13
C PRO B 395 -17.45 7.74 5.71
N PHE B 396 -17.42 6.54 5.16
CA PHE B 396 -17.90 6.28 3.81
C PHE B 396 -19.42 6.14 3.75
N HIS B 397 -19.98 6.58 2.65
CA HIS B 397 -21.41 6.64 2.50
C HIS B 397 -21.78 6.23 1.08
N LEU B 398 -22.85 5.45 0.95
CA LEU B 398 -23.29 4.97 -0.35
C LEU B 398 -24.67 5.51 -0.68
N HIS B 399 -24.76 6.27 -1.78
CA HIS B 399 -26.04 6.81 -2.21
C HIS B 399 -27.04 5.73 -2.62
N GLY B 400 -28.31 6.10 -2.59
CA GLY B 400 -29.39 5.27 -3.09
C GLY B 400 -29.58 3.91 -2.44
N HIS B 401 -28.90 3.68 -1.32
CA HIS B 401 -28.96 2.37 -0.67
C HIS B 401 -28.82 2.45 0.84
N THR B 402 -29.49 1.54 1.52
CA THR B 402 -29.11 1.17 2.86
C THR B 402 -28.24 -0.07 2.68
N PHE B 403 -27.35 -0.32 3.61
CA PHE B 403 -26.50 -1.50 3.51
C PHE B 403 -26.27 -2.20 4.86
N ALA B 404 -26.01 -3.50 4.80
CA ALA B 404 -25.59 -4.28 5.95
C ALA B 404 -24.12 -4.05 6.26
N VAL B 405 -23.86 -3.51 7.44
CA VAL B 405 -22.51 -3.44 7.97
C VAL B 405 -22.20 -4.84 8.50
N VAL B 406 -21.79 -5.70 7.58
CA VAL B 406 -21.44 -7.07 7.94
C VAL B 406 -20.32 -7.07 8.98
N ARG B 407 -19.35 -6.17 8.79
CA ARG B 407 -18.23 -6.06 9.71
C ARG B 407 -17.88 -4.61 10.01
N SER B 408 -18.05 -4.22 11.26
CA SER B 408 -17.74 -2.85 11.69
C SER B 408 -16.29 -2.63 12.09
N ALA B 409 -15.96 -1.38 12.36
CA ALA B 409 -14.62 -1.01 12.79
C ALA B 409 -14.42 -1.36 14.25
N GLY B 410 -13.21 -1.82 14.58
CA GLY B 410 -12.87 -2.16 15.94
C GLY B 410 -13.59 -3.43 16.33
N SER B 411 -13.89 -4.23 15.32
CA SER B 411 -14.50 -5.53 15.52
C SER B 411 -13.93 -6.44 14.43
N SER B 412 -13.63 -7.68 14.80
CA SER B 412 -13.04 -8.61 13.84
C SER B 412 -14.11 -9.55 13.28
N THR B 413 -15.11 -9.87 14.10
CA THR B 413 -16.15 -10.80 13.68
C THR B 413 -16.95 -10.30 12.48
N TYR B 414 -17.44 -11.26 11.69
CA TYR B 414 -18.39 -10.99 10.61
C TYR B 414 -19.79 -11.44 11.00
N ASN B 415 -20.75 -10.53 10.89
CA ASN B 415 -22.13 -10.85 11.20
C ASN B 415 -22.99 -10.77 9.94
N TYR B 416 -23.27 -11.93 9.36
CA TYR B 416 -24.11 -12.03 8.17
C TYR B 416 -25.55 -12.27 8.60
N ALA B 417 -25.71 -12.64 9.87
CA ALA B 417 -27.01 -13.10 10.38
C ALA B 417 -27.98 -11.98 10.71
N ASN B 418 -27.55 -11.03 11.55
CA ASN B 418 -28.38 -9.89 11.93
C ASN B 418 -27.57 -8.59 12.21
N PRO B 419 -26.74 -8.19 11.24
CA PRO B 419 -25.85 -7.04 11.43
C PRO B 419 -26.66 -5.76 11.37
N VAL B 420 -26.09 -4.66 11.84
CA VAL B 420 -26.78 -3.38 11.73
C VAL B 420 -26.89 -2.96 10.25
N TYR B 421 -28.00 -2.32 9.89
CA TYR B 421 -28.11 -1.65 8.60
C TYR B 421 -28.00 -0.14 8.78
N ARG B 422 -27.42 0.53 7.77
CA ARG B 422 -27.38 1.99 7.71
C ARG B 422 -26.87 2.49 6.33
N ASP B 423 -26.64 3.81 6.18
CA ASP B 423 -26.12 4.38 4.92
C ASP B 423 -24.77 5.10 5.02
N VAL B 424 -24.23 5.21 6.22
CA VAL B 424 -22.93 5.86 6.45
C VAL B 424 -22.22 5.12 7.55
N VAL B 425 -21.02 4.64 7.23
CA VAL B 425 -20.25 3.84 8.19
C VAL B 425 -18.79 4.29 8.33
N SER B 426 -18.31 4.32 9.57
CA SER B 426 -16.91 4.58 9.82
C SER B 426 -16.06 3.42 9.31
N THR B 427 -15.02 3.73 8.54
CA THR B 427 -14.10 2.73 8.03
C THR B 427 -12.93 2.43 9.00
N GLY B 428 -12.91 3.12 10.12
CA GLY B 428 -11.98 2.83 11.21
C GLY B 428 -10.57 3.35 11.07
N SER B 429 -9.70 2.86 11.95
CA SER B 429 -8.28 3.19 11.95
C SER B 429 -7.51 1.91 11.60
N PRO B 430 -6.24 2.04 11.17
CA PRO B 430 -5.49 0.99 10.49
C PRO B 430 -5.61 -0.39 11.15
N GLY B 431 -5.83 -1.40 10.30
CA GLY B 431 -6.06 -2.74 10.80
C GLY B 431 -7.52 -3.14 10.63
N ASP B 432 -8.40 -2.14 10.65
CA ASP B 432 -9.79 -2.40 10.43
C ASP B 432 -10.04 -2.90 9.03
N ASN B 433 -11.14 -3.61 8.85
CA ASN B 433 -11.62 -3.96 7.53
C ASN B 433 -13.14 -3.95 7.41
N VAL B 434 -13.72 -2.75 7.54
CA VAL B 434 -15.16 -2.58 7.42
C VAL B 434 -15.64 -3.11 6.07
N THR B 435 -16.64 -4.00 6.13
CA THR B 435 -17.20 -4.61 4.94
C THR B 435 -18.71 -4.42 4.91
N ILE B 436 -19.27 -4.18 3.73
CA ILE B 436 -20.69 -3.90 3.62
C ILE B 436 -21.35 -4.71 2.48
N ARG B 437 -22.56 -5.17 2.71
CA ARG B 437 -23.31 -5.89 1.68
C ARG B 437 -24.60 -5.15 1.35
N PHE B 438 -25.01 -5.23 0.09
CA PHE B 438 -26.31 -4.71 -0.33
C PHE B 438 -26.75 -5.35 -1.65
N ARG B 439 -27.97 -5.06 -2.06
CA ARG B 439 -28.55 -5.63 -3.28
C ARG B 439 -28.86 -4.54 -4.32
N THR B 440 -28.89 -4.92 -5.60
CA THR B 440 -29.00 -3.94 -6.67
C THR B 440 -30.41 -3.82 -7.27
N ASP B 441 -31.28 -3.07 -6.58
CA ASP B 441 -32.67 -2.91 -7.00
C ASP B 441 -32.98 -1.48 -7.40
N ASN B 442 -31.95 -0.73 -7.75
CA ASN B 442 -32.07 0.71 -7.98
C ASN B 442 -31.19 1.21 -9.13
N PRO B 443 -31.63 1.00 -10.37
CA PRO B 443 -30.86 1.33 -11.59
C PRO B 443 -30.44 2.80 -11.66
N GLY B 444 -29.13 3.03 -11.75
CA GLY B 444 -28.60 4.38 -11.80
C GLY B 444 -27.16 4.50 -11.28
N PRO B 445 -26.50 5.63 -11.59
CA PRO B 445 -25.19 5.95 -11.03
C PRO B 445 -25.35 6.46 -9.59
N TRP B 446 -24.47 5.99 -8.70
CA TRP B 446 -24.55 6.33 -7.30
C TRP B 446 -23.17 6.65 -6.74
N PHE B 447 -23.05 7.79 -6.07
CA PHE B 447 -21.79 8.15 -5.44
C PHE B 447 -21.44 7.15 -4.33
N LEU B 448 -20.14 6.95 -4.14
CA LEU B 448 -19.63 6.27 -2.96
C LEU B 448 -18.34 6.98 -2.54
N HIS B 449 -18.38 7.63 -1.38
CA HIS B 449 -17.28 8.50 -0.98
C HIS B 449 -17.17 8.70 0.51
N CYS B 450 -16.00 9.19 0.92
CA CYS B 450 -15.81 9.67 2.28
C CYS B 450 -16.62 10.94 2.46
N HIS B 451 -17.44 10.98 3.50
CA HIS B 451 -18.32 12.10 3.71
C HIS B 451 -17.65 13.21 4.48
N ILE B 452 -16.34 13.08 4.65
CA ILE B 452 -15.53 14.21 5.08
C ILE B 452 -15.37 15.10 3.82
N ASP B 453 -16.23 16.10 3.69
CA ASP B 453 -16.35 16.87 2.45
C ASP B 453 -15.02 17.34 1.86
N PHE B 454 -14.12 17.78 2.73
CA PHE B 454 -12.78 18.19 2.29
C PHE B 454 -12.02 17.07 1.59
N HIS B 455 -12.35 15.82 1.94
CA HIS B 455 -11.73 14.63 1.35
C HIS B 455 -12.34 14.25 0.00
N LEU B 456 -13.67 14.33 -0.08
CA LEU B 456 -14.41 14.09 -1.30
C LEU B 456 -13.82 14.97 -2.37
N GLU B 457 -13.59 16.23 -1.99
CA GLU B 457 -13.00 17.27 -2.83
C GLU B 457 -11.58 16.97 -3.29
N ALA B 458 -10.87 16.15 -2.51
CA ALA B 458 -9.50 15.81 -2.83
C ALA B 458 -9.41 14.45 -3.55
N GLY B 459 -10.58 13.89 -3.88
CA GLY B 459 -10.63 12.75 -4.77
C GLY B 459 -11.16 11.44 -4.19
N PHE B 460 -11.48 11.44 -2.90
CA PHE B 460 -11.84 10.22 -2.19
C PHE B 460 -13.25 9.76 -2.53
N ALA B 461 -13.45 9.29 -3.76
CA ALA B 461 -14.77 8.84 -4.21
C ALA B 461 -14.73 7.99 -5.48
N VAL B 462 -15.65 7.04 -5.57
CA VAL B 462 -15.88 6.32 -6.80
C VAL B 462 -17.36 6.39 -7.16
N VAL B 463 -17.71 5.93 -8.35
CA VAL B 463 -19.11 5.87 -8.75
C VAL B 463 -19.57 4.43 -8.99
N MET B 464 -20.71 4.06 -8.41
CA MET B 464 -21.35 2.79 -8.75
C MET B 464 -22.30 3.01 -9.92
N ALA B 465 -21.98 2.47 -11.07
CA ALA B 465 -22.92 2.52 -12.19
C ALA B 465 -23.77 1.26 -12.17
N GLU B 466 -24.96 1.36 -11.60
CA GLU B 466 -25.76 0.17 -11.28
C GLU B 466 -26.82 -0.13 -12.35
N ASP B 467 -26.81 -1.37 -12.84
CA ASP B 467 -27.75 -1.83 -13.85
C ASP B 467 -27.82 -0.86 -15.02
N ILE B 468 -26.64 -0.50 -15.52
CA ILE B 468 -26.51 0.53 -16.54
C ILE B 468 -27.51 0.39 -17.72
N PRO B 469 -27.83 -0.85 -18.12
CA PRO B 469 -28.82 -1.04 -19.21
C PRO B 469 -30.27 -0.64 -18.87
N GLU B 470 -30.62 -0.57 -17.58
CA GLU B 470 -31.99 -0.19 -17.20
C GLU B 470 -32.07 1.22 -16.64
N VAL B 471 -31.02 2.00 -16.79
CA VAL B 471 -30.96 3.31 -16.17
C VAL B 471 -31.92 4.31 -16.86
N ALA B 472 -31.96 4.27 -18.18
CA ALA B 472 -32.83 5.16 -18.95
C ALA B 472 -34.32 4.84 -18.78
N ALA B 473 -34.65 3.56 -18.73
CA ALA B 473 -36.03 3.13 -18.58
C ALA B 473 -36.59 3.50 -17.20
N THR B 474 -35.81 3.19 -16.18
CA THR B 474 -36.24 3.36 -14.79
C THR B 474 -36.31 4.85 -14.38
N ASN B 475 -35.40 5.66 -14.93
CA ASN B 475 -35.27 7.06 -14.57
C ASN B 475 -35.65 8.01 -15.71
N PRO B 476 -36.95 8.26 -15.90
CA PRO B 476 -37.32 9.31 -16.86
C PRO B 476 -37.05 10.69 -16.28
N VAL B 477 -36.54 11.59 -17.13
CA VAL B 477 -36.15 12.91 -16.67
C VAL B 477 -37.09 14.01 -17.18
N PRO B 478 -37.18 15.12 -16.44
CA PRO B 478 -37.95 16.33 -16.80
C PRO B 478 -37.10 17.30 -17.57
N GLN B 479 -37.73 18.28 -18.21
CA GLN B 479 -37.00 19.22 -19.07
C GLN B 479 -36.01 20.07 -18.27
N ALA B 480 -36.43 20.49 -17.08
CA ALA B 480 -35.64 21.37 -16.24
C ALA B 480 -34.25 20.81 -15.98
N TRP B 481 -34.17 19.48 -15.86
CA TRP B 481 -32.91 18.79 -15.61
C TRP B 481 -32.10 18.81 -16.89
N SER B 482 -32.75 18.54 -18.01
CA SER B 482 -32.09 18.60 -19.30
C SER B 482 -31.61 20.02 -19.60
N ASP B 483 -32.23 21.00 -18.94
CA ASP B 483 -31.85 22.39 -19.14
C ASP B 483 -30.69 22.86 -18.28
N LEU B 484 -30.38 22.12 -17.21
CA LEU B 484 -29.38 22.58 -16.25
C LEU B 484 -28.01 22.76 -16.89
N CYS B 485 -27.57 21.75 -17.62
CA CYS B 485 -26.20 21.71 -18.17
C CYS B 485 -25.84 22.86 -19.11
N PRO B 486 -26.60 23.02 -20.22
CA PRO B 486 -26.33 24.12 -21.14
C PRO B 486 -26.29 25.44 -20.37
N THR B 487 -27.30 25.63 -19.52
CA THR B 487 -27.41 26.84 -18.69
C THR B 487 -26.15 27.04 -17.86
N TYR B 488 -25.61 25.95 -17.33
CA TYR B 488 -24.43 26.01 -16.49
C TYR B 488 -23.19 26.22 -17.34
N ASP B 489 -23.22 25.71 -18.57
CA ASP B 489 -22.08 25.82 -19.45
C ASP B 489 -21.94 27.18 -20.16
N ALA B 490 -23.04 27.95 -20.17
CA ALA B 490 -23.02 29.29 -20.76
C ALA B 490 -22.56 30.39 -19.78
N LEU B 491 -22.47 30.06 -18.49
CA LEU B 491 -22.00 31.00 -17.47
C LEU B 491 -20.55 31.40 -17.69
N SER B 492 -20.04 32.27 -16.82
CA SER B 492 -18.63 32.65 -16.82
C SER B 492 -17.88 32.03 -15.63
N PRO B 493 -16.61 31.62 -15.84
CA PRO B 493 -15.80 30.86 -14.87
C PRO B 493 -15.88 31.31 -13.41
N ASP B 494 -16.39 32.51 -13.17
CA ASP B 494 -16.41 33.08 -11.83
C ASP B 494 -17.80 33.55 -11.38
N ASP B 495 -18.81 33.18 -12.17
CA ASP B 495 -20.20 33.36 -11.79
C ASP B 495 -20.76 31.97 -11.45
N GLN B 496 -19.83 31.02 -11.34
CA GLN B 496 -20.14 29.64 -10.99
C GLN B 496 -20.07 29.48 -9.47
N SER C 1 41.06 8.98 26.63
CA SER C 1 39.99 9.52 25.79
C SER C 1 39.79 11.00 26.07
N ILE C 2 38.58 11.49 25.90
CA ILE C 2 38.26 12.88 26.23
C ILE C 2 36.84 12.98 26.77
N GLY C 3 36.49 14.12 27.36
CA GLY C 3 35.14 14.35 27.87
C GLY C 3 35.14 14.17 29.36
N PRO C 4 34.08 14.62 30.05
CA PRO C 4 32.83 15.13 29.49
C PRO C 4 32.92 16.60 29.15
N VAL C 5 34.08 17.20 29.38
CA VAL C 5 34.29 18.59 29.02
C VAL C 5 35.43 18.64 28.04
N ALA C 6 35.17 19.08 26.82
CA ALA C 6 36.16 18.95 25.76
C ALA C 6 35.83 19.77 24.50
N ASP C 7 36.89 20.22 23.83
CA ASP C 7 36.79 20.84 22.54
C ASP C 7 36.69 19.73 21.50
N LEU C 8 35.83 19.94 20.51
CA LEU C 8 35.70 19.01 19.38
C LEU C 8 35.93 19.76 18.08
N THR C 9 37.19 19.94 17.71
CA THR C 9 37.53 20.60 16.47
C THR C 9 37.27 19.73 15.23
N ILE C 10 36.25 20.09 14.46
CA ILE C 10 35.92 19.37 13.23
C ILE C 10 36.68 19.97 12.05
N SER C 11 37.21 19.11 11.18
CA SER C 11 38.02 19.57 10.06
C SER C 11 38.07 18.53 8.94
N ASN C 12 38.76 18.87 7.84
CA ASN C 12 38.91 17.97 6.71
C ASN C 12 40.35 17.58 6.52
N GLY C 13 40.58 16.37 6.02
CA GLY C 13 41.90 15.85 5.85
C GLY C 13 41.80 14.56 5.06
N ALA C 14 42.95 13.97 4.74
CA ALA C 14 42.98 12.66 4.09
C ALA C 14 42.97 11.50 5.10
N VAL C 15 42.17 10.48 4.82
CA VAL C 15 42.21 9.24 5.59
C VAL C 15 42.51 8.09 4.66
N SER C 16 42.78 6.92 5.23
CA SER C 16 43.09 5.73 4.44
C SER C 16 42.70 4.46 5.19
N PRO C 17 41.47 4.38 5.67
CA PRO C 17 41.07 3.30 6.58
C PRO C 17 41.24 1.90 5.96
N ASP C 18 41.14 1.84 4.64
CA ASP C 18 41.23 0.56 3.95
C ASP C 18 42.31 0.58 2.86
N GLY C 19 43.33 1.40 3.06
CA GLY C 19 44.44 1.44 2.13
C GLY C 19 44.28 2.49 1.04
N PHE C 20 43.03 2.74 0.65
CA PHE C 20 42.68 3.68 -0.40
C PHE C 20 42.51 5.09 0.17
N SER C 21 43.14 6.07 -0.46
CA SER C 21 43.20 7.41 0.12
C SER C 21 42.10 8.37 -0.37
N ARG C 22 41.52 9.13 0.55
CA ARG C 22 40.44 10.07 0.23
C ARG C 22 40.28 11.09 1.35
N GLN C 23 39.78 12.26 1.00
CA GLN C 23 39.48 13.28 1.97
C GLN C 23 38.23 12.87 2.74
N ALA C 24 38.17 13.26 4.01
CA ALA C 24 37.06 12.91 4.85
C ALA C 24 37.01 13.92 5.97
N ILE C 25 36.21 13.66 7.01
CA ILE C 25 36.08 14.57 8.13
C ILE C 25 36.84 14.08 9.36
N LEU C 26 37.60 14.98 9.99
CA LEU C 26 38.39 14.63 11.16
C LEU C 26 37.83 15.32 12.39
N VAL C 27 37.95 14.67 13.55
CA VAL C 27 37.60 15.30 14.82
C VAL C 27 38.88 15.31 15.63
N ASN C 28 39.25 16.48 16.15
CA ASN C 28 40.59 16.69 16.71
C ASN C 28 41.71 16.07 15.84
N ASP C 29 41.64 16.34 14.54
CA ASP C 29 42.62 15.86 13.57
C ASP C 29 42.86 14.34 13.45
N VAL C 30 41.93 13.51 13.95
CA VAL C 30 42.05 12.07 13.73
C VAL C 30 40.81 11.40 13.07
N PHE C 31 41.05 10.26 12.41
CA PHE C 31 40.02 9.36 11.91
C PHE C 31 40.32 7.93 12.39
N PRO C 32 39.29 7.20 12.86
CA PRO C 32 37.92 7.63 13.08
C PRO C 32 37.87 8.62 14.22
N SER C 33 36.67 9.06 14.57
CA SER C 33 36.52 10.11 15.55
C SER C 33 36.69 9.55 16.96
N PRO C 34 37.36 10.31 17.83
CA PRO C 34 37.75 9.92 19.20
C PRO C 34 36.60 9.46 20.11
N LEU C 35 36.87 8.46 20.95
CA LEU C 35 35.90 8.09 21.97
C LEU C 35 35.66 9.24 22.98
N ILE C 36 34.40 9.47 23.35
CA ILE C 36 34.14 10.39 24.44
C ILE C 36 33.56 9.57 25.60
N THR C 37 34.02 9.85 26.82
CA THR C 37 33.61 9.08 27.99
C THR C 37 33.31 10.01 29.13
N GLY C 38 32.39 9.57 30.02
CA GLY C 38 32.08 10.27 31.24
C GLY C 38 31.49 9.30 32.26
N ASN C 39 31.20 9.79 33.46
CA ASN C 39 30.48 9.01 34.46
C ASN C 39 29.01 9.41 34.51
N LYS C 40 28.15 8.45 34.83
CA LYS C 40 26.74 8.71 35.08
C LYS C 40 26.59 9.95 35.97
N GLY C 41 25.70 10.87 35.56
CA GLY C 41 25.54 12.12 36.24
C GLY C 41 26.38 13.29 35.73
N ASP C 42 27.26 13.04 34.78
CA ASP C 42 28.24 14.07 34.37
C ASP C 42 27.64 15.19 33.52
N ARG C 43 27.93 16.42 33.92
CA ARG C 43 27.65 17.55 33.05
C ARG C 43 28.49 17.40 31.78
N PHE C 44 27.83 17.46 30.62
CA PHE C 44 28.55 17.36 29.37
C PHE C 44 28.69 18.72 28.68
N GLN C 45 29.93 19.21 28.61
CA GLN C 45 30.22 20.36 27.78
C GLN C 45 31.13 19.99 26.63
N LEU C 46 30.53 19.83 25.45
CA LEU C 46 31.32 19.59 24.25
C LEU C 46 31.24 20.82 23.37
N ASN C 47 32.38 21.47 23.18
CA ASN C 47 32.44 22.65 22.35
C ASN C 47 32.80 22.25 20.94
N VAL C 48 31.87 22.44 20.03
CA VAL C 48 32.11 22.00 18.67
C VAL C 48 32.62 23.15 17.85
N ILE C 49 33.89 23.07 17.48
CA ILE C 49 34.56 24.09 16.71
C ILE C 49 34.68 23.59 15.29
N ASP C 50 33.94 24.23 14.38
CA ASP C 50 33.81 23.81 13.00
C ASP C 50 34.79 24.60 12.10
N ASN C 51 35.80 23.90 11.58
CA ASN C 51 36.78 24.50 10.68
C ASN C 51 36.84 23.80 9.33
N MET C 52 35.73 23.17 8.95
CA MET C 52 35.69 22.43 7.69
C MET C 52 35.71 23.37 6.51
N THR C 53 36.48 23.03 5.48
CA THR C 53 36.61 23.89 4.32
C THR C 53 36.06 23.22 3.07
N ASN C 54 35.59 21.98 3.24
CA ASN C 54 35.17 21.14 2.13
C ASN C 54 33.71 21.24 1.65
N HIS C 55 33.48 21.77 0.45
CA HIS C 55 32.09 21.96 0.02
C HIS C 55 31.30 20.68 -0.26
N THR C 56 31.91 19.72 -0.95
CA THR C 56 31.30 18.42 -1.19
C THR C 56 30.81 17.75 0.09
N MET C 57 31.66 17.64 1.10
CA MET C 57 31.26 17.00 2.35
C MET C 57 30.50 17.92 3.32
N LEU C 58 30.32 19.19 2.93
CA LEU C 58 29.49 20.19 3.64
C LEU C 58 30.22 20.92 4.75
N LYS C 59 30.28 22.25 4.62
CA LYS C 59 31.06 23.09 5.53
C LYS C 59 30.40 23.23 6.90
N SER C 60 29.06 23.27 6.89
CA SER C 60 28.30 23.37 8.12
C SER C 60 28.27 22.01 8.78
N THR C 61 27.84 21.99 10.03
CA THR C 61 27.77 20.75 10.74
C THR C 61 26.75 20.87 11.84
N SER C 62 26.52 19.76 12.52
CA SER C 62 25.51 19.69 13.56
C SER C 62 25.70 18.32 14.20
N ILE C 63 25.86 18.28 15.52
CA ILE C 63 26.19 17.03 16.17
C ILE C 63 25.10 16.49 17.10
N HIS C 64 24.65 15.28 16.84
CA HIS C 64 23.67 14.62 17.70
C HIS C 64 24.29 13.58 18.68
N TRP C 65 23.84 13.62 19.93
CA TRP C 65 24.33 12.74 20.98
C TRP C 65 23.36 11.56 21.12
N HIS C 66 23.49 10.63 20.19
CA HIS C 66 22.55 9.54 20.00
C HIS C 66 22.20 8.71 21.23
N GLY C 67 20.92 8.74 21.61
CA GLY C 67 20.41 7.91 22.68
C GLY C 67 20.23 8.68 23.98
N PHE C 68 20.72 9.92 24.02
CA PHE C 68 20.58 10.77 25.21
C PHE C 68 19.21 11.43 25.36
N PHE C 69 18.66 11.42 26.57
CA PHE C 69 17.31 11.96 26.74
C PHE C 69 17.24 13.44 26.42
N GLN C 70 18.28 14.19 26.81
CA GLN C 70 18.35 15.63 26.60
C GLN C 70 17.14 16.35 27.19
N HIS C 71 16.74 15.96 28.38
CA HIS C 71 15.57 16.57 28.97
C HIS C 71 15.92 17.97 29.42
N GLY C 72 15.18 18.95 28.90
CA GLY C 72 15.41 20.34 29.21
C GLY C 72 16.38 20.97 28.24
N THR C 73 17.06 20.13 27.47
CA THR C 73 18.08 20.59 26.55
C THR C 73 17.83 20.04 25.14
N ASN C 74 16.56 20.08 24.73
CA ASN C 74 16.13 19.76 23.37
C ASN C 74 17.00 20.51 22.34
N TRP C 75 17.40 21.74 22.68
CA TRP C 75 18.23 22.55 21.79
C TRP C 75 19.61 21.88 21.56
N ALA C 76 20.07 21.09 22.51
CA ALA C 76 21.38 20.47 22.45
C ALA C 76 21.41 19.15 21.64
N ASP C 77 20.29 18.80 21.04
CA ASP C 77 20.12 17.44 20.54
C ASP C 77 20.77 17.13 19.18
N GLY C 78 20.90 18.13 18.31
CA GLY C 78 21.63 17.91 17.07
C GLY C 78 20.93 17.93 15.71
N PRO C 79 19.74 17.28 15.58
CA PRO C 79 19.08 17.21 14.27
C PRO C 79 18.88 18.59 13.62
N ALA C 80 19.52 18.78 12.48
CA ALA C 80 19.50 20.05 11.77
C ALA C 80 18.12 20.39 11.24
N PHE C 81 17.60 21.55 11.64
CA PHE C 81 16.30 22.06 11.18
C PHE C 81 15.10 21.41 11.87
N VAL C 82 15.37 20.57 12.86
CA VAL C 82 14.34 20.22 13.83
C VAL C 82 14.67 20.87 15.19
N ASN C 83 15.87 20.60 15.73
CA ASN C 83 16.26 21.14 17.04
C ASN C 83 17.25 22.32 17.02
N GLN C 84 17.86 22.60 15.86
CA GLN C 84 18.76 23.77 15.68
C GLN C 84 19.04 24.04 14.20
N CYS C 85 19.66 25.20 13.92
CA CYS C 85 20.28 25.46 12.63
C CYS C 85 21.72 24.97 12.65
N PRO C 86 22.27 24.63 11.49
CA PRO C 86 23.62 24.05 11.52
C PRO C 86 24.70 25.07 11.90
N ILE C 87 25.72 24.59 12.60
CA ILE C 87 26.91 25.38 12.87
C ILE C 87 27.57 25.75 11.55
N SER C 88 27.99 27.00 11.40
CA SER C 88 28.72 27.43 10.20
C SER C 88 30.21 27.34 10.43
N THR C 89 30.95 27.08 9.35
CA THR C 89 32.41 27.09 9.40
C THR C 89 32.97 28.44 9.90
N GLY C 90 34.03 28.40 10.71
CA GLY C 90 34.57 29.62 11.26
C GLY C 90 33.96 29.98 12.61
N HIS C 91 32.99 29.20 13.07
CA HIS C 91 32.35 29.45 14.36
C HIS C 91 32.47 28.27 15.32
N ALA C 92 31.99 28.47 16.55
CA ALA C 92 31.84 27.36 17.49
C ALA C 92 30.47 27.36 18.17
N PHE C 93 30.12 26.22 18.77
CA PHE C 93 28.84 26.05 19.45
C PHE C 93 28.96 24.98 20.54
N LEU C 94 28.59 25.34 21.76
CA LEU C 94 28.80 24.48 22.90
C LEU C 94 27.56 23.69 23.27
N TYR C 95 27.60 22.38 23.11
CA TYR C 95 26.52 21.54 23.57
C TYR C 95 26.65 21.41 25.08
N ASP C 96 25.62 21.81 25.82
CA ASP C 96 25.68 21.78 27.27
C ASP C 96 24.51 20.99 27.88
N PHE C 97 24.77 19.74 28.25
CA PHE C 97 23.73 18.86 28.76
C PHE C 97 24.21 17.96 29.89
N GLN C 98 23.27 17.53 30.73
CA GLN C 98 23.55 16.64 31.86
C GLN C 98 23.00 15.25 31.59
N VAL C 99 23.73 14.25 32.04
CA VAL C 99 23.29 12.87 31.95
C VAL C 99 22.99 12.36 33.36
N PRO C 100 21.85 12.81 33.92
CA PRO C 100 21.52 12.61 35.35
C PRO C 100 21.20 11.15 35.69
N ASP C 101 20.61 10.47 34.71
CA ASP C 101 19.86 9.25 34.94
C ASP C 101 20.22 8.16 33.94
N GLN C 102 21.31 8.34 33.20
CA GLN C 102 21.62 7.38 32.16
C GLN C 102 23.03 6.80 32.31
N ALA C 103 23.17 5.54 31.90
CA ALA C 103 24.47 4.88 31.81
C ALA C 103 24.38 3.89 30.66
N GLY C 104 25.51 3.65 29.99
CA GLY C 104 25.52 2.76 28.85
C GLY C 104 26.38 3.23 27.70
N THR C 105 26.23 2.55 26.56
CA THR C 105 26.98 2.81 25.34
C THR C 105 26.15 3.70 24.42
N PHE C 106 26.77 4.77 23.95
CA PHE C 106 26.09 5.72 23.08
C PHE C 106 26.99 5.99 21.87
N TRP C 107 26.66 7.00 21.08
CA TRP C 107 27.58 7.45 20.04
C TRP C 107 27.20 8.82 19.54
N TYR C 108 28.13 9.54 18.95
CA TYR C 108 27.84 10.85 18.42
C TYR C 108 28.09 10.89 16.93
N HIS C 109 27.34 11.74 16.25
CA HIS C 109 27.49 11.85 14.81
C HIS C 109 26.95 13.16 14.28
N SER C 110 27.40 13.52 13.09
CA SER C 110 26.78 14.61 12.36
C SER C 110 25.31 14.27 12.13
N HIS C 111 24.46 15.25 12.28
CA HIS C 111 23.05 15.06 11.95
C HIS C 111 22.66 16.08 10.90
N LEU C 112 23.64 16.44 10.06
CA LEU C 112 23.43 17.28 8.88
C LEU C 112 23.54 16.43 7.61
N SER C 113 22.41 16.26 6.93
CA SER C 113 22.31 15.44 5.71
C SER C 113 22.91 14.04 5.88
N THR C 114 23.75 13.62 4.93
CA THR C 114 24.42 12.32 5.04
C THR C 114 25.89 12.54 5.37
N GLN C 115 26.14 13.54 6.21
CA GLN C 115 27.51 13.97 6.51
C GLN C 115 28.26 12.98 7.41
N TYR C 116 27.55 12.26 8.27
CA TYR C 116 28.25 11.32 9.14
C TYR C 116 28.84 10.14 8.39
N CYS C 117 28.31 9.86 7.19
CA CYS C 117 28.96 8.90 6.31
C CYS C 117 30.37 9.34 5.88
N ASP C 118 30.62 10.66 5.87
CA ASP C 118 31.92 11.16 5.46
C ASP C 118 32.92 11.24 6.62
N GLY C 119 32.64 10.54 7.71
CA GLY C 119 33.62 10.47 8.80
C GLY C 119 33.32 11.08 10.16
N LEU C 120 32.25 11.88 10.29
CA LEU C 120 31.95 12.49 11.59
C LEU C 120 31.04 11.59 12.45
N ARG C 121 31.66 10.62 13.14
CA ARG C 121 30.95 9.59 13.91
C ARG C 121 31.88 8.83 14.84
N GLY C 122 31.53 8.80 16.13
CA GLY C 122 32.35 8.18 17.16
C GLY C 122 31.53 7.66 18.34
N PRO C 123 32.14 6.82 19.18
CA PRO C 123 31.44 6.29 20.35
C PRO C 123 31.54 7.23 21.57
N ILE C 124 30.47 7.28 22.35
CA ILE C 124 30.44 7.96 23.64
C ILE C 124 30.18 6.85 24.67
N VAL C 125 30.96 6.79 25.74
CA VAL C 125 30.64 5.85 26.81
C VAL C 125 30.42 6.54 28.16
N VAL C 126 29.25 6.31 28.73
CA VAL C 126 28.98 6.74 30.10
C VAL C 126 29.03 5.53 31.08
N TYR C 127 30.09 5.46 31.88
CA TYR C 127 30.24 4.38 32.86
C TYR C 127 29.37 4.60 34.10
N ASP C 128 28.83 3.51 34.62
CA ASP C 128 28.01 3.55 35.84
C ASP C 128 28.84 2.97 36.97
N PRO C 129 29.22 3.83 37.95
CA PRO C 129 29.91 3.45 39.18
C PRO C 129 29.26 2.24 39.85
N GLN C 130 27.95 2.20 39.89
CA GLN C 130 27.27 1.06 40.50
C GLN C 130 26.62 0.16 39.45
N ASP C 131 27.34 -0.02 38.35
CA ASP C 131 26.89 -0.90 37.26
C ASP C 131 26.62 -2.31 37.76
N PRO C 132 25.41 -2.81 37.52
CA PRO C 132 24.90 -4.10 38.00
C PRO C 132 25.59 -5.31 37.39
N HIS C 133 26.22 -5.16 36.23
CA HIS C 133 26.92 -6.30 35.62
C HIS C 133 28.42 -6.26 35.87
N LYS C 134 28.82 -5.29 36.68
CA LYS C 134 30.21 -5.05 37.09
C LYS C 134 31.02 -6.32 37.29
N SER C 135 30.42 -7.32 37.91
CA SER C 135 31.15 -8.52 38.34
C SER C 135 31.23 -9.66 37.32
N LEU C 136 30.74 -9.44 36.11
CA LEU C 136 30.85 -10.42 35.05
C LEU C 136 32.09 -10.20 34.18
N TYR C 137 32.84 -9.13 34.46
CA TYR C 137 34.02 -8.81 33.66
C TYR C 137 35.13 -8.12 34.45
N ASP C 138 36.35 -8.21 33.93
CA ASP C 138 37.51 -7.65 34.60
C ASP C 138 37.98 -6.38 33.91
N VAL C 139 37.68 -6.29 32.61
CA VAL C 139 38.25 -5.26 31.75
C VAL C 139 37.19 -4.48 30.99
N ASP C 140 37.19 -3.16 31.16
CA ASP C 140 36.16 -2.34 30.55
C ASP C 140 36.70 -0.95 30.28
N ASP C 141 37.36 -0.77 29.14
CA ASP C 141 38.03 0.50 28.86
C ASP C 141 38.08 0.88 27.37
N ASP C 142 38.95 1.83 27.04
CA ASP C 142 39.25 2.21 25.67
C ASP C 142 39.31 1.02 24.72
N SER C 143 39.98 -0.02 25.21
CA SER C 143 40.32 -1.18 24.40
C SER C 143 39.12 -2.07 24.17
N THR C 144 38.10 -1.98 25.02
CA THR C 144 36.93 -2.85 24.92
C THR C 144 35.87 -2.28 23.97
N VAL C 145 36.13 -1.11 23.39
CA VAL C 145 35.15 -0.52 22.48
C VAL C 145 35.37 -0.92 21.03
N ILE C 146 34.36 -1.56 20.43
CA ILE C 146 34.45 -2.00 19.05
C ILE C 146 33.39 -1.28 18.19
N THR C 147 33.84 -0.55 17.19
CA THR C 147 32.92 0.08 16.25
C THR C 147 32.91 -0.65 14.91
N LEU C 148 31.72 -0.75 14.33
CA LEU C 148 31.51 -1.20 12.96
C LEU C 148 31.12 0.01 12.13
N ALA C 149 31.55 0.05 10.88
CA ALA C 149 31.24 1.18 10.01
C ALA C 149 31.27 0.76 8.54
N ASP C 150 30.53 1.49 7.72
CA ASP C 150 30.61 1.33 6.29
C ASP C 150 31.53 2.42 5.76
N TRP C 151 32.42 2.05 4.86
CA TRP C 151 33.33 3.03 4.27
C TRP C 151 33.17 3.05 2.76
N TYR C 152 33.21 4.24 2.21
CA TYR C 152 33.04 4.43 0.77
C TYR C 152 34.26 5.13 0.18
N HIS C 153 34.63 4.73 -1.03
CA HIS C 153 35.73 5.42 -1.70
C HIS C 153 35.26 6.73 -2.28
N LEU C 154 33.97 6.81 -2.62
CA LEU C 154 33.40 8.07 -3.07
C LEU C 154 32.57 8.66 -1.94
N ALA C 155 32.75 9.96 -1.71
CA ALA C 155 32.04 10.65 -0.63
C ALA C 155 30.54 10.47 -0.77
N ALA C 156 29.82 10.78 0.28
CA ALA C 156 28.37 10.54 0.36
C ALA C 156 27.60 11.19 -0.79
N LYS C 157 27.94 12.43 -1.10
CA LYS C 157 27.24 13.19 -2.13
C LYS C 157 27.92 13.05 -3.50
N VAL C 158 28.96 12.22 -3.58
CA VAL C 158 29.70 12.01 -4.84
C VAL C 158 29.29 10.71 -5.54
N GLY C 159 29.06 9.67 -4.77
CA GLY C 159 28.58 8.40 -5.29
C GLY C 159 27.09 8.46 -5.56
N PRO C 160 26.46 7.30 -5.78
CA PRO C 160 25.01 7.21 -6.04
C PRO C 160 24.16 7.55 -4.79
N ALA C 161 22.85 7.64 -4.96
CA ALA C 161 21.98 8.06 -3.86
C ALA C 161 21.93 7.04 -2.73
N VAL C 162 21.81 5.76 -3.07
CA VAL C 162 21.96 4.69 -2.09
C VAL C 162 23.07 3.74 -2.53
N PRO C 163 24.29 4.03 -2.07
CA PRO C 163 25.55 3.40 -2.50
C PRO C 163 25.85 2.09 -1.80
N THR C 164 26.85 1.38 -2.31
CA THR C 164 27.27 0.08 -1.81
C THR C 164 28.60 0.25 -1.12
N ALA C 165 28.76 -0.30 0.07
CA ALA C 165 30.02 -0.14 0.80
C ALA C 165 31.22 -0.83 0.12
N ASP C 166 32.34 -0.13 0.04
CA ASP C 166 33.57 -0.73 -0.41
C ASP C 166 34.17 -1.61 0.68
N ALA C 167 34.16 -1.10 1.91
CA ALA C 167 34.78 -1.78 3.05
C ALA C 167 33.91 -1.74 4.31
N THR C 168 34.04 -2.79 5.10
CA THR C 168 33.60 -2.72 6.47
C THR C 168 34.81 -2.34 7.30
N LEU C 169 34.66 -1.32 8.13
CA LEU C 169 35.72 -0.94 9.04
C LEU C 169 35.37 -1.49 10.40
N ILE C 170 36.33 -2.16 11.02
CA ILE C 170 36.22 -2.42 12.43
C ILE C 170 37.28 -1.59 13.09
N ASN C 171 36.86 -0.88 14.12
CA ASN C 171 37.74 0.06 14.80
C ASN C 171 38.54 0.97 13.85
N GLY C 172 37.96 1.21 12.67
CA GLY C 172 38.52 2.14 11.70
C GLY C 172 39.53 1.59 10.72
N LEU C 173 39.50 0.27 10.51
CA LEU C 173 40.43 -0.42 9.62
C LEU C 173 39.71 -1.59 8.96
N GLY C 174 40.15 -1.95 7.77
CA GLY C 174 39.49 -3.01 7.04
C GLY C 174 39.98 -3.07 5.60
N ARG C 175 39.66 -4.16 4.94
CA ARG C 175 40.09 -4.35 3.57
C ARG C 175 38.91 -4.27 2.59
N SER C 176 39.23 -3.86 1.37
CA SER C 176 38.29 -3.93 0.26
C SER C 176 38.81 -5.00 -0.69
N ILE C 177 38.13 -5.21 -1.81
CA ILE C 177 38.60 -6.25 -2.73
C ILE C 177 39.86 -5.84 -3.50
N ASP C 178 40.18 -4.56 -3.48
CA ASP C 178 41.36 -4.01 -4.17
C ASP C 178 42.52 -3.73 -3.22
N THR C 179 42.28 -3.94 -1.93
CA THR C 179 43.30 -3.66 -0.93
C THR C 179 43.28 -4.80 0.07
N LEU C 180 43.57 -5.99 -0.42
CA LEU C 180 43.57 -7.19 0.41
C LEU C 180 44.77 -7.23 1.36
N ASN C 181 45.56 -6.17 1.37
CA ASN C 181 46.73 -6.17 2.23
C ASN C 181 46.78 -5.03 3.22
N ALA C 182 45.69 -4.28 3.30
CA ALA C 182 45.64 -3.18 4.23
C ALA C 182 45.72 -3.75 5.64
N ASP C 183 46.14 -2.93 6.59
CA ASP C 183 46.17 -3.34 7.99
C ASP C 183 44.78 -3.71 8.49
N LEU C 184 44.69 -4.81 9.23
CA LEU C 184 43.47 -5.15 9.94
C LEU C 184 43.53 -4.58 11.35
N ALA C 185 42.37 -4.32 11.94
CA ALA C 185 42.30 -3.91 13.34
C ALA C 185 42.64 -5.09 14.25
N VAL C 186 43.29 -4.81 15.37
CA VAL C 186 43.71 -5.86 16.29
C VAL C 186 43.19 -5.57 17.69
N ILE C 187 42.38 -6.49 18.20
CA ILE C 187 41.84 -6.36 19.54
C ILE C 187 42.55 -7.35 20.48
N THR C 188 43.20 -6.82 21.52
CA THR C 188 44.04 -7.67 22.38
C THR C 188 43.44 -8.07 23.74
N VAL C 189 43.31 -9.38 23.96
CA VAL C 189 42.84 -9.90 25.24
C VAL C 189 43.88 -10.78 25.90
N THR C 190 43.83 -10.79 27.23
CA THR C 190 44.75 -11.55 28.04
C THR C 190 44.06 -12.85 28.44
N LYS C 191 44.71 -13.98 28.14
CA LYS C 191 44.18 -15.28 28.53
C LYS C 191 43.81 -15.28 29.99
N GLY C 192 42.60 -15.72 30.28
CA GLY C 192 42.13 -15.81 31.65
C GLY C 192 41.13 -14.72 31.99
N LYS C 193 41.29 -13.55 31.40
CA LYS C 193 40.47 -12.40 31.77
C LYS C 193 39.15 -12.29 31.01
N ARG C 194 38.23 -11.52 31.56
CA ARG C 194 36.88 -11.40 31.05
C ARG C 194 36.59 -9.98 30.63
N TYR C 195 36.16 -9.82 29.39
CA TYR C 195 36.08 -8.51 28.78
C TYR C 195 34.66 -8.09 28.49
N ARG C 196 34.35 -6.85 28.88
CA ARG C 196 33.07 -6.29 28.53
C ARG C 196 33.30 -5.50 27.26
N PHE C 197 33.00 -6.11 26.14
CA PHE C 197 33.09 -5.41 24.86
C PHE C 197 31.82 -4.64 24.57
N ARG C 198 32.00 -3.38 24.19
CA ARG C 198 30.92 -2.50 23.77
C ARG C 198 30.98 -2.29 22.25
N LEU C 199 30.06 -2.97 21.56
CA LEU C 199 29.98 -2.96 20.10
C LEU C 199 29.08 -1.81 19.69
N VAL C 200 29.59 -0.96 18.81
CA VAL C 200 28.87 0.24 18.41
C VAL C 200 28.80 0.33 16.89
N SER C 201 27.59 0.33 16.34
CA SER C 201 27.46 0.44 14.87
C SER C 201 27.40 1.88 14.38
N LEU C 202 28.53 2.37 13.83
CA LEU C 202 28.65 3.71 13.26
C LEU C 202 28.17 3.75 11.81
N SER C 203 27.37 2.75 11.41
CA SER C 203 26.98 2.51 10.04
C SER C 203 25.95 3.50 9.46
N CYS C 204 26.02 3.70 8.14
CA CYS C 204 25.09 4.59 7.45
C CYS C 204 24.01 3.81 6.71
N ASP C 205 24.26 2.53 6.48
CA ASP C 205 23.33 1.71 5.74
C ASP C 205 23.36 0.25 6.20
N PRO C 206 24.37 -0.53 5.77
CA PRO C 206 24.29 -1.98 5.92
C PRO C 206 24.21 -2.45 7.35
N ASN C 207 23.59 -3.60 7.58
CA ASN C 207 23.64 -4.21 8.90
C ASN C 207 24.75 -5.26 8.95
N HIS C 208 25.25 -5.56 10.14
CA HIS C 208 26.33 -6.52 10.28
C HIS C 208 25.97 -7.70 11.19
N THR C 209 26.25 -8.90 10.71
CA THR C 209 26.08 -10.08 11.53
C THR C 209 27.42 -10.39 12.16
N PHE C 210 27.53 -10.06 13.43
CA PHE C 210 28.81 -10.07 14.10
C PHE C 210 29.09 -11.35 14.88
N SER C 211 30.28 -11.90 14.67
CA SER C 211 30.74 -13.06 15.42
C SER C 211 32.26 -13.09 15.60
N ILE C 212 32.71 -13.97 16.48
CA ILE C 212 34.12 -14.19 16.75
C ILE C 212 34.39 -15.69 16.85
N ASP C 213 35.33 -16.18 16.06
CA ASP C 213 35.61 -17.61 16.02
C ASP C 213 35.95 -18.17 17.42
N GLY C 214 35.29 -19.28 17.74
CA GLY C 214 35.61 -20.07 18.90
C GLY C 214 35.23 -19.47 20.24
N HIS C 215 34.43 -18.41 20.20
CA HIS C 215 34.10 -17.67 21.42
C HIS C 215 32.60 -17.42 21.52
N SER C 216 32.02 -17.83 22.62
CA SER C 216 30.63 -17.53 22.87
C SER C 216 30.55 -16.12 23.43
N LEU C 217 29.48 -15.40 23.11
CA LEU C 217 29.30 -14.03 23.58
C LEU C 217 28.15 -13.93 24.59
N THR C 218 28.30 -13.09 25.62
CA THR C 218 27.24 -12.89 26.61
C THR C 218 26.70 -11.44 26.61
N VAL C 219 25.60 -11.24 25.90
CA VAL C 219 25.00 -9.92 25.78
C VAL C 219 24.37 -9.45 27.09
N ILE C 220 24.68 -8.22 27.52
CA ILE C 220 24.24 -7.70 28.82
C ILE C 220 23.66 -6.28 28.71
N GLU C 221 23.66 -5.74 27.51
CA GLU C 221 23.16 -4.40 27.29
C GLU C 221 22.73 -4.27 25.84
N ALA C 222 21.53 -3.74 25.62
CA ALA C 222 21.11 -3.37 24.28
C ALA C 222 20.98 -1.87 24.28
N ASP C 223 21.58 -1.22 23.30
CA ASP C 223 21.53 0.23 23.22
C ASP C 223 21.98 0.86 24.54
N SER C 224 21.08 1.55 25.24
CA SER C 224 21.52 2.12 26.50
C SER C 224 21.01 1.34 27.70
N VAL C 225 20.32 0.22 27.44
CA VAL C 225 19.52 -0.52 28.44
C VAL C 225 20.13 -1.86 28.94
N ASN C 226 20.36 -1.97 30.24
CA ASN C 226 20.90 -3.22 30.80
C ASN C 226 19.93 -4.40 30.71
N LEU C 227 20.44 -5.56 30.29
CA LEU C 227 19.63 -6.76 30.08
C LEU C 227 20.03 -7.86 31.06
N LYS C 228 19.16 -8.87 31.24
CA LYS C 228 19.60 -10.12 31.85
C LYS C 228 20.55 -10.77 30.88
N PRO C 229 21.68 -11.29 31.39
CA PRO C 229 22.70 -11.88 30.52
C PRO C 229 22.15 -13.01 29.66
N GLN C 230 22.49 -12.97 28.38
CA GLN C 230 22.00 -13.92 27.40
C GLN C 230 23.15 -14.30 26.51
N THR C 231 23.42 -15.60 26.40
CA THR C 231 24.52 -16.06 25.57
C THR C 231 24.08 -16.35 24.15
N VAL C 232 24.90 -15.93 23.20
CA VAL C 232 24.62 -16.14 21.80
C VAL C 232 25.94 -16.47 21.12
N ASP C 233 25.94 -17.07 19.94
CA ASP C 233 27.23 -17.21 19.25
C ASP C 233 27.44 -16.20 18.11
N SER C 234 26.48 -15.29 17.93
CA SER C 234 26.60 -14.19 16.98
C SER C 234 25.51 -13.17 17.23
N ILE C 235 25.73 -11.95 16.71
CA ILE C 235 24.78 -10.85 16.83
C ILE C 235 24.62 -10.12 15.51
N GLN C 236 23.38 -9.90 15.07
CA GLN C 236 23.14 -9.08 13.89
C GLN C 236 22.83 -7.65 14.36
N ILE C 237 23.77 -6.74 14.15
CA ILE C 237 23.64 -5.40 14.71
C ILE C 237 23.36 -4.40 13.62
N PHE C 238 22.25 -3.67 13.78
CA PHE C 238 21.73 -2.71 12.81
C PHE C 238 22.30 -1.32 13.04
N ALA C 239 22.27 -0.49 12.00
CA ALA C 239 22.84 0.86 12.08
C ALA C 239 22.30 1.63 13.29
N ALA C 240 23.21 2.28 14.04
CA ALA C 240 22.88 3.05 15.25
C ALA C 240 22.78 2.25 16.54
N GLN C 241 22.58 0.93 16.43
CA GLN C 241 22.39 0.13 17.63
C GLN C 241 23.69 -0.04 18.43
N ARG C 242 23.56 -0.38 19.70
CA ARG C 242 24.73 -0.78 20.48
C ARG C 242 24.51 -2.14 21.12
N TYR C 243 25.61 -2.78 21.47
CA TYR C 243 25.51 -4.00 22.24
C TYR C 243 26.70 -4.21 23.19
N SER C 244 26.41 -4.53 24.43
CA SER C 244 27.48 -4.96 25.29
C SER C 244 27.40 -6.47 25.38
N PHE C 245 28.55 -7.11 25.18
CA PHE C 245 28.65 -8.53 25.46
C PHE C 245 29.97 -8.78 26.21
N VAL C 246 29.95 -9.77 27.08
CA VAL C 246 31.15 -10.18 27.79
C VAL C 246 31.82 -11.29 27.00
N LEU C 247 33.13 -11.18 26.79
CA LEU C 247 33.87 -12.27 26.18
C LEU C 247 34.89 -12.81 27.17
N ASN C 248 35.11 -14.11 27.09
CA ASN C 248 35.90 -14.85 28.06
C ASN C 248 37.19 -15.34 27.46
N ALA C 249 38.28 -14.60 27.63
CA ALA C 249 39.49 -15.02 26.95
C ALA C 249 39.99 -16.33 27.57
N ASP C 250 39.37 -17.43 27.14
CA ASP C 250 39.63 -18.72 27.78
C ASP C 250 40.07 -19.80 26.80
N GLN C 251 40.38 -19.40 25.59
CA GLN C 251 40.81 -20.37 24.58
C GLN C 251 42.32 -20.50 24.61
N ASP C 252 42.84 -21.37 23.77
CA ASP C 252 44.28 -21.35 23.53
C ASP C 252 44.69 -19.93 23.10
N VAL C 253 45.82 -19.48 23.65
CA VAL C 253 46.47 -18.26 23.21
C VAL C 253 46.69 -18.35 21.72
N ASP C 254 45.97 -17.55 20.95
CA ASP C 254 46.08 -17.61 19.51
C ASP C 254 45.51 -16.35 18.86
N ASN C 255 45.28 -16.43 17.55
CA ASN C 255 44.61 -15.37 16.81
C ASN C 255 43.32 -15.93 16.29
N TYR C 256 42.23 -15.19 16.46
CA TYR C 256 40.90 -15.62 16.05
C TYR C 256 40.24 -14.54 15.22
N TRP C 257 39.62 -14.93 14.11
CA TRP C 257 38.84 -13.99 13.27
C TRP C 257 37.64 -13.38 13.99
N ILE C 258 37.59 -12.04 13.97
CA ILE C 258 36.39 -11.30 14.30
C ILE C 258 35.73 -10.97 12.97
N ARG C 259 34.49 -11.43 12.79
CA ARG C 259 33.79 -11.26 11.53
C ARG C 259 32.57 -10.38 11.67
N ALA C 260 32.33 -9.56 10.67
CA ALA C 260 31.17 -8.66 10.66
C ALA C 260 30.62 -8.64 9.24
N LEU C 261 29.60 -9.46 9.00
CA LEU C 261 29.07 -9.66 7.63
C LEU C 261 27.92 -8.70 7.31
N PRO C 262 28.12 -7.84 6.31
CA PRO C 262 27.09 -6.86 5.97
C PRO C 262 25.98 -7.56 5.24
N ASN C 263 24.76 -7.05 5.32
CA ASN C 263 23.68 -7.60 4.53
C ASN C 263 23.84 -7.19 3.06
N SER C 264 24.51 -6.08 2.80
CA SER C 264 24.81 -5.70 1.42
C SER C 264 26.32 -5.56 1.14
N GLY C 265 26.67 -5.51 -0.14
CA GLY C 265 28.04 -5.26 -0.57
C GLY C 265 28.80 -6.54 -0.84
N THR C 266 30.10 -6.54 -0.52
CA THR C 266 30.90 -7.75 -0.56
C THR C 266 30.45 -8.64 0.60
N ARG C 267 29.89 -9.81 0.28
CA ARG C 267 29.22 -10.62 1.30
C ARG C 267 29.95 -11.92 1.60
N ASN C 268 31.27 -11.81 1.72
CA ASN C 268 32.10 -12.91 2.14
C ASN C 268 33.27 -12.40 3.00
N PHE C 269 34.16 -13.30 3.43
CA PHE C 269 35.35 -12.87 4.15
C PHE C 269 36.66 -13.12 3.37
N ASP C 270 36.54 -13.18 2.05
CA ASP C 270 37.70 -13.47 1.19
C ASP C 270 38.85 -12.46 1.28
N GLY C 271 40.05 -13.00 1.48
CA GLY C 271 41.24 -12.17 1.63
C GLY C 271 41.16 -11.34 2.90
N GLY C 272 40.21 -11.70 3.75
CA GLY C 272 40.07 -11.08 5.05
C GLY C 272 39.28 -9.79 5.09
N VAL C 273 38.47 -9.53 4.07
CA VAL C 273 37.56 -8.38 4.14
C VAL C 273 36.48 -8.63 5.22
N ASN C 274 35.90 -7.56 5.74
CA ASN C 274 34.88 -7.64 6.76
C ASN C 274 35.35 -8.34 8.01
N SER C 275 36.66 -8.32 8.23
CA SER C 275 37.23 -9.04 9.36
C SER C 275 38.11 -8.14 10.20
N ALA C 276 38.37 -8.58 11.43
CA ALA C 276 39.48 -8.06 12.21
C ALA C 276 40.10 -9.22 12.98
N ILE C 277 41.04 -8.94 13.87
CA ILE C 277 41.75 -9.99 14.57
C ILE C 277 41.58 -9.90 16.06
N LEU C 278 41.04 -10.95 16.67
CA LEU C 278 41.10 -11.08 18.13
C LEU C 278 42.41 -11.76 18.46
N ARG C 279 43.28 -11.07 19.18
CA ARG C 279 44.61 -11.61 19.39
C ARG C 279 44.93 -11.74 20.87
N TYR C 280 45.16 -12.98 21.30
CA TYR C 280 45.58 -13.25 22.66
C TYR C 280 46.99 -12.76 22.89
N ASP C 281 47.22 -12.11 24.03
CA ASP C 281 48.56 -11.64 24.35
C ASP C 281 49.52 -12.82 24.35
N GLY C 282 50.57 -12.72 23.54
CA GLY C 282 51.56 -13.78 23.46
C GLY C 282 51.50 -14.57 22.17
N ALA C 283 50.44 -14.32 21.39
CA ALA C 283 50.24 -14.98 20.10
C ALA C 283 51.05 -14.30 18.98
N ALA C 284 51.19 -15.01 17.86
CA ALA C 284 51.99 -14.55 16.73
C ALA C 284 51.35 -13.35 16.01
N PRO C 285 52.18 -12.43 15.51
CA PRO C 285 51.63 -11.26 14.82
C PRO C 285 51.31 -11.63 13.36
N VAL C 286 50.30 -12.46 13.18
CA VAL C 286 49.90 -12.91 11.86
C VAL C 286 48.39 -12.92 11.81
N GLU C 287 47.84 -13.21 10.64
CA GLU C 287 46.40 -13.33 10.49
C GLU C 287 45.94 -14.66 11.07
N PRO C 288 44.70 -14.71 11.57
CA PRO C 288 44.21 -15.99 12.09
C PRO C 288 44.06 -17.06 11.02
N THR C 289 43.95 -18.31 11.46
CA THR C 289 43.70 -19.43 10.58
C THR C 289 42.44 -20.17 11.05
N THR C 290 41.81 -19.65 12.10
CA THR C 290 40.59 -20.23 12.61
C THR C 290 39.54 -20.18 11.53
N THR C 291 38.62 -21.14 11.60
CA THR C 291 37.57 -21.23 10.62
C THR C 291 36.21 -21.00 11.26
N GLN C 292 35.28 -20.54 10.45
CA GLN C 292 33.95 -20.20 10.91
C GLN C 292 33.10 -21.45 11.10
N THR C 293 32.15 -21.37 12.01
CA THR C 293 31.17 -22.42 12.19
C THR C 293 29.81 -21.75 12.23
N PRO C 294 28.83 -22.39 11.59
CA PRO C 294 27.40 -22.12 11.72
C PRO C 294 27.05 -21.54 13.08
N SER C 295 26.16 -20.56 13.08
CA SER C 295 25.67 -19.97 14.31
C SER C 295 24.47 -20.81 14.75
N THR C 296 24.63 -21.53 15.85
CA THR C 296 23.54 -22.37 16.35
C THR C 296 22.58 -21.57 17.22
N GLN C 297 23.05 -20.45 17.77
CA GLN C 297 22.27 -19.67 18.71
C GLN C 297 22.48 -18.17 18.51
N PRO C 298 22.03 -17.66 17.36
CA PRO C 298 22.11 -16.22 17.12
C PRO C 298 21.33 -15.47 18.19
N LEU C 299 21.68 -14.20 18.39
CA LEU C 299 20.85 -13.34 19.21
C LEU C 299 19.47 -13.20 18.54
N VAL C 300 18.43 -13.11 19.38
CA VAL C 300 17.06 -12.95 18.90
C VAL C 300 16.37 -11.91 19.79
N GLU C 301 15.98 -10.79 19.19
CA GLU C 301 15.56 -9.62 19.96
C GLU C 301 14.41 -9.90 20.94
N SER C 302 13.45 -10.71 20.53
CA SER C 302 12.31 -11.01 21.39
C SER C 302 12.68 -11.85 22.63
N ALA C 303 13.88 -12.43 22.65
CA ALA C 303 14.31 -13.30 23.73
C ALA C 303 15.03 -12.54 24.85
N LEU C 304 15.40 -11.30 24.55
CA LEU C 304 16.06 -10.42 25.49
C LEU C 304 15.05 -9.77 26.42
N THR C 305 15.50 -9.36 27.61
CA THR C 305 14.66 -8.67 28.59
C THR C 305 15.54 -7.73 29.37
N THR C 306 14.97 -6.60 29.79
CA THR C 306 15.69 -5.66 30.65
C THR C 306 16.06 -6.40 31.92
N LEU C 307 17.12 -5.93 32.56
CA LEU C 307 17.61 -6.52 33.80
C LEU C 307 16.50 -6.59 34.86
N GLU C 308 15.71 -5.53 34.96
CA GLU C 308 14.65 -5.45 35.95
C GLU C 308 13.26 -5.92 35.49
N GLY C 309 13.20 -6.65 34.37
CA GLY C 309 11.94 -7.23 33.89
C GLY C 309 10.77 -6.27 33.75
N THR C 310 11.06 -4.97 33.80
CA THR C 310 10.14 -3.86 33.48
C THR C 310 9.05 -4.14 32.44
N ALA C 311 7.81 -3.83 32.83
CA ALA C 311 6.68 -3.97 31.93
C ALA C 311 6.61 -2.84 30.92
N ALA C 312 6.03 -3.12 29.76
CA ALA C 312 5.74 -2.09 28.77
C ALA C 312 4.69 -1.08 29.26
N PRO C 313 4.84 0.19 28.85
CA PRO C 313 3.90 1.26 29.18
C PRO C 313 2.48 0.89 28.77
N GLY C 314 1.51 1.45 29.47
CA GLY C 314 0.11 1.27 29.15
C GLY C 314 -0.42 -0.08 29.60
N ASN C 315 -1.46 -0.56 28.92
CA ASN C 315 -2.09 -1.84 29.25
C ASN C 315 -1.80 -2.91 28.21
N PRO C 316 -1.95 -4.19 28.60
CA PRO C 316 -1.56 -5.32 27.77
C PRO C 316 -2.59 -5.77 26.75
N THR C 317 -3.37 -4.87 26.17
CA THR C 317 -4.16 -5.23 25.00
C THR C 317 -3.64 -4.39 23.84
N PRO C 318 -4.01 -4.77 22.60
CA PRO C 318 -3.59 -4.00 21.42
C PRO C 318 -3.86 -2.50 21.61
N GLY C 319 -4.96 -2.17 22.28
CA GLY C 319 -5.34 -0.78 22.47
C GLY C 319 -4.86 -0.09 23.75
N GLY C 320 -4.25 -0.86 24.65
CA GLY C 320 -3.93 -0.38 25.99
C GLY C 320 -2.97 0.79 26.17
N VAL C 321 -3.12 1.82 25.36
CA VAL C 321 -2.34 3.06 25.53
C VAL C 321 -3.29 4.25 25.41
N ASP C 322 -2.78 5.47 25.64
CA ASP C 322 -3.61 6.67 25.46
C ASP C 322 -3.66 7.10 24.00
N LEU C 323 -2.60 6.81 23.25
CA LEU C 323 -2.54 7.16 21.83
C LEU C 323 -1.79 6.09 21.01
N ALA C 324 -2.36 5.72 19.87
CA ALA C 324 -1.72 4.78 18.96
C ALA C 324 -1.48 5.43 17.60
N LEU C 325 -0.22 5.47 17.16
CA LEU C 325 0.07 5.91 15.82
C LEU C 325 0.61 4.74 15.02
N ASN C 326 0.07 4.56 13.81
CA ASN C 326 0.62 3.66 12.81
C ASN C 326 1.45 4.43 11.77
N MET C 327 2.64 3.93 11.44
CA MET C 327 3.43 4.50 10.36
C MET C 327 3.39 3.63 9.09
N ALA C 328 2.58 4.03 8.11
CA ALA C 328 2.50 3.34 6.81
C ALA C 328 3.66 3.77 5.88
N PHE C 329 4.52 2.83 5.51
CA PHE C 329 5.70 3.15 4.67
C PHE C 329 5.34 3.19 3.19
N GLY C 330 6.04 4.02 2.43
CA GLY C 330 5.83 4.12 1.00
C GLY C 330 7.06 4.67 0.30
N PHE C 331 6.95 4.86 -1.01
CA PHE C 331 8.10 5.31 -1.81
C PHE C 331 7.72 5.56 -3.26
N ALA C 332 7.73 6.83 -3.65
CA ALA C 332 7.50 7.20 -5.03
C ALA C 332 8.54 8.23 -5.46
N GLY C 333 9.26 7.92 -6.53
CA GLY C 333 10.13 8.88 -7.18
C GLY C 333 11.32 9.31 -6.35
N GLY C 334 12.11 8.33 -5.95
CA GLY C 334 13.31 8.59 -5.17
C GLY C 334 13.02 9.30 -3.86
N ARG C 335 11.87 9.02 -3.27
CA ARG C 335 11.48 9.58 -1.98
C ARG C 335 10.77 8.55 -1.12
N PHE C 336 11.14 8.47 0.15
CA PHE C 336 10.36 7.68 1.11
C PHE C 336 9.23 8.54 1.69
N THR C 337 8.10 7.91 1.97
CA THR C 337 7.00 8.62 2.59
C THR C 337 6.51 7.83 3.79
N ILE C 338 6.16 8.56 4.85
CA ILE C 338 5.40 7.96 5.95
C ILE C 338 3.99 8.57 6.02
N ASN C 339 3.00 7.71 5.85
CA ASN C 339 1.60 8.13 5.91
C ASN C 339 1.22 9.13 4.83
N GLY C 340 1.95 9.09 3.71
CA GLY C 340 1.71 9.98 2.59
C GLY C 340 2.61 11.21 2.54
N ALA C 341 3.39 11.43 3.59
CA ALA C 341 4.35 12.53 3.61
C ALA C 341 5.81 12.08 3.52
N SER C 342 6.62 12.87 2.83
CA SER C 342 8.05 12.68 2.77
C SER C 342 8.71 13.88 3.44
N PHE C 343 9.50 13.61 4.49
CA PHE C 343 10.08 14.70 5.26
C PHE C 343 11.08 15.55 4.47
N THR C 344 11.04 16.85 4.74
CA THR C 344 11.98 17.80 4.17
C THR C 344 12.31 18.81 5.27
N PRO C 345 13.59 19.00 5.56
CA PRO C 345 13.95 19.96 6.59
C PRO C 345 13.36 21.32 6.23
N PRO C 346 12.68 21.97 7.20
CA PRO C 346 12.12 23.32 7.08
C PRO C 346 13.20 24.40 7.15
N THR C 347 12.83 25.67 6.90
CA THR C 347 13.80 26.76 6.97
C THR C 347 13.99 27.23 8.39
N VAL C 348 12.88 27.37 9.12
CA VAL C 348 12.95 27.49 10.56
C VAL C 348 12.87 26.09 11.17
N PRO C 349 13.90 25.71 11.93
CA PRO C 349 13.94 24.42 12.63
C PRO C 349 12.69 24.30 13.49
N VAL C 350 12.14 23.08 13.59
CA VAL C 350 10.89 22.81 14.30
C VAL C 350 10.82 23.46 15.69
N LEU C 351 11.93 23.42 16.42
CA LEU C 351 11.96 23.94 17.79
C LEU C 351 11.81 25.46 17.81
N LEU C 352 12.27 26.13 16.74
CA LEU C 352 12.14 27.58 16.65
C LEU C 352 10.71 27.99 16.24
N GLN C 353 10.05 27.12 15.48
CA GLN C 353 8.65 27.34 15.14
C GLN C 353 7.80 27.34 16.40
N ILE C 354 8.19 26.50 17.36
CA ILE C 354 7.42 26.34 18.60
C ILE C 354 7.66 27.45 19.61
N LEU C 355 8.91 27.88 19.75
CA LEU C 355 9.24 28.97 20.66
C LEU C 355 8.75 30.29 20.09
N SER C 356 8.43 30.27 18.79
CA SER C 356 7.90 31.43 18.08
C SER C 356 6.38 31.41 17.96
N GLY C 357 5.73 30.40 18.52
CA GLY C 357 4.27 30.36 18.57
C GLY C 357 3.54 29.31 17.75
N ALA C 358 4.01 28.07 17.83
CA ALA C 358 3.27 26.94 17.26
C ALA C 358 2.46 26.26 18.38
N GLN C 359 1.25 25.83 18.08
CA GLN C 359 0.41 25.12 19.06
C GLN C 359 -0.07 23.72 18.63
N SER C 360 0.18 23.35 17.38
CA SER C 360 -0.26 22.04 16.89
C SER C 360 0.61 21.47 15.77
N ALA C 361 0.27 20.26 15.34
CA ALA C 361 0.99 19.60 14.25
C ALA C 361 0.76 20.34 12.93
N GLN C 362 -0.34 21.08 12.87
CA GLN C 362 -0.80 21.73 11.63
C GLN C 362 -0.05 23.03 11.34
N ASP C 363 0.30 23.75 12.40
CA ASP C 363 1.03 25.00 12.26
C ASP C 363 2.51 24.78 12.26
N LEU C 364 2.91 23.50 12.29
CA LEU C 364 4.31 23.12 12.24
C LEU C 364 4.71 22.50 10.90
N LEU C 365 5.73 23.09 10.28
CA LEU C 365 6.28 22.57 9.04
C LEU C 365 7.48 21.64 9.29
N PRO C 366 7.74 20.72 8.37
CA PRO C 366 6.89 20.54 7.19
C PRO C 366 5.59 19.84 7.56
N SER C 367 4.47 20.31 7.00
CA SER C 367 3.16 19.73 7.31
C SER C 367 3.03 18.31 6.79
N GLY C 368 2.29 17.48 7.52
CA GLY C 368 2.15 16.08 7.18
C GLY C 368 3.27 15.25 7.76
N SER C 369 4.29 15.91 8.31
CA SER C 369 5.42 15.20 8.91
C SER C 369 5.48 15.35 10.43
N VAL C 370 4.51 16.05 11.00
CA VAL C 370 4.57 16.38 12.44
C VAL C 370 3.39 15.80 13.23
N TYR C 371 3.69 15.25 14.39
CA TYR C 371 2.67 14.62 15.22
C TYR C 371 2.71 15.19 16.61
N SER C 372 1.63 15.83 17.04
CA SER C 372 1.58 16.29 18.41
C SER C 372 1.15 15.19 19.38
N LEU C 373 1.82 15.13 20.52
CA LEU C 373 1.54 14.13 21.54
C LEU C 373 1.16 14.89 22.81
N PRO C 374 0.26 14.30 23.61
CA PRO C 374 -0.03 14.88 24.93
C PRO C 374 1.07 14.51 25.93
N ALA C 375 1.11 15.18 27.08
CA ALA C 375 2.07 14.82 28.12
C ALA C 375 1.51 13.75 29.04
N ASN C 376 2.41 13.03 29.71
CA ASN C 376 2.06 11.87 30.55
C ASN C 376 1.03 10.94 29.92
N ALA C 377 1.25 10.64 28.64
CA ALA C 377 0.42 9.67 27.93
C ALA C 377 1.27 8.45 27.59
N ASP C 378 0.60 7.31 27.42
CA ASP C 378 1.29 6.14 26.94
C ASP C 378 1.11 6.12 25.43
N ILE C 379 2.20 5.94 24.72
CA ILE C 379 2.13 5.95 23.28
C ILE C 379 2.54 4.60 22.73
N GLU C 380 1.79 4.13 21.74
CA GLU C 380 2.16 2.96 20.97
C GLU C 380 2.44 3.36 19.52
N ILE C 381 3.63 3.07 19.04
CA ILE C 381 3.90 3.22 17.63
C ILE C 381 4.24 1.86 17.01
N SER C 382 3.59 1.54 15.90
CA SER C 382 3.95 0.33 15.16
C SER C 382 4.36 0.70 13.73
N LEU C 383 5.45 0.10 13.26
CA LEU C 383 5.97 0.41 11.94
C LEU C 383 6.01 -0.81 11.00
N PRO C 384 4.83 -1.20 10.47
CA PRO C 384 4.74 -2.43 9.68
C PRO C 384 5.65 -2.41 8.44
N ALA C 385 6.33 -3.51 8.21
CA ALA C 385 7.25 -3.63 7.09
C ALA C 385 6.49 -3.90 5.78
N THR C 386 6.99 -3.29 4.70
CA THR C 386 6.41 -3.50 3.37
C THR C 386 7.47 -3.46 2.28
N SER C 387 7.20 -4.18 1.19
CA SER C 387 8.10 -4.17 0.04
C SER C 387 8.11 -2.81 -0.64
N ALA C 388 7.13 -1.97 -0.31
CA ALA C 388 6.97 -0.66 -0.96
C ALA C 388 8.08 0.30 -0.54
N ALA C 389 8.63 0.06 0.65
CA ALA C 389 9.83 0.73 1.09
C ALA C 389 11.03 -0.19 0.83
N PRO C 390 11.69 0.00 -0.31
CA PRO C 390 12.89 -0.79 -0.59
C PRO C 390 14.04 -0.48 0.36
N GLY C 391 14.99 -1.40 0.46
CA GLY C 391 16.13 -1.22 1.34
C GLY C 391 15.93 -1.74 2.76
N PHE C 392 14.80 -2.39 3.00
CA PHE C 392 14.56 -3.01 4.30
C PHE C 392 15.66 -4.03 4.60
N PRO C 393 15.89 -4.32 5.88
CA PRO C 393 15.12 -3.80 7.01
C PRO C 393 15.53 -2.40 7.44
N HIS C 394 14.55 -1.51 7.56
CA HIS C 394 14.82 -0.15 8.04
C HIS C 394 14.90 -0.10 9.56
N PRO C 395 16.09 0.25 10.08
CA PRO C 395 16.30 0.44 11.52
C PRO C 395 15.86 1.84 11.95
N PHE C 396 14.71 1.92 12.61
CA PHE C 396 14.12 3.19 13.03
C PHE C 396 14.62 3.57 14.41
N HIS C 397 14.52 4.86 14.72
CA HIS C 397 15.09 5.36 15.95
C HIS C 397 14.30 6.57 16.46
N LEU C 398 14.18 6.67 17.77
CA LEU C 398 13.43 7.74 18.38
C LEU C 398 14.32 8.52 19.32
N HIS C 399 14.52 9.79 18.98
CA HIS C 399 15.23 10.73 19.79
C HIS C 399 14.48 10.96 21.11
N GLY C 400 15.22 11.14 22.20
CA GLY C 400 14.67 11.59 23.46
C GLY C 400 13.98 10.52 24.31
N HIS C 401 13.95 9.28 23.83
CA HIS C 401 13.37 8.24 24.63
C HIS C 401 14.06 6.92 24.45
N THR C 402 13.76 6.00 25.34
CA THR C 402 13.97 4.59 25.10
C THR C 402 12.56 4.10 25.00
N PHE C 403 12.37 3.03 24.27
CA PHE C 403 11.02 2.48 24.15
C PHE C 403 11.06 0.99 24.45
N ALA C 404 9.89 0.43 24.75
CA ALA C 404 9.74 -1.02 24.86
C ALA C 404 9.46 -1.63 23.48
N VAL C 405 10.25 -2.62 23.09
CA VAL C 405 9.94 -3.35 21.88
C VAL C 405 8.93 -4.45 22.21
N VAL C 406 7.65 -4.08 22.10
CA VAL C 406 6.52 -4.92 22.46
C VAL C 406 6.32 -6.04 21.44
N ARG C 407 6.84 -5.83 20.23
CA ARG C 407 6.80 -6.86 19.22
C ARG C 407 7.92 -6.68 18.20
N SER C 408 8.92 -7.55 18.25
CA SER C 408 10.09 -7.44 17.37
C SER C 408 9.91 -8.15 16.02
N ALA C 409 10.79 -7.85 15.08
CA ALA C 409 10.78 -8.46 13.75
C ALA C 409 10.98 -9.96 13.83
N GLY C 410 10.39 -10.68 12.87
CA GLY C 410 10.50 -12.11 12.79
C GLY C 410 9.74 -12.82 13.90
N SER C 411 8.99 -12.04 14.67
CA SER C 411 8.15 -12.57 15.73
C SER C 411 6.72 -12.12 15.47
N SER C 412 5.77 -12.92 15.93
CA SER C 412 4.36 -12.52 15.90
C SER C 412 3.82 -12.40 17.34
N THR C 413 4.71 -12.58 18.31
CA THR C 413 4.34 -12.51 19.71
C THR C 413 4.29 -11.07 20.24
N TYR C 414 3.27 -10.79 21.06
CA TYR C 414 3.22 -9.52 21.79
C TYR C 414 3.64 -9.72 23.25
N ASN C 415 4.61 -8.91 23.68
CA ASN C 415 5.17 -8.99 25.03
C ASN C 415 5.03 -7.67 25.79
N TYR C 416 4.01 -7.57 26.64
CA TYR C 416 3.82 -6.34 27.42
C TYR C 416 4.45 -6.45 28.81
N ALA C 417 4.90 -7.66 29.15
CA ALA C 417 5.29 -7.98 30.52
C ALA C 417 6.77 -7.75 30.80
N ASN C 418 7.61 -8.16 29.85
CA ASN C 418 9.05 -7.91 29.94
C ASN C 418 9.73 -7.82 28.57
N PRO C 419 9.27 -6.86 27.76
CA PRO C 419 9.91 -6.58 26.48
C PRO C 419 11.29 -5.97 26.72
N VAL C 420 12.23 -6.24 25.83
CA VAL C 420 13.51 -5.52 25.83
C VAL C 420 13.20 -4.03 25.63
N TYR C 421 14.00 -3.17 26.25
CA TYR C 421 13.93 -1.76 25.94
C TYR C 421 15.16 -1.43 25.12
N ARG C 422 15.00 -0.50 24.16
CA ARG C 422 16.14 0.08 23.44
C ARG C 422 15.79 1.42 22.77
N ASP C 423 16.65 1.90 21.87
CA ASP C 423 16.35 3.15 21.16
C ASP C 423 16.48 3.06 19.63
N VAL C 424 16.84 1.88 19.12
CA VAL C 424 16.92 1.63 17.68
C VAL C 424 16.45 0.22 17.36
N VAL C 425 15.51 0.10 16.43
CA VAL C 425 14.88 -1.18 16.17
C VAL C 425 14.73 -1.48 14.67
N SER C 426 15.12 -2.70 14.30
CA SER C 426 14.88 -3.19 12.96
C SER C 426 13.38 -3.32 12.72
N THR C 427 12.87 -2.71 11.66
CA THR C 427 11.45 -2.85 11.40
C THR C 427 11.17 -4.01 10.46
N GLY C 428 12.18 -4.81 10.17
CA GLY C 428 11.96 -6.09 9.50
C GLY C 428 11.72 -6.14 8.00
N SER C 429 11.30 -7.33 7.56
CA SER C 429 10.89 -7.57 6.18
C SER C 429 9.37 -7.77 6.12
N PRO C 430 8.80 -7.83 4.92
CA PRO C 430 7.33 -7.89 4.72
C PRO C 430 6.62 -8.96 5.55
N GLY C 431 5.62 -8.53 6.31
CA GLY C 431 4.87 -9.42 7.18
C GLY C 431 5.16 -9.08 8.63
N ASP C 432 6.30 -8.46 8.87
CA ASP C 432 6.63 -7.99 10.20
C ASP C 432 5.70 -6.87 10.61
N ASN C 433 5.41 -6.79 11.91
CA ASN C 433 4.81 -5.58 12.44
C ASN C 433 5.35 -5.14 13.79
N VAL C 434 6.61 -4.72 13.79
CA VAL C 434 7.26 -4.22 14.98
C VAL C 434 6.48 -3.06 15.59
N THR C 435 6.36 -3.10 16.92
CA THR C 435 5.56 -2.16 17.68
C THR C 435 6.34 -1.70 18.91
N ILE C 436 6.30 -0.41 19.18
CA ILE C 436 6.97 0.12 20.36
C ILE C 436 6.02 0.96 21.20
N ARG C 437 6.33 1.07 22.48
CA ARG C 437 5.53 1.87 23.40
C ARG C 437 6.43 2.76 24.24
N PHE C 438 5.89 3.86 24.71
CA PHE C 438 6.63 4.73 25.61
C PHE C 438 5.73 5.77 26.25
N ARG C 439 6.24 6.41 27.30
CA ARG C 439 5.53 7.50 27.97
C ARG C 439 6.10 8.86 27.63
N THR C 440 5.24 9.79 27.24
CA THR C 440 5.68 11.13 26.88
C THR C 440 5.99 11.99 28.10
N ASP C 441 7.27 12.08 28.43
CA ASP C 441 7.69 12.82 29.61
C ASP C 441 8.85 13.77 29.27
N ASN C 442 8.85 14.28 28.05
CA ASN C 442 9.97 15.10 27.59
C ASN C 442 9.51 16.11 26.54
N PRO C 443 9.00 17.26 27.01
CA PRO C 443 8.47 18.28 26.08
C PRO C 443 9.53 18.78 25.11
N GLY C 444 9.19 18.81 23.84
CA GLY C 444 10.07 19.26 22.79
C GLY C 444 9.85 18.41 21.55
N PRO C 445 10.34 18.87 20.39
CA PRO C 445 10.29 18.18 19.10
C PRO C 445 11.31 17.05 19.01
N TRP C 446 10.87 15.85 18.64
CA TRP C 446 11.75 14.67 18.64
C TRP C 446 11.73 13.91 17.30
N PHE C 447 12.89 13.73 16.68
CA PHE C 447 12.95 12.99 15.40
C PHE C 447 12.53 11.52 15.52
N LEU C 448 11.81 11.03 14.51
CA LEU C 448 11.56 9.60 14.37
C LEU C 448 11.84 9.17 12.91
N HIS C 449 12.73 8.20 12.74
CA HIS C 449 13.21 7.91 11.39
C HIS C 449 14.15 6.72 11.27
N CYS C 450 14.45 6.42 10.01
CA CYS C 450 15.31 5.32 9.66
C CYS C 450 16.74 5.81 9.72
N HIS C 451 17.60 5.00 10.32
CA HIS C 451 18.95 5.41 10.56
C HIS C 451 19.86 5.05 9.42
N ILE C 452 19.31 4.39 8.40
CA ILE C 452 20.02 4.30 7.14
C ILE C 452 20.04 5.73 6.57
N ASP C 453 21.20 6.36 6.65
CA ASP C 453 21.27 7.81 6.51
C ASP C 453 20.97 8.28 5.09
N PHE C 454 21.22 7.42 4.11
CA PHE C 454 20.85 7.74 2.74
C PHE C 454 19.32 7.74 2.59
N HIS C 455 18.63 7.00 3.45
CA HIS C 455 17.17 6.94 3.43
C HIS C 455 16.55 8.16 4.11
N LEU C 456 17.27 8.74 5.07
CA LEU C 456 16.80 9.91 5.83
C LEU C 456 16.93 11.14 4.96
N GLU C 457 17.87 11.08 4.02
CA GLU C 457 18.05 12.14 3.06
C GLU C 457 16.82 12.12 2.13
N ALA C 458 16.28 10.93 1.92
CA ALA C 458 15.17 10.77 0.99
C ALA C 458 13.80 10.91 1.69
N GLY C 459 13.84 11.44 2.92
CA GLY C 459 12.64 11.88 3.60
C GLY C 459 12.00 10.87 4.54
N PHE C 460 12.64 9.72 4.72
CA PHE C 460 12.11 8.66 5.57
C PHE C 460 12.10 9.06 7.04
N ALA C 461 11.31 10.07 7.38
CA ALA C 461 11.28 10.54 8.76
C ALA C 461 10.01 11.33 9.08
N VAL C 462 9.69 11.38 10.37
CA VAL C 462 8.69 12.32 10.87
C VAL C 462 9.16 12.93 12.17
N VAL C 463 8.41 13.90 12.66
CA VAL C 463 8.70 14.56 13.92
C VAL C 463 7.65 14.26 15.01
N MET C 464 8.10 14.19 16.25
CA MET C 464 7.19 14.04 17.39
C MET C 464 7.27 15.31 18.20
N ALA C 465 6.33 16.21 17.99
CA ALA C 465 6.30 17.45 18.75
C ALA C 465 5.48 17.17 19.99
N GLU C 466 6.17 17.01 21.11
CA GLU C 466 5.59 16.39 22.28
C GLU C 466 5.29 17.41 23.38
N ASP C 467 4.06 17.42 23.87
CA ASP C 467 3.71 18.29 24.97
C ASP C 467 4.05 19.75 24.62
N ILE C 468 3.76 20.11 23.37
CA ILE C 468 4.09 21.41 22.80
C ILE C 468 3.92 22.61 23.73
N PRO C 469 2.78 22.70 24.44
CA PRO C 469 2.54 23.81 25.36
C PRO C 469 3.59 23.97 26.46
N GLU C 470 4.48 22.98 26.63
CA GLU C 470 5.50 23.11 27.67
C GLU C 470 6.91 23.25 27.12
N VAL C 471 7.05 23.08 25.80
CA VAL C 471 8.34 23.13 25.13
C VAL C 471 9.20 24.32 25.54
N ALA C 472 8.60 25.51 25.54
CA ALA C 472 9.31 26.74 25.88
C ALA C 472 9.65 26.79 27.36
N ALA C 473 8.77 26.23 28.19
CA ALA C 473 8.98 26.19 29.62
C ALA C 473 10.13 25.28 30.00
N THR C 474 10.20 24.11 29.34
CA THR C 474 11.14 23.06 29.74
C THR C 474 12.53 23.19 29.10
N ASN C 475 12.63 23.95 28.02
CA ASN C 475 13.93 24.16 27.37
C ASN C 475 14.27 25.63 27.24
N PRO C 476 14.75 26.24 28.33
CA PRO C 476 15.37 27.56 28.20
C PRO C 476 16.51 27.45 27.19
N VAL C 477 16.55 28.35 26.22
CA VAL C 477 17.62 28.35 25.22
C VAL C 477 18.72 29.35 25.59
N PRO C 478 19.98 29.03 25.25
CA PRO C 478 21.14 29.90 25.44
C PRO C 478 21.42 30.76 24.20
N GLN C 479 21.91 31.97 24.39
CA GLN C 479 22.07 32.93 23.27
C GLN C 479 22.78 32.36 22.02
N ALA C 480 23.82 31.56 22.23
CA ALA C 480 24.58 30.97 21.12
C ALA C 480 23.68 30.21 20.13
N TRP C 481 22.60 29.64 20.67
CA TRP C 481 21.63 28.85 19.91
C TRP C 481 20.69 29.76 19.09
N SER C 482 20.27 30.86 19.69
CA SER C 482 19.48 31.85 18.98
C SER C 482 20.29 32.45 17.84
N ASP C 483 21.57 32.70 18.10
CA ASP C 483 22.44 33.32 17.09
C ASP C 483 22.80 32.38 15.95
N LEU C 484 22.45 31.11 16.11
CA LEU C 484 22.76 30.11 15.08
C LEU C 484 22.12 30.43 13.73
N CYS C 485 20.79 30.50 13.70
CA CYS C 485 20.05 30.70 12.43
C CYS C 485 20.42 31.94 11.59
N PRO C 486 20.58 33.11 12.24
CA PRO C 486 21.01 34.31 11.50
C PRO C 486 22.33 34.09 10.77
N THR C 487 23.32 33.61 11.52
CA THR C 487 24.65 33.32 10.97
C THR C 487 24.62 32.39 9.76
N TYR C 488 23.74 31.40 9.80
CA TYR C 488 23.63 30.39 8.73
C TYR C 488 22.87 30.89 7.52
N ASP C 489 21.92 31.79 7.72
CA ASP C 489 21.20 32.34 6.58
C ASP C 489 22.04 33.39 5.82
N ALA C 490 22.91 34.09 6.52
CA ALA C 490 23.78 35.08 5.89
C ALA C 490 24.93 34.47 5.07
N LEU C 491 24.93 33.16 4.90
CA LEU C 491 25.99 32.49 4.14
C LEU C 491 25.52 32.06 2.75
N SER C 492 26.45 32.00 1.81
CA SER C 492 26.14 31.67 0.42
C SER C 492 25.82 30.17 0.21
N PRO C 493 25.15 29.84 -0.91
CA PRO C 493 24.70 28.48 -1.20
C PRO C 493 25.82 27.44 -1.17
N ASP C 494 26.97 27.79 -1.76
CA ASP C 494 28.12 26.90 -1.74
C ASP C 494 29.12 27.26 -0.64
N ASP C 495 28.60 27.86 0.43
CA ASP C 495 29.36 28.09 1.66
C ASP C 495 28.71 27.34 2.82
N GLN C 496 27.92 26.33 2.47
CA GLN C 496 27.26 25.48 3.46
C GLN C 496 27.72 24.04 3.27
#